data_2YRU
#
_entry.id   2YRU
#
_entity_poly.entity_id   1
_entity_poly.type   'polypeptide(L)'
_entity_poly.pdbx_seq_one_letter_code
;GSSGSSGVIESETLIEDVLRPLEQALEDCHGHTKKQVCDDISRRLALLREQWAGGKLSIPVKKRMALLVQELLHHQWDAA
DDIHRSLMVDHVTEVSQWMVGVKRLIAEKKSLSGPSSG
;
_entity_poly.pdbx_strand_id   A
#
# COMPACT_ATOMS: atom_id res chain seq x y z
N GLY A 1 1.70 32.78 -7.31
CA GLY A 1 1.10 31.60 -7.90
C GLY A 1 1.85 30.34 -7.49
N SER A 2 1.72 29.31 -8.32
CA SER A 2 2.38 28.05 -8.07
C SER A 2 2.68 27.33 -9.39
N SER A 3 1.61 27.08 -10.14
CA SER A 3 1.74 26.41 -11.42
C SER A 3 2.62 25.16 -11.27
N GLY A 4 1.98 24.08 -10.85
CA GLY A 4 2.69 22.82 -10.67
C GLY A 4 3.42 22.42 -11.94
N SER A 5 2.70 21.76 -12.82
CA SER A 5 3.26 21.31 -14.09
C SER A 5 4.46 20.38 -13.82
N SER A 6 4.13 19.10 -13.65
CA SER A 6 5.16 18.11 -13.40
C SER A 6 4.82 16.80 -14.12
N GLY A 7 5.84 16.25 -14.77
CA GLY A 7 5.65 15.01 -15.51
C GLY A 7 6.93 14.15 -15.45
N VAL A 8 6.73 12.84 -15.54
CA VAL A 8 7.85 11.91 -15.50
C VAL A 8 7.46 10.63 -16.24
N ILE A 9 8.29 10.26 -17.20
CA ILE A 9 8.05 9.06 -17.98
C ILE A 9 9.34 8.25 -18.07
N GLU A 10 9.60 7.49 -17.01
CA GLU A 10 10.79 6.65 -16.97
C GLU A 10 10.50 5.34 -16.26
N SER A 11 11.37 4.37 -16.48
CA SER A 11 11.21 3.06 -15.87
C SER A 11 11.75 3.08 -14.44
N GLU A 12 10.86 2.78 -13.50
CA GLU A 12 11.23 2.76 -12.09
C GLU A 12 10.24 1.91 -11.30
N THR A 13 10.69 1.48 -10.12
CA THR A 13 9.85 0.67 -9.25
C THR A 13 9.42 -0.61 -9.98
N LEU A 14 9.08 -1.62 -9.19
CA LEU A 14 8.65 -2.89 -9.74
C LEU A 14 7.43 -3.38 -8.96
N ILE A 15 6.57 -4.10 -9.68
CA ILE A 15 5.36 -4.63 -9.07
C ILE A 15 5.75 -5.51 -7.87
N GLU A 16 6.76 -6.34 -8.08
CA GLU A 16 7.23 -7.23 -7.04
C GLU A 16 7.93 -6.43 -5.94
N ASP A 17 8.13 -5.15 -6.22
CA ASP A 17 8.79 -4.27 -5.27
C ASP A 17 7.74 -3.63 -4.36
N VAL A 18 6.57 -3.40 -4.95
CA VAL A 18 5.48 -2.78 -4.20
C VAL A 18 4.60 -3.89 -3.59
N LEU A 19 4.74 -5.08 -4.14
CA LEU A 19 3.97 -6.22 -3.66
C LEU A 19 4.76 -6.94 -2.56
N ARG A 20 6.07 -7.03 -2.77
CA ARG A 20 6.95 -7.68 -1.83
C ARG A 20 6.53 -7.32 -0.40
N PRO A 21 6.41 -5.99 -0.15
CA PRO A 21 6.03 -5.51 1.17
C PRO A 21 4.53 -5.72 1.42
N LEU A 22 3.73 -5.15 0.54
CA LEU A 22 2.29 -5.28 0.64
C LEU A 22 1.93 -6.73 0.96
N GLU A 23 2.73 -7.63 0.43
CA GLU A 23 2.51 -9.05 0.64
C GLU A 23 3.09 -9.49 1.99
N GLN A 24 4.29 -8.99 2.27
CA GLN A 24 4.96 -9.31 3.51
C GLN A 24 4.07 -8.96 4.71
N ALA A 25 3.21 -7.97 4.49
CA ALA A 25 2.30 -7.54 5.53
C ALA A 25 1.20 -8.58 5.72
N LEU A 26 0.53 -8.89 4.64
CA LEU A 26 -0.55 -9.87 4.67
C LEU A 26 -0.13 -11.04 5.58
N GLU A 27 0.89 -11.76 5.12
CA GLU A 27 1.39 -12.90 5.88
C GLU A 27 1.41 -12.58 7.37
N ASP A 28 1.86 -11.38 7.68
CA ASP A 28 1.93 -10.95 9.07
C ASP A 28 0.52 -10.95 9.68
N CYS A 29 -0.40 -10.34 8.95
CA CYS A 29 -1.78 -10.27 9.40
C CYS A 29 -2.35 -11.68 9.44
N HIS A 30 -2.08 -12.42 8.37
CA HIS A 30 -2.56 -13.79 8.26
C HIS A 30 -2.33 -14.52 9.60
N GLY A 31 -1.22 -14.18 10.24
CA GLY A 31 -0.88 -14.79 11.51
C GLY A 31 -1.14 -13.82 12.66
N HIS A 32 -2.29 -13.16 12.58
CA HIS A 32 -2.68 -12.21 13.62
C HIS A 32 -4.15 -11.81 13.42
N THR A 33 -4.39 -11.11 12.32
CA THR A 33 -5.73 -10.66 12.01
C THR A 33 -6.62 -11.85 11.63
N LYS A 34 -7.92 -11.65 11.78
CA LYS A 34 -8.88 -12.69 11.46
C LYS A 34 -8.59 -13.23 10.06
N LYS A 35 -9.01 -14.47 9.84
CA LYS A 35 -8.81 -15.12 8.55
C LYS A 35 -9.74 -14.49 7.53
N GLN A 36 -10.84 -13.93 8.02
CA GLN A 36 -11.83 -13.30 7.16
C GLN A 36 -11.33 -11.92 6.72
N VAL A 37 -10.90 -11.14 7.70
CA VAL A 37 -10.41 -9.80 7.43
C VAL A 37 -9.15 -9.89 6.56
N CYS A 38 -8.30 -10.83 6.91
CA CYS A 38 -7.06 -11.04 6.17
C CYS A 38 -7.41 -11.54 4.77
N ASP A 39 -8.38 -12.44 4.73
CA ASP A 39 -8.82 -13.00 3.46
C ASP A 39 -9.29 -11.87 2.54
N ASP A 40 -10.01 -10.92 3.13
CA ASP A 40 -10.52 -9.80 2.39
C ASP A 40 -9.35 -9.04 1.76
N ILE A 41 -8.42 -8.63 2.62
CA ILE A 41 -7.25 -7.89 2.17
C ILE A 41 -6.60 -8.65 1.01
N SER A 42 -6.16 -9.86 1.31
CA SER A 42 -5.50 -10.68 0.30
C SER A 42 -6.24 -10.56 -1.03
N ARG A 43 -7.52 -10.92 -1.01
CA ARG A 43 -8.35 -10.84 -2.20
C ARG A 43 -8.09 -9.54 -2.95
N ARG A 44 -8.01 -8.46 -2.19
CA ARG A 44 -7.76 -7.15 -2.77
C ARG A 44 -6.38 -7.11 -3.42
N LEU A 45 -5.42 -7.71 -2.73
CA LEU A 45 -4.05 -7.75 -3.23
C LEU A 45 -4.04 -8.35 -4.63
N ALA A 46 -4.59 -9.56 -4.73
CA ALA A 46 -4.65 -10.24 -6.01
C ALA A 46 -5.02 -9.24 -7.10
N LEU A 47 -5.98 -8.39 -6.79
CA LEU A 47 -6.43 -7.38 -7.73
C LEU A 47 -5.30 -6.38 -7.99
N LEU A 48 -4.82 -5.80 -6.90
CA LEU A 48 -3.75 -4.82 -6.99
C LEU A 48 -2.71 -5.31 -8.00
N ARG A 49 -2.21 -6.52 -7.76
CA ARG A 49 -1.21 -7.11 -8.63
C ARG A 49 -1.75 -7.18 -10.07
N GLU A 50 -2.91 -7.80 -10.20
CA GLU A 50 -3.54 -7.94 -11.51
C GLU A 50 -3.64 -6.59 -12.20
N GLN A 51 -4.23 -5.64 -11.49
CA GLN A 51 -4.39 -4.30 -12.02
C GLN A 51 -3.03 -3.65 -12.26
N TRP A 52 -2.10 -3.95 -11.37
CA TRP A 52 -0.76 -3.40 -11.47
C TRP A 52 -0.10 -4.00 -12.73
N ALA A 53 0.09 -5.31 -12.70
CA ALA A 53 0.69 -6.01 -13.82
C ALA A 53 -0.12 -5.73 -15.09
N GLY A 54 -1.39 -6.06 -15.03
CA GLY A 54 -2.29 -5.86 -16.15
C GLY A 54 -1.95 -4.55 -16.88
N GLY A 55 -1.71 -3.51 -16.09
CA GLY A 55 -1.39 -2.21 -16.65
C GLY A 55 -2.57 -1.25 -16.54
N LYS A 56 -3.48 -1.60 -15.65
CA LYS A 56 -4.66 -0.77 -15.44
C LYS A 56 -4.32 0.40 -14.50
N LEU A 57 -3.14 0.30 -13.91
CA LEU A 57 -2.67 1.33 -12.99
C LEU A 57 -1.81 2.33 -13.75
N SER A 58 -1.82 3.56 -13.26
CA SER A 58 -1.04 4.61 -13.89
C SER A 58 0.39 4.59 -13.36
N ILE A 59 1.29 5.20 -14.13
CA ILE A 59 2.69 5.25 -13.75
C ILE A 59 2.84 6.03 -12.44
N PRO A 60 2.11 7.18 -12.38
CA PRO A 60 2.14 8.02 -11.20
C PRO A 60 1.33 7.40 -10.06
N VAL A 61 0.67 6.31 -10.39
CA VAL A 61 -0.15 5.61 -9.40
C VAL A 61 0.69 4.56 -8.69
N LYS A 62 1.82 4.23 -9.31
CA LYS A 62 2.72 3.24 -8.75
C LYS A 62 3.79 3.94 -7.92
N LYS A 63 4.41 4.94 -8.54
CA LYS A 63 5.46 5.70 -7.88
C LYS A 63 4.91 6.27 -6.57
N ARG A 64 3.62 6.53 -6.56
CA ARG A 64 2.96 7.06 -5.38
C ARG A 64 2.78 5.98 -4.33
N MET A 65 2.38 4.81 -4.80
CA MET A 65 2.17 3.67 -3.91
C MET A 65 3.44 3.34 -3.13
N ALA A 66 4.51 3.08 -3.88
CA ALA A 66 5.78 2.74 -3.28
C ALA A 66 6.00 3.62 -2.04
N LEU A 67 5.65 4.89 -2.19
CA LEU A 67 5.80 5.84 -1.10
C LEU A 67 5.15 5.28 0.16
N LEU A 68 3.84 5.13 0.10
CA LEU A 68 3.09 4.60 1.22
C LEU A 68 3.76 3.33 1.73
N VAL A 69 4.19 2.50 0.78
CA VAL A 69 4.85 1.25 1.12
C VAL A 69 6.12 1.56 1.91
N GLN A 70 7.05 2.24 1.26
CA GLN A 70 8.30 2.60 1.89
C GLN A 70 8.07 3.01 3.35
N GLU A 71 6.99 3.76 3.56
CA GLU A 71 6.65 4.23 4.89
C GLU A 71 6.25 3.04 5.77
N LEU A 72 5.29 2.28 5.28
CA LEU A 72 4.81 1.12 6.01
C LEU A 72 6.01 0.26 6.45
N LEU A 73 7.06 0.33 5.65
CA LEU A 73 8.27 -0.42 5.94
C LEU A 73 8.95 0.17 7.18
N HIS A 74 9.07 1.48 7.17
CA HIS A 74 9.70 2.19 8.28
C HIS A 74 8.72 2.30 9.43
N HIS A 75 7.52 1.79 9.20
CA HIS A 75 6.48 1.83 10.23
C HIS A 75 5.76 3.18 10.17
N GLN A 76 6.20 4.01 9.24
CA GLN A 76 5.60 5.33 9.08
C GLN A 76 4.17 5.20 8.57
N TRP A 77 3.31 4.66 9.42
CA TRP A 77 1.92 4.47 9.06
C TRP A 77 1.32 5.85 8.78
N ASP A 78 1.64 6.80 9.65
CA ASP A 78 1.14 8.15 9.51
C ASP A 78 1.38 8.62 8.07
N ALA A 79 2.54 8.27 7.54
CA ALA A 79 2.90 8.65 6.19
C ALA A 79 2.08 7.81 5.20
N ALA A 80 2.10 6.50 5.41
CA ALA A 80 1.37 5.59 4.55
C ALA A 80 0.00 6.19 4.23
N ASP A 81 -0.72 6.53 5.28
CA ASP A 81 -2.05 7.11 5.12
C ASP A 81 -1.93 8.41 4.32
N ASP A 82 -0.88 9.16 4.61
CA ASP A 82 -0.64 10.42 3.93
C ASP A 82 -0.64 10.18 2.41
N ILE A 83 0.33 9.41 1.97
CA ILE A 83 0.45 9.10 0.55
C ILE A 83 -0.84 8.44 0.07
N HIS A 84 -1.37 7.56 0.91
CA HIS A 84 -2.59 6.86 0.58
C HIS A 84 -3.72 7.87 0.31
N ARG A 85 -3.70 8.94 1.09
CA ARG A 85 -4.71 9.98 0.95
C ARG A 85 -4.54 10.70 -0.39
N SER A 86 -3.30 11.11 -0.65
CA SER A 86 -2.99 11.82 -1.88
C SER A 86 -3.49 11.01 -3.08
N LEU A 87 -3.40 9.70 -2.95
CA LEU A 87 -3.83 8.80 -4.01
C LEU A 87 -5.36 8.78 -4.06
N MET A 88 -5.96 8.78 -2.87
CA MET A 88 -7.40 8.76 -2.77
C MET A 88 -8.01 10.08 -3.24
N VAL A 89 -7.13 11.04 -3.47
CA VAL A 89 -7.56 12.35 -3.93
C VAL A 89 -7.86 12.30 -5.43
N ASP A 90 -6.82 11.96 -6.19
CA ASP A 90 -6.95 11.86 -7.63
C ASP A 90 -7.22 10.41 -8.02
N HIS A 91 -6.20 9.58 -7.85
CA HIS A 91 -6.32 8.17 -8.18
C HIS A 91 -7.10 7.45 -7.07
N VAL A 92 -8.35 7.86 -6.90
CA VAL A 92 -9.20 7.26 -5.90
C VAL A 92 -9.81 5.97 -6.44
N THR A 93 -10.27 6.04 -7.67
CA THR A 93 -10.88 4.90 -8.33
C THR A 93 -9.80 3.85 -8.65
N GLU A 94 -8.72 4.32 -9.25
CA GLU A 94 -7.62 3.44 -9.61
C GLU A 94 -7.27 2.52 -8.44
N VAL A 95 -6.96 3.15 -7.31
CA VAL A 95 -6.59 2.40 -6.12
C VAL A 95 -7.79 1.56 -5.67
N SER A 96 -8.97 2.12 -5.88
CA SER A 96 -10.20 1.44 -5.50
C SER A 96 -10.20 0.01 -6.06
N GLN A 97 -11.19 -0.76 -5.65
CA GLN A 97 -11.32 -2.13 -6.11
C GLN A 97 -10.28 -3.01 -5.44
N TRP A 98 -9.51 -2.39 -4.55
CA TRP A 98 -8.47 -3.12 -3.84
C TRP A 98 -7.98 -2.22 -2.69
N MET A 99 -7.80 -0.95 -3.01
CA MET A 99 -7.34 0.01 -2.03
C MET A 99 -7.94 -0.28 -0.66
N VAL A 100 -9.25 -0.41 -0.63
CA VAL A 100 -9.95 -0.69 0.61
C VAL A 100 -9.14 -1.70 1.44
N GLY A 101 -8.67 -2.73 0.75
CA GLY A 101 -7.88 -3.76 1.41
C GLY A 101 -6.64 -3.16 2.09
N VAL A 102 -5.89 -2.41 1.31
CA VAL A 102 -4.68 -1.77 1.82
C VAL A 102 -5.05 -0.88 3.01
N LYS A 103 -6.02 0.00 2.78
CA LYS A 103 -6.46 0.91 3.81
C LYS A 103 -6.52 0.17 5.15
N ARG A 104 -7.03 -1.06 5.08
CA ARG A 104 -7.15 -1.88 6.27
C ARG A 104 -5.77 -2.39 6.71
N LEU A 105 -5.06 -2.96 5.74
CA LEU A 105 -3.73 -3.49 6.02
C LEU A 105 -2.96 -2.50 6.89
N ILE A 106 -2.83 -1.28 6.39
CA ILE A 106 -2.13 -0.24 7.10
C ILE A 106 -2.48 -0.31 8.59
N ALA A 107 -3.74 0.01 8.88
CA ALA A 107 -4.23 -0.02 10.24
C ALA A 107 -3.71 -1.28 10.94
N GLU A 108 -3.98 -2.42 10.30
CA GLU A 108 -3.54 -3.70 10.86
C GLU A 108 -2.06 -3.65 11.19
N LYS A 109 -1.24 -3.58 10.14
CA LYS A 109 0.20 -3.53 10.31
C LYS A 109 0.54 -2.58 11.45
N LYS A 110 -0.08 -1.40 11.40
CA LYS A 110 0.16 -0.39 12.43
C LYS A 110 -0.12 -1.00 13.81
N SER A 111 -1.34 -1.48 13.97
CA SER A 111 -1.75 -2.09 15.22
C SER A 111 -0.67 -3.05 15.72
N LEU A 112 -0.32 -3.98 14.86
CA LEU A 112 0.70 -4.97 15.19
C LEU A 112 1.86 -4.27 15.89
N SER A 113 2.36 -3.23 15.25
CA SER A 113 3.48 -2.47 15.80
C SER A 113 3.26 -2.25 17.31
N GLY A 114 2.19 -1.53 17.61
CA GLY A 114 1.87 -1.24 19.00
C GLY A 114 0.62 -0.36 19.10
N PRO A 115 0.78 0.91 18.62
CA PRO A 115 -0.33 1.86 18.65
C PRO A 115 -1.35 1.54 17.56
N SER A 116 -2.56 2.03 17.78
CA SER A 116 -3.65 1.81 16.83
C SER A 116 -4.47 3.08 16.66
N SER A 117 -5.02 3.24 15.47
CA SER A 117 -5.83 4.41 15.17
C SER A 117 -4.97 5.68 15.25
N GLY A 118 -5.15 6.55 14.27
CA GLY A 118 -4.40 7.79 14.22
C GLY A 118 -4.90 8.76 15.30
N GLY A 1 -2.99 36.10 -11.19
CA GLY A 1 -2.98 34.68 -10.91
C GLY A 1 -1.79 34.28 -10.04
N SER A 2 -1.47 32.99 -10.08
CA SER A 2 -0.36 32.49 -9.29
C SER A 2 0.64 31.78 -10.20
N SER A 3 0.14 30.75 -10.89
CA SER A 3 0.98 29.97 -11.79
C SER A 3 2.11 29.30 -11.01
N GLY A 4 2.79 28.39 -11.69
CA GLY A 4 3.89 27.65 -11.08
C GLY A 4 4.36 26.52 -11.99
N SER A 5 5.45 25.89 -11.56
CA SER A 5 6.00 24.78 -12.32
C SER A 5 6.70 23.79 -11.38
N SER A 6 6.19 22.58 -11.35
CA SER A 6 6.75 21.55 -10.50
C SER A 6 6.56 20.18 -11.15
N GLY A 7 7.65 19.42 -11.19
CA GLY A 7 7.63 18.09 -11.78
C GLY A 7 8.28 17.07 -10.85
N VAL A 8 8.20 15.81 -11.25
CA VAL A 8 8.78 14.73 -10.47
C VAL A 8 9.04 13.52 -11.39
N ILE A 9 10.32 13.26 -11.59
CA ILE A 9 10.72 12.14 -12.45
C ILE A 9 11.55 11.15 -11.62
N GLU A 10 11.34 9.88 -11.92
CA GLU A 10 12.05 8.82 -11.23
C GLU A 10 12.00 7.52 -12.03
N SER A 11 10.85 6.86 -11.97
CA SER A 11 10.67 5.62 -12.69
C SER A 11 11.75 4.61 -12.28
N GLU A 12 11.43 3.79 -11.28
CA GLU A 12 12.35 2.80 -10.81
C GLU A 12 11.68 1.90 -9.77
N THR A 13 10.42 1.57 -10.04
CA THR A 13 9.65 0.72 -9.14
C THR A 13 9.18 -0.53 -9.88
N LEU A 14 9.23 -1.64 -9.16
CA LEU A 14 8.81 -2.91 -9.73
C LEU A 14 7.56 -3.41 -8.99
N ILE A 15 6.73 -4.15 -9.71
CA ILE A 15 5.52 -4.69 -9.13
C ILE A 15 5.87 -5.58 -7.94
N GLU A 16 6.91 -6.37 -8.12
CA GLU A 16 7.37 -7.28 -7.08
C GLU A 16 8.05 -6.49 -5.96
N ASP A 17 8.23 -5.20 -6.21
CA ASP A 17 8.86 -4.33 -5.24
C ASP A 17 7.80 -3.67 -4.37
N VAL A 18 6.63 -3.47 -4.98
CA VAL A 18 5.51 -2.86 -4.27
C VAL A 18 4.64 -3.95 -3.65
N LEU A 19 4.78 -5.15 -4.19
CA LEU A 19 4.00 -6.28 -3.70
C LEU A 19 4.81 -7.02 -2.63
N ARG A 20 6.12 -7.04 -2.83
CA ARG A 20 7.01 -7.70 -1.89
C ARG A 20 6.63 -7.35 -0.45
N PRO A 21 6.49 -6.02 -0.21
CA PRO A 21 6.13 -5.53 1.12
C PRO A 21 4.65 -5.76 1.40
N LEU A 22 3.82 -5.30 0.48
CA LEU A 22 2.38 -5.46 0.61
C LEU A 22 2.06 -6.90 1.04
N GLU A 23 2.82 -7.82 0.48
CA GLU A 23 2.63 -9.23 0.79
C GLU A 23 3.10 -9.53 2.22
N GLN A 24 4.31 -9.07 2.50
CA GLN A 24 4.89 -9.28 3.82
C GLN A 24 3.87 -8.94 4.91
N ALA A 25 3.18 -7.83 4.71
CA ALA A 25 2.17 -7.38 5.66
C ALA A 25 1.03 -8.41 5.71
N LEU A 26 0.59 -8.79 4.52
CA LEU A 26 -0.50 -9.74 4.40
C LEU A 26 -0.18 -10.96 5.28
N GLU A 27 0.82 -11.71 4.85
CA GLU A 27 1.23 -12.90 5.59
C GLU A 27 1.36 -12.59 7.08
N ASP A 28 2.06 -11.51 7.36
CA ASP A 28 2.27 -11.09 8.74
C ASP A 28 0.92 -10.82 9.40
N CYS A 29 -0.05 -10.46 8.56
CA CYS A 29 -1.39 -10.16 9.04
C CYS A 29 -2.13 -11.49 9.22
N HIS A 30 -1.95 -12.37 8.25
CA HIS A 30 -2.59 -13.68 8.29
C HIS A 30 -2.44 -14.28 9.69
N GLY A 31 -1.24 -14.14 10.23
CA GLY A 31 -0.96 -14.66 11.56
C GLY A 31 -1.67 -13.85 12.63
N HIS A 32 -1.61 -12.53 12.49
CA HIS A 32 -2.25 -11.64 13.44
C HIS A 32 -3.70 -11.41 13.02
N THR A 33 -3.88 -10.43 12.15
CA THR A 33 -5.20 -10.09 11.67
C THR A 33 -6.02 -11.36 11.41
N LYS A 34 -7.30 -11.28 11.76
CA LYS A 34 -8.19 -12.41 11.58
C LYS A 34 -8.02 -12.97 10.17
N LYS A 35 -8.67 -14.10 9.94
CA LYS A 35 -8.60 -14.75 8.63
C LYS A 35 -9.56 -14.06 7.67
N GLN A 36 -10.82 -13.98 8.09
CA GLN A 36 -11.84 -13.35 7.27
C GLN A 36 -11.35 -11.99 6.76
N VAL A 37 -10.70 -11.26 7.66
CA VAL A 37 -10.18 -9.94 7.31
C VAL A 37 -9.05 -10.10 6.29
N CYS A 38 -8.05 -10.87 6.68
CA CYS A 38 -6.91 -11.11 5.80
C CYS A 38 -7.44 -11.57 4.44
N ASP A 39 -8.28 -12.58 4.47
CA ASP A 39 -8.85 -13.12 3.26
C ASP A 39 -9.40 -11.98 2.40
N ASP A 40 -10.01 -11.02 3.08
CA ASP A 40 -10.58 -9.87 2.40
C ASP A 40 -9.45 -9.02 1.81
N ILE A 41 -8.49 -8.68 2.67
CA ILE A 41 -7.36 -7.88 2.26
C ILE A 41 -6.67 -8.56 1.07
N SER A 42 -6.23 -9.78 1.32
CA SER A 42 -5.54 -10.55 0.27
C SER A 42 -6.35 -10.51 -1.02
N ARG A 43 -7.66 -10.62 -0.87
CA ARG A 43 -8.55 -10.59 -2.01
C ARG A 43 -8.34 -9.31 -2.83
N ARG A 44 -8.05 -8.24 -2.11
CA ARG A 44 -7.81 -6.96 -2.76
C ARG A 44 -6.45 -6.96 -3.47
N LEU A 45 -5.45 -7.42 -2.74
CA LEU A 45 -4.10 -7.48 -3.28
C LEU A 45 -4.15 -8.09 -4.68
N ALA A 46 -4.78 -9.25 -4.77
CA ALA A 46 -4.90 -9.94 -6.04
C ALA A 46 -5.26 -8.93 -7.13
N LEU A 47 -6.21 -8.08 -6.80
CA LEU A 47 -6.66 -7.06 -7.76
C LEU A 47 -5.55 -6.03 -7.95
N LEU A 48 -5.04 -5.54 -6.82
CA LEU A 48 -3.99 -4.55 -6.86
C LEU A 48 -2.89 -5.01 -7.82
N ARG A 49 -2.47 -6.25 -7.64
CA ARG A 49 -1.43 -6.83 -8.49
C ARG A 49 -1.91 -6.89 -9.94
N GLU A 50 -2.95 -7.66 -10.15
CA GLU A 50 -3.51 -7.82 -11.49
C GLU A 50 -3.52 -6.48 -12.21
N GLN A 51 -4.17 -5.51 -11.58
CA GLN A 51 -4.25 -4.18 -12.15
C GLN A 51 -2.86 -3.61 -12.41
N TRP A 52 -1.95 -3.91 -11.49
CA TRP A 52 -0.58 -3.44 -11.61
C TRP A 52 0.04 -4.09 -12.85
N ALA A 53 0.16 -5.41 -12.79
CA ALA A 53 0.73 -6.16 -13.89
C ALA A 53 -0.02 -5.82 -15.18
N GLY A 54 -1.32 -6.08 -15.16
CA GLY A 54 -2.16 -5.81 -16.32
C GLY A 54 -1.75 -4.50 -17.00
N GLY A 55 -1.27 -3.59 -16.18
CA GLY A 55 -0.84 -2.29 -16.69
C GLY A 55 -2.00 -1.29 -16.69
N LYS A 56 -2.90 -1.49 -15.75
CA LYS A 56 -4.07 -0.62 -15.63
C LYS A 56 -3.74 0.54 -14.68
N LEU A 57 -2.72 0.32 -13.86
CA LEU A 57 -2.29 1.33 -12.91
C LEU A 57 -1.46 2.39 -13.63
N SER A 58 -1.59 3.62 -13.15
CA SER A 58 -0.85 4.73 -13.75
C SER A 58 0.59 4.72 -13.24
N ILE A 59 1.47 5.30 -14.06
CA ILE A 59 2.88 5.37 -13.70
C ILE A 59 3.03 6.13 -12.38
N PRO A 60 2.30 7.28 -12.28
CA PRO A 60 2.34 8.10 -11.09
C PRO A 60 1.54 7.46 -9.95
N VAL A 61 0.90 6.34 -10.27
CA VAL A 61 0.10 5.62 -9.29
C VAL A 61 0.99 4.59 -8.59
N LYS A 62 1.99 4.12 -9.33
CA LYS A 62 2.92 3.13 -8.80
C LYS A 62 4.01 3.83 -7.98
N LYS A 63 4.46 4.95 -8.52
CA LYS A 63 5.50 5.73 -7.86
C LYS A 63 4.96 6.28 -6.54
N ARG A 64 3.70 6.67 -6.57
CA ARG A 64 3.05 7.22 -5.38
C ARG A 64 2.83 6.11 -4.35
N MET A 65 2.51 4.93 -4.85
CA MET A 65 2.26 3.80 -3.98
C MET A 65 3.52 3.40 -3.21
N ALA A 66 4.57 3.13 -3.97
CA ALA A 66 5.84 2.74 -3.37
C ALA A 66 6.10 3.60 -2.13
N LEU A 67 5.75 4.88 -2.26
CA LEU A 67 5.94 5.82 -1.16
C LEU A 67 5.26 5.27 0.10
N LEU A 68 3.94 5.16 0.01
CA LEU A 68 3.17 4.64 1.13
C LEU A 68 3.81 3.35 1.64
N VAL A 69 4.20 2.50 0.70
CA VAL A 69 4.83 1.24 1.05
C VAL A 69 6.09 1.50 1.86
N GLN A 70 7.02 2.21 1.23
CA GLN A 70 8.28 2.54 1.89
C GLN A 70 8.03 2.94 3.34
N GLU A 71 6.96 3.70 3.53
CA GLU A 71 6.60 4.17 4.87
C GLU A 71 6.16 2.99 5.74
N LEU A 72 5.21 2.23 5.22
CA LEU A 72 4.70 1.07 5.94
C LEU A 72 5.88 0.18 6.35
N LEU A 73 6.95 0.28 5.58
CA LEU A 73 8.13 -0.52 5.85
C LEU A 73 8.82 0.02 7.11
N HIS A 74 8.87 1.35 7.19
CA HIS A 74 9.51 2.00 8.33
C HIS A 74 8.50 2.12 9.47
N HIS A 75 7.28 1.67 9.20
CA HIS A 75 6.22 1.71 10.20
C HIS A 75 5.52 3.07 10.12
N GLN A 76 6.01 3.91 9.22
CA GLN A 76 5.43 5.23 9.03
C GLN A 76 4.01 5.13 8.47
N TRP A 77 3.11 4.63 9.31
CA TRP A 77 1.73 4.48 8.90
C TRP A 77 1.15 5.87 8.62
N ASP A 78 1.47 6.80 9.50
CA ASP A 78 1.00 8.17 9.34
C ASP A 78 1.29 8.65 7.92
N ALA A 79 2.45 8.24 7.42
CA ALA A 79 2.85 8.62 6.07
C ALA A 79 2.06 7.79 5.05
N ALA A 80 2.06 6.48 5.27
CA ALA A 80 1.35 5.58 4.39
C ALA A 80 -0.02 6.19 4.03
N ASP A 81 -0.76 6.52 5.07
CA ASP A 81 -2.08 7.10 4.89
C ASP A 81 -1.96 8.39 4.05
N ASP A 82 -1.09 9.27 4.52
CA ASP A 82 -0.87 10.53 3.83
C ASP A 82 -0.84 10.28 2.31
N ILE A 83 0.08 9.43 1.91
CA ILE A 83 0.21 9.10 0.49
C ILE A 83 -1.06 8.42 0.01
N HIS A 84 -1.45 7.38 0.74
CA HIS A 84 -2.65 6.63 0.39
C HIS A 84 -3.77 7.60 0.02
N ARG A 85 -3.98 8.58 0.89
CA ARG A 85 -5.01 9.57 0.66
C ARG A 85 -4.77 10.28 -0.68
N SER A 86 -3.58 10.83 -0.82
CA SER A 86 -3.21 11.54 -2.04
C SER A 86 -3.47 10.64 -3.26
N LEU A 87 -3.41 9.34 -3.02
CA LEU A 87 -3.65 8.38 -4.09
C LEU A 87 -5.14 8.19 -4.29
N MET A 88 -5.87 8.22 -3.17
CA MET A 88 -7.31 8.07 -3.21
C MET A 88 -8.01 9.38 -3.59
N VAL A 89 -7.22 10.44 -3.61
CA VAL A 89 -7.73 11.75 -3.95
C VAL A 89 -7.91 11.85 -5.46
N ASP A 90 -6.83 11.55 -6.17
CA ASP A 90 -6.86 11.60 -7.62
C ASP A 90 -7.15 10.20 -8.18
N HIS A 91 -6.18 9.31 -7.99
CA HIS A 91 -6.32 7.94 -8.46
C HIS A 91 -7.23 7.16 -7.52
N VAL A 92 -8.47 7.65 -7.40
CA VAL A 92 -9.45 7.01 -6.54
C VAL A 92 -10.08 5.83 -7.29
N THR A 93 -10.48 6.10 -8.52
CA THR A 93 -11.09 5.08 -9.34
C THR A 93 -10.09 3.97 -9.68
N GLU A 94 -8.82 4.29 -9.46
CA GLU A 94 -7.76 3.34 -9.74
C GLU A 94 -7.46 2.51 -8.49
N VAL A 95 -7.04 3.20 -7.43
CA VAL A 95 -6.73 2.54 -6.18
C VAL A 95 -7.96 1.79 -5.68
N SER A 96 -9.12 2.41 -5.87
CA SER A 96 -10.36 1.82 -5.44
C SER A 96 -10.48 0.40 -5.98
N GLN A 97 -11.36 -0.37 -5.36
CA GLN A 97 -11.58 -1.75 -5.77
C GLN A 97 -10.57 -2.67 -5.07
N TRP A 98 -9.75 -2.07 -4.24
CA TRP A 98 -8.74 -2.81 -3.50
C TRP A 98 -8.19 -1.92 -2.39
N MET A 99 -7.94 -0.67 -2.75
CA MET A 99 -7.43 0.29 -1.80
C MET A 99 -8.00 0.05 -0.40
N VAL A 100 -9.30 -0.20 -0.38
CA VAL A 100 -9.99 -0.45 0.88
C VAL A 100 -9.14 -1.38 1.75
N GLY A 101 -8.68 -2.46 1.14
CA GLY A 101 -7.86 -3.43 1.83
C GLY A 101 -6.61 -2.77 2.41
N VAL A 102 -5.81 -2.20 1.52
CA VAL A 102 -4.59 -1.52 1.92
C VAL A 102 -4.86 -0.69 3.18
N LYS A 103 -5.91 0.11 3.11
CA LYS A 103 -6.28 0.96 4.22
C LYS A 103 -6.27 0.13 5.51
N ARG A 104 -7.02 -0.97 5.48
CA ARG A 104 -7.11 -1.84 6.63
C ARG A 104 -5.72 -2.36 7.01
N LEU A 105 -5.05 -2.92 6.01
CA LEU A 105 -3.72 -3.46 6.22
C LEU A 105 -2.91 -2.50 7.10
N ILE A 106 -2.90 -1.25 6.68
CA ILE A 106 -2.18 -0.21 7.41
C ILE A 106 -2.55 -0.29 8.89
N ALA A 107 -3.81 0.03 9.17
CA ALA A 107 -4.30 -0.01 10.54
C ALA A 107 -3.78 -1.26 11.24
N GLU A 108 -4.17 -2.40 10.70
CA GLU A 108 -3.75 -3.67 11.27
C GLU A 108 -2.24 -3.69 11.48
N LYS A 109 -1.52 -3.54 10.38
CA LYS A 109 -0.06 -3.53 10.43
C LYS A 109 0.39 -2.69 11.62
N LYS A 110 -0.21 -1.51 11.74
CA LYS A 110 0.13 -0.60 12.83
C LYS A 110 -0.15 -1.28 14.17
N SER A 111 -1.32 -1.89 14.25
CA SER A 111 -1.73 -2.59 15.46
C SER A 111 -0.57 -3.44 15.98
N LEU A 112 -0.07 -4.30 15.11
CA LEU A 112 1.03 -5.18 15.47
C LEU A 112 2.05 -4.40 16.31
N SER A 113 2.66 -3.41 15.67
CA SER A 113 3.65 -2.58 16.34
C SER A 113 3.19 -2.29 17.77
N GLY A 114 2.10 -1.54 17.87
CA GLY A 114 1.55 -1.18 19.17
C GLY A 114 1.84 0.28 19.50
N PRO A 115 2.95 0.50 20.25
CA PRO A 115 3.35 1.84 20.64
C PRO A 115 3.97 2.60 19.46
N SER A 116 3.43 3.78 19.21
CA SER A 116 3.91 4.61 18.12
C SER A 116 4.26 6.01 18.63
N SER A 117 3.26 6.65 19.20
CA SER A 117 3.44 7.99 19.74
C SER A 117 3.93 8.93 18.64
N GLY A 118 2.98 9.57 17.97
CA GLY A 118 3.30 10.49 16.91
C GLY A 118 3.28 11.93 17.41
N GLY A 1 23.61 -10.24 -0.79
CA GLY A 1 23.49 -8.87 -1.28
C GLY A 1 24.56 -8.56 -2.31
N SER A 2 24.55 -9.32 -3.40
CA SER A 2 25.51 -9.12 -4.46
C SER A 2 24.81 -8.60 -5.72
N SER A 3 25.28 -7.45 -6.17
CA SER A 3 24.71 -6.83 -7.36
C SER A 3 23.22 -6.55 -7.15
N GLY A 4 22.65 -5.79 -8.07
CA GLY A 4 21.25 -5.44 -7.99
C GLY A 4 20.78 -4.74 -9.27
N SER A 5 19.81 -3.86 -9.10
CA SER A 5 19.26 -3.13 -10.23
C SER A 5 20.03 -1.82 -10.42
N SER A 6 20.84 -1.80 -11.47
CA SER A 6 21.65 -0.63 -11.78
C SER A 6 22.52 -0.26 -10.57
N GLY A 7 23.43 0.67 -10.81
CA GLY A 7 24.33 1.12 -9.76
C GLY A 7 23.55 1.50 -8.49
N VAL A 8 23.20 2.78 -8.42
CA VAL A 8 22.46 3.29 -7.28
C VAL A 8 21.44 4.33 -7.76
N ILE A 9 20.49 3.86 -8.55
CA ILE A 9 19.46 4.74 -9.07
C ILE A 9 18.11 4.39 -8.42
N GLU A 10 17.43 5.43 -7.96
CA GLU A 10 16.14 5.25 -7.32
C GLU A 10 15.09 6.16 -7.96
N SER A 11 14.18 5.55 -8.70
CA SER A 11 13.13 6.28 -9.36
C SER A 11 12.01 5.34 -9.79
N GLU A 12 12.40 4.32 -10.56
CA GLU A 12 11.44 3.33 -11.04
C GLU A 12 11.01 2.41 -9.90
N THR A 13 9.92 1.70 -10.14
CA THR A 13 9.39 0.79 -9.15
C THR A 13 8.88 -0.48 -9.82
N LEU A 14 9.13 -1.60 -9.15
CA LEU A 14 8.70 -2.90 -9.67
C LEU A 14 7.48 -3.38 -8.90
N ILE A 15 6.58 -4.02 -9.63
CA ILE A 15 5.36 -4.54 -9.04
C ILE A 15 5.71 -5.40 -7.83
N GLU A 16 6.63 -6.33 -8.05
CA GLU A 16 7.06 -7.23 -7.00
C GLU A 16 7.70 -6.43 -5.85
N ASP A 17 8.24 -5.28 -6.20
CA ASP A 17 8.87 -4.42 -5.22
C ASP A 17 7.78 -3.74 -4.37
N VAL A 18 6.62 -3.60 -4.96
CA VAL A 18 5.50 -2.98 -4.27
C VAL A 18 4.62 -4.06 -3.65
N LEU A 19 4.78 -5.27 -4.16
CA LEU A 19 4.01 -6.40 -3.66
C LEU A 19 4.80 -7.11 -2.56
N ARG A 20 6.12 -7.09 -2.73
CA ARG A 20 7.01 -7.72 -1.77
C ARG A 20 6.60 -7.36 -0.34
N PRO A 21 6.45 -6.02 -0.12
CA PRO A 21 6.06 -5.53 1.20
C PRO A 21 4.58 -5.77 1.45
N LEU A 22 3.76 -5.30 0.52
CA LEU A 22 2.31 -5.45 0.64
C LEU A 22 2.00 -6.89 1.05
N GLU A 23 2.77 -7.82 0.50
CA GLU A 23 2.58 -9.22 0.80
C GLU A 23 3.10 -9.55 2.20
N GLN A 24 4.27 -9.01 2.50
CA GLN A 24 4.88 -9.23 3.81
C GLN A 24 3.89 -8.90 4.92
N ALA A 25 3.15 -7.82 4.72
CA ALA A 25 2.16 -7.40 5.70
C ALA A 25 1.08 -8.48 5.82
N LEU A 26 0.59 -8.90 4.67
CA LEU A 26 -0.45 -9.93 4.62
C LEU A 26 -0.05 -11.09 5.52
N GLU A 27 1.16 -11.57 5.32
CA GLU A 27 1.68 -12.68 6.10
C GLU A 27 1.35 -12.48 7.59
N ASP A 28 1.62 -11.26 8.06
CA ASP A 28 1.35 -10.94 9.45
C ASP A 28 -0.15 -11.00 9.71
N CYS A 29 -0.90 -10.28 8.87
CA CYS A 29 -2.34 -10.25 9.00
C CYS A 29 -2.86 -11.69 9.00
N HIS A 30 -2.21 -12.52 8.20
CA HIS A 30 -2.59 -13.92 8.11
C HIS A 30 -2.27 -14.63 9.43
N GLY A 31 -1.30 -14.07 10.14
CA GLY A 31 -0.89 -14.64 11.41
C GLY A 31 -1.12 -13.65 12.56
N HIS A 32 -2.10 -12.78 12.35
CA HIS A 32 -2.44 -11.79 13.35
C HIS A 32 -3.91 -11.39 13.21
N THR A 33 -4.17 -10.55 12.22
CA THR A 33 -5.53 -10.09 11.97
C THR A 33 -6.45 -11.27 11.66
N LYS A 34 -7.73 -11.06 11.90
CA LYS A 34 -8.72 -12.10 11.65
C LYS A 34 -8.52 -12.66 10.25
N LYS A 35 -8.81 -13.95 10.11
CA LYS A 35 -8.67 -14.61 8.82
C LYS A 35 -9.62 -13.94 7.81
N GLN A 36 -10.85 -13.74 8.24
CA GLN A 36 -11.85 -13.11 7.39
C GLN A 36 -11.26 -11.88 6.71
N VAL A 37 -10.76 -10.97 7.53
CA VAL A 37 -10.16 -9.74 7.02
C VAL A 37 -9.01 -10.09 6.08
N CYS A 38 -8.24 -11.09 6.48
CA CYS A 38 -7.10 -11.53 5.68
C CYS A 38 -7.63 -11.95 4.31
N ASP A 39 -8.52 -12.93 4.32
CA ASP A 39 -9.10 -13.44 3.09
C ASP A 39 -9.63 -12.26 2.26
N ASP A 40 -9.96 -11.18 2.96
CA ASP A 40 -10.48 -10.00 2.30
C ASP A 40 -9.30 -9.19 1.73
N ILE A 41 -8.41 -8.79 2.63
CA ILE A 41 -7.25 -8.02 2.23
C ILE A 41 -6.61 -8.66 1.00
N SER A 42 -6.15 -9.89 1.20
CA SER A 42 -5.51 -10.62 0.11
C SER A 42 -6.33 -10.48 -1.17
N ARG A 43 -7.61 -10.79 -1.05
CA ARG A 43 -8.51 -10.71 -2.19
C ARG A 43 -8.26 -9.42 -2.98
N ARG A 44 -7.95 -8.37 -2.23
CA ARG A 44 -7.68 -7.08 -2.85
C ARG A 44 -6.34 -7.10 -3.57
N LEU A 45 -5.32 -7.58 -2.85
CA LEU A 45 -3.99 -7.67 -3.41
C LEU A 45 -4.06 -8.31 -4.80
N ALA A 46 -4.68 -9.49 -4.84
CA ALA A 46 -4.82 -10.22 -6.08
C ALA A 46 -5.21 -9.25 -7.20
N LEU A 47 -6.04 -8.28 -6.84
CA LEU A 47 -6.48 -7.29 -7.80
C LEU A 47 -5.38 -6.23 -7.99
N LEU A 48 -4.98 -5.63 -6.88
CA LEU A 48 -3.94 -4.62 -6.91
C LEU A 48 -2.82 -5.06 -7.86
N ARG A 49 -2.33 -6.26 -7.60
CA ARG A 49 -1.26 -6.82 -8.42
C ARG A 49 -1.72 -6.92 -9.88
N GLU A 50 -2.79 -7.66 -10.09
CA GLU A 50 -3.33 -7.83 -11.42
C GLU A 50 -3.41 -6.49 -12.15
N GLN A 51 -4.08 -5.54 -11.51
CA GLN A 51 -4.23 -4.22 -12.07
C GLN A 51 -2.87 -3.59 -12.34
N TRP A 52 -1.94 -3.86 -11.44
CA TRP A 52 -0.59 -3.33 -11.57
C TRP A 52 0.03 -3.92 -12.83
N ALA A 53 0.16 -5.23 -12.84
CA ALA A 53 0.73 -5.93 -13.98
C ALA A 53 -0.08 -5.60 -15.24
N GLY A 54 -1.36 -5.94 -15.18
CA GLY A 54 -2.25 -5.68 -16.30
C GLY A 54 -1.91 -4.36 -16.98
N GLY A 55 -1.43 -3.42 -16.18
CA GLY A 55 -1.06 -2.12 -16.69
C GLY A 55 -2.26 -1.16 -16.67
N LYS A 56 -3.15 -1.39 -15.72
CA LYS A 56 -4.34 -0.58 -15.58
C LYS A 56 -4.02 0.62 -14.69
N LEU A 57 -3.06 0.43 -13.80
CA LEU A 57 -2.65 1.48 -12.89
C LEU A 57 -1.86 2.54 -13.66
N SER A 58 -1.81 3.73 -13.07
CA SER A 58 -1.09 4.84 -13.69
C SER A 58 0.36 4.86 -13.20
N ILE A 59 1.23 5.41 -14.03
CA ILE A 59 2.64 5.51 -13.70
C ILE A 59 2.79 6.27 -12.38
N PRO A 60 2.04 7.40 -12.27
CA PRO A 60 2.09 8.22 -11.08
C PRO A 60 1.31 7.56 -9.93
N VAL A 61 0.69 6.43 -10.25
CA VAL A 61 -0.08 5.70 -9.26
C VAL A 61 0.83 4.66 -8.57
N LYS A 62 1.81 4.19 -9.34
CA LYS A 62 2.74 3.20 -8.81
C LYS A 62 3.83 3.91 -8.01
N LYS A 63 4.25 5.07 -8.52
CA LYS A 63 5.28 5.84 -7.86
C LYS A 63 4.75 6.33 -6.50
N ARG A 64 3.49 6.72 -6.50
CA ARG A 64 2.86 7.20 -5.28
C ARG A 64 2.66 6.05 -4.30
N MET A 65 2.47 4.86 -4.85
CA MET A 65 2.27 3.67 -4.04
C MET A 65 3.53 3.32 -3.26
N ALA A 66 4.59 3.04 -4.00
CA ALA A 66 5.87 2.68 -3.40
C ALA A 66 6.11 3.57 -2.18
N LEU A 67 5.77 4.84 -2.33
CA LEU A 67 5.94 5.80 -1.25
C LEU A 67 5.27 5.26 0.01
N LEU A 68 3.95 5.15 -0.06
CA LEU A 68 3.19 4.65 1.07
C LEU A 68 3.84 3.38 1.60
N VAL A 69 4.20 2.50 0.68
CA VAL A 69 4.83 1.24 1.04
C VAL A 69 6.12 1.53 1.82
N GLN A 70 7.05 2.19 1.14
CA GLN A 70 8.31 2.53 1.75
C GLN A 70 8.10 2.94 3.21
N GLU A 71 7.06 3.73 3.42
CA GLU A 71 6.74 4.20 4.77
C GLU A 71 6.35 3.03 5.66
N LEU A 72 5.36 2.27 5.19
CA LEU A 72 4.88 1.12 5.94
C LEU A 72 6.07 0.25 6.35
N LEU A 73 7.10 0.28 5.51
CA LEU A 73 8.29 -0.50 5.77
C LEU A 73 9.03 0.09 6.97
N HIS A 74 9.15 1.40 6.97
CA HIS A 74 9.81 2.09 8.06
C HIS A 74 8.87 2.22 9.25
N HIS A 75 7.66 1.75 9.05
CA HIS A 75 6.65 1.80 10.11
C HIS A 75 5.95 3.16 10.06
N GLN A 76 6.37 3.98 9.12
CA GLN A 76 5.79 5.31 8.96
C GLN A 76 4.34 5.20 8.48
N TRP A 77 3.51 4.64 9.34
CA TRP A 77 2.09 4.48 9.02
C TRP A 77 1.52 5.87 8.74
N ASP A 78 1.87 6.80 9.60
CA ASP A 78 1.38 8.17 9.46
C ASP A 78 1.59 8.64 8.01
N ALA A 79 2.77 8.34 7.49
CA ALA A 79 3.11 8.72 6.14
C ALA A 79 2.24 7.93 5.16
N ALA A 80 2.24 6.61 5.35
CA ALA A 80 1.47 5.74 4.49
C ALA A 80 0.09 6.37 4.23
N ASP A 81 -0.59 6.70 5.32
CA ASP A 81 -1.90 7.31 5.23
C ASP A 81 -1.83 8.52 4.30
N ASP A 82 -0.97 9.46 4.68
CA ASP A 82 -0.80 10.68 3.89
C ASP A 82 -0.80 10.32 2.41
N ILE A 83 0.20 9.57 2.01
CA ILE A 83 0.33 9.15 0.62
C ILE A 83 -0.98 8.50 0.16
N HIS A 84 -1.42 7.54 0.96
CA HIS A 84 -2.65 6.82 0.65
C HIS A 84 -3.72 7.82 0.18
N ARG A 85 -4.01 8.78 1.04
CA ARG A 85 -5.00 9.80 0.73
C ARG A 85 -4.73 10.39 -0.66
N SER A 86 -3.51 10.90 -0.82
CA SER A 86 -3.12 11.49 -2.10
C SER A 86 -3.62 10.63 -3.25
N LEU A 87 -3.48 9.32 -3.09
CA LEU A 87 -3.92 8.39 -4.11
C LEU A 87 -5.45 8.35 -4.14
N MET A 88 -6.03 8.26 -2.95
CA MET A 88 -7.48 8.21 -2.82
C MET A 88 -8.11 9.55 -3.22
N VAL A 89 -7.25 10.53 -3.43
CA VAL A 89 -7.70 11.85 -3.81
C VAL A 89 -7.99 11.88 -5.31
N ASP A 90 -6.95 11.58 -6.08
CA ASP A 90 -7.07 11.56 -7.53
C ASP A 90 -7.34 10.13 -8.00
N HIS A 91 -6.32 9.30 -7.87
CA HIS A 91 -6.43 7.91 -8.28
C HIS A 91 -7.21 7.13 -7.21
N VAL A 92 -8.45 7.53 -7.02
CA VAL A 92 -9.30 6.88 -6.04
C VAL A 92 -9.98 5.67 -6.68
N THR A 93 -10.59 5.91 -7.83
CA THR A 93 -11.27 4.85 -8.55
C THR A 93 -10.26 3.79 -9.01
N GLU A 94 -9.03 4.22 -9.19
CA GLU A 94 -7.97 3.33 -9.64
C GLU A 94 -7.54 2.43 -8.47
N VAL A 95 -7.25 3.06 -7.35
CA VAL A 95 -6.82 2.32 -6.17
C VAL A 95 -8.00 1.53 -5.61
N SER A 96 -9.18 2.07 -5.82
CA SER A 96 -10.39 1.43 -5.35
C SER A 96 -10.46 -0.02 -5.85
N GLN A 97 -11.43 -0.76 -5.33
CA GLN A 97 -11.60 -2.15 -5.72
C GLN A 97 -10.56 -3.02 -5.03
N TRP A 98 -9.71 -2.37 -4.23
CA TRP A 98 -8.67 -3.07 -3.52
C TRP A 98 -8.15 -2.15 -2.42
N MET A 99 -7.94 -0.90 -2.79
CA MET A 99 -7.44 0.09 -1.85
C MET A 99 -8.01 -0.15 -0.44
N VAL A 100 -9.25 -0.62 -0.41
CA VAL A 100 -9.91 -0.89 0.84
C VAL A 100 -9.02 -1.79 1.70
N GLY A 101 -8.58 -2.88 1.10
CA GLY A 101 -7.71 -3.82 1.79
C GLY A 101 -6.48 -3.13 2.36
N VAL A 102 -5.70 -2.53 1.45
CA VAL A 102 -4.50 -1.84 1.85
C VAL A 102 -4.82 -0.89 3.01
N LYS A 103 -5.78 -0.01 2.77
CA LYS A 103 -6.19 0.94 3.79
C LYS A 103 -6.22 0.25 5.15
N ARG A 104 -6.97 -0.84 5.21
CA ARG A 104 -7.09 -1.60 6.45
C ARG A 104 -5.73 -2.18 6.84
N LEU A 105 -5.06 -2.77 5.86
CA LEU A 105 -3.75 -3.36 6.10
C LEU A 105 -2.92 -2.42 6.97
N ILE A 106 -2.80 -1.19 6.49
CA ILE A 106 -2.03 -0.18 7.22
C ILE A 106 -2.40 -0.23 8.70
N ALA A 107 -3.67 0.04 8.98
CA ALA A 107 -4.16 0.03 10.33
C ALA A 107 -3.66 -1.23 11.05
N GLU A 108 -3.98 -2.37 10.46
CA GLU A 108 -3.56 -3.64 11.02
C GLU A 108 -2.06 -3.61 11.34
N LYS A 109 -1.26 -3.51 10.29
CA LYS A 109 0.18 -3.47 10.45
C LYS A 109 0.54 -2.57 11.63
N LYS A 110 0.01 -1.36 11.61
CA LYS A 110 0.27 -0.40 12.66
C LYS A 110 -0.19 -0.99 14.00
N SER A 111 -1.41 -1.51 13.99
CA SER A 111 -1.97 -2.12 15.19
C SER A 111 -0.98 -3.12 15.78
N LEU A 112 -0.58 -4.07 14.96
CA LEU A 112 0.36 -5.10 15.40
C LEU A 112 1.44 -4.45 16.27
N SER A 113 2.16 -3.50 15.66
CA SER A 113 3.22 -2.80 16.36
C SER A 113 2.68 -2.24 17.69
N GLY A 114 1.73 -1.33 17.56
CA GLY A 114 1.13 -0.71 18.73
C GLY A 114 2.16 0.14 19.47
N PRO A 115 2.36 1.38 18.97
CA PRO A 115 3.30 2.30 19.58
C PRO A 115 2.74 2.88 20.88
N SER A 116 3.42 2.56 21.98
CA SER A 116 2.99 3.04 23.28
C SER A 116 1.59 2.52 23.61
N SER A 117 1.48 1.87 24.76
CA SER A 117 0.22 1.31 25.20
C SER A 117 -0.84 2.42 25.24
N GLY A 118 -2.02 2.09 24.73
CA GLY A 118 -3.13 3.03 24.71
C GLY A 118 -4.27 2.56 25.60
N GLY A 1 -10.16 25.68 -5.42
CA GLY A 1 -9.26 24.77 -6.10
C GLY A 1 -7.83 24.94 -5.58
N SER A 2 -6.93 24.16 -6.16
CA SER A 2 -5.52 24.21 -5.77
C SER A 2 -4.72 23.20 -6.59
N SER A 3 -3.54 23.62 -6.99
CA SER A 3 -2.66 22.77 -7.78
C SER A 3 -1.19 23.11 -7.47
N GLY A 4 -0.33 22.16 -7.81
CA GLY A 4 1.09 22.34 -7.58
C GLY A 4 1.92 21.73 -8.72
N SER A 5 3.23 21.74 -8.53
CA SER A 5 4.13 21.19 -9.53
C SER A 5 5.57 21.29 -9.04
N SER A 6 6.15 20.12 -8.76
CA SER A 6 7.52 20.06 -8.29
C SER A 6 8.02 18.62 -8.31
N GLY A 7 8.75 18.29 -9.36
CA GLY A 7 9.29 16.95 -9.52
C GLY A 7 10.71 16.86 -8.96
N VAL A 8 10.97 15.77 -8.26
CA VAL A 8 12.28 15.55 -7.68
C VAL A 8 12.60 14.05 -7.68
N ILE A 9 13.89 13.75 -7.82
CA ILE A 9 14.33 12.38 -7.83
C ILE A 9 13.71 11.66 -9.03
N GLU A 10 14.51 10.79 -9.64
CA GLU A 10 14.06 10.04 -10.81
C GLU A 10 14.41 8.56 -10.65
N SER A 11 13.37 7.73 -10.71
CA SER A 11 13.55 6.30 -10.58
C SER A 11 12.23 5.58 -10.81
N GLU A 12 12.33 4.32 -11.19
CA GLU A 12 11.15 3.50 -11.45
C GLU A 12 10.91 2.54 -10.29
N THR A 13 9.72 1.95 -10.29
CA THR A 13 9.35 1.01 -9.25
C THR A 13 8.82 -0.29 -9.87
N LEU A 14 9.13 -1.39 -9.21
CA LEU A 14 8.70 -2.70 -9.68
C LEU A 14 7.48 -3.15 -8.88
N ILE A 15 6.60 -3.87 -9.56
CA ILE A 15 5.39 -4.37 -8.92
C ILE A 15 5.77 -5.25 -7.73
N GLU A 16 6.59 -6.25 -8.02
CA GLU A 16 7.03 -7.18 -6.99
C GLU A 16 7.66 -6.40 -5.82
N ASP A 17 8.27 -5.28 -6.16
CA ASP A 17 8.91 -4.45 -5.16
C ASP A 17 7.84 -3.78 -4.30
N VAL A 18 6.70 -3.53 -4.91
CA VAL A 18 5.59 -2.90 -4.21
C VAL A 18 4.69 -3.98 -3.62
N LEU A 19 4.83 -5.18 -4.14
CA LEU A 19 4.04 -6.31 -3.67
C LEU A 19 4.79 -7.00 -2.52
N ARG A 20 6.09 -7.10 -2.69
CA ARG A 20 6.93 -7.74 -1.70
C ARG A 20 6.43 -7.40 -0.29
N PRO A 21 6.28 -6.07 -0.04
CA PRO A 21 5.82 -5.60 1.25
C PRO A 21 4.32 -5.83 1.41
N LEU A 22 3.56 -5.25 0.49
CA LEU A 22 2.11 -5.39 0.52
C LEU A 22 1.75 -6.85 0.78
N GLU A 23 2.66 -7.73 0.39
CA GLU A 23 2.45 -9.16 0.57
C GLU A 23 2.97 -9.61 1.94
N GLN A 24 4.17 -9.13 2.26
CA GLN A 24 4.79 -9.47 3.52
C GLN A 24 3.92 -9.00 4.68
N ALA A 25 3.31 -7.84 4.50
CA ALA A 25 2.46 -7.26 5.52
C ALA A 25 1.28 -8.21 5.79
N LEU A 26 0.67 -8.66 4.70
CA LEU A 26 -0.46 -9.56 4.80
C LEU A 26 -0.06 -10.78 5.63
N GLU A 27 0.91 -11.53 5.11
CA GLU A 27 1.39 -12.71 5.79
C GLU A 27 1.44 -12.48 7.30
N ASP A 28 1.72 -11.24 7.66
CA ASP A 28 1.79 -10.88 9.07
C ASP A 28 0.39 -10.86 9.66
N CYS A 29 -0.48 -10.09 9.03
CA CYS A 29 -1.85 -9.98 9.48
C CYS A 29 -2.48 -11.37 9.48
N HIS A 30 -2.13 -12.14 8.46
CA HIS A 30 -2.65 -13.50 8.32
C HIS A 30 -2.35 -14.28 9.60
N GLY A 31 -1.19 -13.99 10.18
CA GLY A 31 -0.78 -14.67 11.40
C GLY A 31 -1.08 -13.80 12.63
N HIS A 32 -2.16 -13.03 12.52
CA HIS A 32 -2.56 -12.16 13.61
C HIS A 32 -4.03 -11.80 13.47
N THR A 33 -4.31 -10.92 12.52
CA THR A 33 -5.68 -10.50 12.27
C THR A 33 -6.54 -11.68 11.83
N LYS A 34 -7.84 -11.53 12.04
CA LYS A 34 -8.77 -12.59 11.67
C LYS A 34 -8.53 -13.00 10.22
N LYS A 35 -8.85 -14.26 9.94
CA LYS A 35 -8.67 -14.79 8.60
C LYS A 35 -9.60 -14.06 7.64
N GLN A 36 -10.87 -14.01 8.02
CA GLN A 36 -11.88 -13.35 7.20
C GLN A 36 -11.35 -12.02 6.68
N VAL A 37 -10.70 -11.29 7.57
CA VAL A 37 -10.14 -10.00 7.21
C VAL A 37 -9.04 -10.19 6.18
N CYS A 38 -8.06 -11.01 6.54
CA CYS A 38 -6.94 -11.29 5.66
C CYS A 38 -7.50 -11.74 4.30
N ASP A 39 -8.36 -12.73 4.36
CA ASP A 39 -8.98 -13.26 3.14
C ASP A 39 -9.62 -12.11 2.36
N ASP A 40 -9.90 -11.03 3.08
CA ASP A 40 -10.51 -9.86 2.47
C ASP A 40 -9.41 -8.98 1.87
N ILE A 41 -8.47 -8.59 2.73
CA ILE A 41 -7.37 -7.75 2.29
C ILE A 41 -6.68 -8.40 1.09
N SER A 42 -6.33 -9.65 1.26
CA SER A 42 -5.67 -10.40 0.19
C SER A 42 -6.46 -10.27 -1.11
N ARG A 43 -7.76 -10.51 -1.00
CA ARG A 43 -8.62 -10.42 -2.16
C ARG A 43 -8.35 -9.15 -2.94
N ARG A 44 -7.92 -8.12 -2.21
CA ARG A 44 -7.62 -6.84 -2.83
C ARG A 44 -6.25 -6.89 -3.50
N LEU A 45 -5.28 -7.42 -2.76
CA LEU A 45 -3.93 -7.54 -3.28
C LEU A 45 -3.96 -8.19 -4.67
N ALA A 46 -4.66 -9.32 -4.74
CA ALA A 46 -4.78 -10.04 -5.98
C ALA A 46 -5.22 -9.08 -7.09
N LEU A 47 -6.09 -8.16 -6.72
CA LEU A 47 -6.59 -7.17 -7.66
C LEU A 47 -5.51 -6.12 -7.92
N LEU A 48 -4.97 -5.60 -6.83
CA LEU A 48 -3.93 -4.59 -6.91
C LEU A 48 -2.88 -5.03 -7.93
N ARG A 49 -2.28 -6.18 -7.65
CA ARG A 49 -1.25 -6.73 -8.54
C ARG A 49 -1.79 -6.85 -9.95
N GLU A 50 -2.79 -7.71 -10.11
CA GLU A 50 -3.40 -7.94 -11.40
C GLU A 50 -3.55 -6.61 -12.16
N GLN A 51 -4.13 -5.64 -11.47
CA GLN A 51 -4.34 -4.33 -12.05
C GLN A 51 -3.00 -3.66 -12.36
N TRP A 52 -2.05 -3.87 -11.46
CA TRP A 52 -0.73 -3.30 -11.62
C TRP A 52 -0.10 -3.93 -12.86
N ALA A 53 0.07 -5.23 -12.82
CA ALA A 53 0.65 -5.96 -13.94
C ALA A 53 -0.16 -5.68 -15.20
N GLY A 54 -1.45 -5.99 -15.12
CA GLY A 54 -2.34 -5.77 -16.25
C GLY A 54 -2.02 -4.45 -16.95
N GLY A 55 -1.58 -3.49 -16.17
CA GLY A 55 -1.24 -2.19 -16.70
C GLY A 55 -2.42 -1.22 -16.59
N LYS A 56 -3.36 -1.59 -15.75
CA LYS A 56 -4.55 -0.77 -15.54
C LYS A 56 -4.21 0.35 -14.56
N LEU A 57 -3.12 0.16 -13.84
CA LEU A 57 -2.68 1.16 -12.87
C LEU A 57 -1.83 2.22 -13.58
N SER A 58 -1.98 3.45 -13.13
CA SER A 58 -1.25 4.56 -13.71
C SER A 58 0.21 4.51 -13.25
N ILE A 59 1.06 5.20 -14.00
CA ILE A 59 2.47 5.25 -13.68
C ILE A 59 2.68 6.03 -12.38
N PRO A 60 1.96 7.18 -12.28
CA PRO A 60 2.05 8.02 -11.09
C PRO A 60 1.29 7.40 -9.93
N VAL A 61 0.60 6.30 -10.22
CA VAL A 61 -0.18 5.61 -9.21
C VAL A 61 0.70 4.55 -8.52
N LYS A 62 1.78 4.20 -9.21
CA LYS A 62 2.71 3.22 -8.69
C LYS A 62 3.84 3.93 -7.94
N LYS A 63 4.36 4.96 -8.58
CA LYS A 63 5.45 5.73 -7.98
C LYS A 63 5.01 6.25 -6.61
N ARG A 64 3.72 6.53 -6.50
CA ARG A 64 3.16 7.02 -5.25
C ARG A 64 3.02 5.87 -4.25
N MET A 65 2.59 4.73 -4.76
CA MET A 65 2.40 3.56 -3.92
C MET A 65 3.69 3.20 -3.18
N ALA A 66 4.73 2.94 -3.97
CA ALA A 66 6.02 2.60 -3.39
C ALA A 66 6.27 3.44 -2.15
N LEU A 67 6.00 4.74 -2.28
CA LEU A 67 6.19 5.65 -1.18
C LEU A 67 5.45 5.14 0.06
N LEU A 68 4.13 5.18 -0.03
CA LEU A 68 3.29 4.71 1.06
C LEU A 68 3.88 3.42 1.63
N VAL A 69 4.32 2.56 0.72
CA VAL A 69 4.90 1.28 1.12
C VAL A 69 6.18 1.53 1.93
N GLN A 70 7.06 2.32 1.34
CA GLN A 70 8.32 2.65 1.98
C GLN A 70 8.07 3.15 3.41
N GLU A 71 6.88 3.69 3.61
CA GLU A 71 6.51 4.21 4.92
C GLU A 71 6.06 3.06 5.83
N LEU A 72 5.32 2.13 5.24
CA LEU A 72 4.83 0.98 5.98
C LEU A 72 6.02 0.12 6.42
N LEU A 73 7.13 0.31 5.73
CA LEU A 73 8.34 -0.44 6.05
C LEU A 73 9.02 0.17 7.27
N HIS A 74 9.07 1.49 7.27
CA HIS A 74 9.68 2.21 8.38
C HIS A 74 8.70 2.29 9.55
N HIS A 75 7.51 1.75 9.32
CA HIS A 75 6.47 1.77 10.34
C HIS A 75 5.64 3.04 10.21
N GLN A 76 6.10 3.93 9.33
CA GLN A 76 5.39 5.17 9.10
C GLN A 76 4.01 4.91 8.50
N TRP A 77 3.07 4.64 9.39
CA TRP A 77 1.70 4.38 8.96
C TRP A 77 1.03 5.71 8.67
N ASP A 78 1.39 6.71 9.45
CA ASP A 78 0.83 8.04 9.28
C ASP A 78 1.16 8.56 7.89
N ALA A 79 2.43 8.42 7.53
CA ALA A 79 2.89 8.87 6.22
C ALA A 79 2.15 8.09 5.13
N ALA A 80 2.22 6.78 5.23
CA ALA A 80 1.57 5.91 4.26
C ALA A 80 0.12 6.39 4.06
N ASP A 81 -0.55 6.63 5.17
CA ASP A 81 -1.93 7.10 5.12
C ASP A 81 -1.99 8.45 4.42
N ASP A 82 -0.88 9.17 4.53
CA ASP A 82 -0.79 10.49 3.90
C ASP A 82 -0.72 10.33 2.39
N ILE A 83 0.15 9.43 1.96
CA ILE A 83 0.33 9.16 0.54
C ILE A 83 -0.91 8.43 0.00
N HIS A 84 -1.38 7.48 0.79
CA HIS A 84 -2.55 6.70 0.41
C HIS A 84 -3.67 7.65 -0.03
N ARG A 85 -4.10 8.48 0.90
CA ARG A 85 -5.15 9.44 0.64
C ARG A 85 -4.90 10.16 -0.69
N SER A 86 -3.73 10.80 -0.76
CA SER A 86 -3.36 11.53 -1.95
C SER A 86 -3.57 10.65 -3.19
N LEU A 87 -3.49 9.35 -2.97
CA LEU A 87 -3.66 8.39 -4.05
C LEU A 87 -5.16 8.14 -4.26
N MET A 88 -5.89 8.16 -3.15
CA MET A 88 -7.33 7.94 -3.19
C MET A 88 -8.08 9.23 -3.51
N VAL A 89 -7.34 10.33 -3.49
CA VAL A 89 -7.92 11.63 -3.77
C VAL A 89 -8.10 11.78 -5.29
N ASP A 90 -7.01 11.54 -6.00
CA ASP A 90 -7.03 11.65 -7.45
C ASP A 90 -7.27 10.27 -8.06
N HIS A 91 -6.27 9.41 -7.92
CA HIS A 91 -6.36 8.07 -8.45
C HIS A 91 -7.24 7.22 -7.54
N VAL A 92 -8.49 7.64 -7.40
CA VAL A 92 -9.43 6.93 -6.57
C VAL A 92 -10.04 5.77 -7.35
N THR A 93 -10.46 6.08 -8.57
CA THR A 93 -11.05 5.07 -9.43
C THR A 93 -10.02 4.00 -9.80
N GLU A 94 -8.77 4.30 -9.48
CA GLU A 94 -7.69 3.38 -9.76
C GLU A 94 -7.37 2.52 -8.54
N VAL A 95 -6.98 3.19 -7.47
CA VAL A 95 -6.65 2.51 -6.23
C VAL A 95 -7.88 1.75 -5.74
N SER A 96 -9.04 2.36 -5.95
CA SER A 96 -10.29 1.76 -5.53
C SER A 96 -10.39 0.32 -6.07
N GLN A 97 -11.27 -0.45 -5.44
CA GLN A 97 -11.46 -1.83 -5.85
C GLN A 97 -10.43 -2.74 -5.17
N TRP A 98 -9.64 -2.13 -4.29
CA TRP A 98 -8.62 -2.87 -3.55
C TRP A 98 -8.08 -1.96 -2.45
N MET A 99 -7.86 -0.70 -2.83
CA MET A 99 -7.33 0.27 -1.88
C MET A 99 -7.91 0.03 -0.48
N VAL A 100 -9.18 -0.37 -0.45
CA VAL A 100 -9.85 -0.63 0.80
C VAL A 100 -8.97 -1.53 1.68
N GLY A 101 -8.51 -2.61 1.07
CA GLY A 101 -7.67 -3.55 1.78
C GLY A 101 -6.42 -2.86 2.35
N VAL A 102 -5.63 -2.30 1.45
CA VAL A 102 -4.41 -1.61 1.84
C VAL A 102 -4.72 -0.68 3.02
N LYS A 103 -5.76 0.12 2.85
CA LYS A 103 -6.17 1.04 3.89
C LYS A 103 -6.25 0.31 5.22
N ARG A 104 -6.80 -0.89 5.17
CA ARG A 104 -6.95 -1.70 6.36
C ARG A 104 -5.59 -2.27 6.79
N LEU A 105 -4.93 -2.91 5.82
CA LEU A 105 -3.62 -3.50 6.08
C LEU A 105 -2.80 -2.55 6.95
N ILE A 106 -2.70 -1.31 6.48
CA ILE A 106 -1.94 -0.30 7.20
C ILE A 106 -2.35 -0.32 8.68
N ALA A 107 -3.64 -0.10 8.90
CA ALA A 107 -4.17 -0.09 10.26
C ALA A 107 -3.74 -1.37 10.98
N GLU A 108 -3.95 -2.48 10.30
CA GLU A 108 -3.60 -3.78 10.87
C GLU A 108 -2.11 -3.81 11.23
N LYS A 109 -1.28 -3.57 10.22
CA LYS A 109 0.16 -3.57 10.42
C LYS A 109 0.50 -2.77 11.68
N LYS A 110 0.11 -1.50 11.66
CA LYS A 110 0.36 -0.62 12.79
C LYS A 110 -0.10 -1.31 14.07
N SER A 111 -1.31 -1.84 14.03
CA SER A 111 -1.86 -2.53 15.19
C SER A 111 -0.89 -3.61 15.67
N LEU A 112 -0.39 -4.39 14.73
CA LEU A 112 0.54 -5.45 15.04
C LEU A 112 1.66 -4.90 15.92
N SER A 113 2.36 -3.91 15.37
CA SER A 113 3.47 -3.28 16.10
C SER A 113 3.08 -3.09 17.56
N GLY A 114 2.00 -2.34 17.76
CA GLY A 114 1.53 -2.07 19.11
C GLY A 114 1.62 -0.58 19.43
N PRO A 115 2.79 -0.18 20.01
CA PRO A 115 3.02 1.20 20.37
C PRO A 115 3.30 2.05 19.13
N SER A 116 4.30 1.64 18.37
CA SER A 116 4.68 2.35 17.16
C SER A 116 5.17 3.75 17.51
N SER A 117 6.21 4.19 16.81
CA SER A 117 6.76 5.51 17.04
C SER A 117 7.54 5.52 18.35
N GLY A 118 6.81 5.40 19.44
CA GLY A 118 7.42 5.41 20.77
C GLY A 118 7.68 6.83 21.26
N GLY A 1 20.81 32.50 4.78
CA GLY A 1 20.49 32.62 3.36
C GLY A 1 19.05 32.19 3.10
N SER A 2 18.75 32.02 1.81
CA SER A 2 17.42 31.61 1.41
C SER A 2 17.47 30.93 0.03
N SER A 3 17.47 29.61 0.07
CA SER A 3 17.52 28.83 -1.15
C SER A 3 16.74 27.52 -0.98
N GLY A 4 16.13 27.09 -2.07
CA GLY A 4 15.35 25.86 -2.05
C GLY A 4 16.01 24.78 -2.92
N SER A 5 16.06 25.06 -4.21
CA SER A 5 16.65 24.13 -5.16
C SER A 5 15.73 22.92 -5.35
N SER A 6 15.60 22.15 -4.28
CA SER A 6 14.75 20.97 -4.33
C SER A 6 15.29 19.98 -5.36
N GLY A 7 15.54 18.76 -4.90
CA GLY A 7 16.05 17.72 -5.77
C GLY A 7 14.97 16.68 -6.09
N VAL A 8 15.40 15.56 -6.63
CA VAL A 8 14.48 14.50 -6.98
C VAL A 8 15.28 13.24 -7.37
N ILE A 9 14.98 12.15 -6.70
CA ILE A 9 15.65 10.89 -6.96
C ILE A 9 15.19 10.33 -8.31
N GLU A 10 15.94 9.37 -8.82
CA GLU A 10 15.63 8.75 -10.08
C GLU A 10 15.75 7.23 -9.98
N SER A 11 14.60 6.60 -9.74
CA SER A 11 14.58 5.15 -9.62
C SER A 11 13.21 4.62 -10.06
N GLU A 12 13.23 3.43 -10.64
CA GLU A 12 12.00 2.80 -11.11
C GLU A 12 11.42 1.90 -10.01
N THR A 13 10.10 1.74 -10.08
CA THR A 13 9.41 0.91 -9.11
C THR A 13 8.98 -0.42 -9.75
N LEU A 14 9.24 -1.49 -9.02
CA LEU A 14 8.88 -2.81 -9.51
C LEU A 14 7.68 -3.34 -8.71
N ILE A 15 6.68 -3.81 -9.44
CA ILE A 15 5.48 -4.34 -8.81
C ILE A 15 5.88 -5.30 -7.70
N GLU A 16 6.70 -6.28 -8.05
CA GLU A 16 7.15 -7.26 -7.08
C GLU A 16 7.72 -6.56 -5.84
N ASP A 17 8.38 -5.44 -6.09
CA ASP A 17 8.97 -4.67 -5.00
C ASP A 17 7.86 -3.99 -4.20
N VAL A 18 6.75 -3.74 -4.88
CA VAL A 18 5.61 -3.09 -4.25
C VAL A 18 4.71 -4.16 -3.61
N LEU A 19 4.83 -5.37 -4.14
CA LEU A 19 4.04 -6.48 -3.63
C LEU A 19 4.81 -7.18 -2.51
N ARG A 20 6.12 -7.27 -2.70
CA ARG A 20 6.97 -7.91 -1.71
C ARG A 20 6.50 -7.57 -0.29
N PRO A 21 6.35 -6.24 -0.05
CA PRO A 21 5.91 -5.77 1.26
C PRO A 21 4.41 -6.00 1.45
N LEU A 22 3.63 -5.42 0.54
CA LEU A 22 2.19 -5.56 0.60
C LEU A 22 1.83 -7.02 0.88
N GLU A 23 2.73 -7.90 0.46
CA GLU A 23 2.53 -9.33 0.65
C GLU A 23 3.08 -9.77 2.00
N GLN A 24 4.24 -9.21 2.33
CA GLN A 24 4.90 -9.54 3.59
C GLN A 24 4.05 -9.04 4.78
N ALA A 25 3.30 -7.98 4.52
CA ALA A 25 2.45 -7.40 5.54
C ALA A 25 1.26 -8.33 5.80
N LEU A 26 0.71 -8.85 4.71
CA LEU A 26 -0.42 -9.75 4.80
C LEU A 26 -0.09 -10.89 5.75
N GLU A 27 1.04 -11.53 5.50
CA GLU A 27 1.49 -12.64 6.32
C GLU A 27 1.23 -12.33 7.79
N ASP A 28 1.55 -11.12 8.18
CA ASP A 28 1.36 -10.68 9.55
C ASP A 28 -0.11 -10.81 9.92
N CYS A 29 -0.95 -10.24 9.07
CA CYS A 29 -2.39 -10.27 9.29
C CYS A 29 -2.84 -11.73 9.27
N HIS A 30 -2.42 -12.44 8.24
CA HIS A 30 -2.77 -13.84 8.08
C HIS A 30 -2.52 -14.58 9.40
N GLY A 31 -1.50 -14.11 10.11
CA GLY A 31 -1.15 -14.72 11.39
C GLY A 31 -1.29 -13.71 12.53
N HIS A 32 -2.42 -13.02 12.54
CA HIS A 32 -2.69 -12.03 13.57
C HIS A 32 -4.14 -11.56 13.47
N THR A 33 -4.41 -10.80 12.42
CA THR A 33 -5.75 -10.28 12.21
C THR A 33 -6.69 -11.41 11.76
N LYS A 34 -7.96 -11.25 12.09
CA LYS A 34 -8.96 -12.23 11.72
C LYS A 34 -8.68 -12.74 10.31
N LYS A 35 -9.23 -13.92 10.02
CA LYS A 35 -9.05 -14.53 8.71
C LYS A 35 -9.92 -13.80 7.69
N GLN A 36 -11.18 -13.64 8.06
CA GLN A 36 -12.13 -12.96 7.18
C GLN A 36 -11.51 -11.69 6.59
N VAL A 37 -10.77 -10.99 7.44
CA VAL A 37 -10.12 -9.76 7.02
C VAL A 37 -9.03 -10.10 6.00
N CYS A 38 -8.12 -10.97 6.41
CA CYS A 38 -7.02 -11.38 5.55
C CYS A 38 -7.60 -11.73 4.17
N ASP A 39 -8.49 -12.71 4.18
CA ASP A 39 -9.12 -13.16 2.94
C ASP A 39 -9.61 -11.94 2.16
N ASP A 40 -10.01 -10.93 2.91
CA ASP A 40 -10.49 -9.70 2.30
C ASP A 40 -9.32 -8.92 1.71
N ILE A 41 -8.47 -8.43 2.61
CA ILE A 41 -7.30 -7.66 2.21
C ILE A 41 -6.62 -8.37 1.03
N SER A 42 -6.31 -9.64 1.25
CA SER A 42 -5.65 -10.43 0.22
C SER A 42 -6.40 -10.29 -1.10
N ARG A 43 -7.71 -10.48 -1.04
CA ARG A 43 -8.54 -10.37 -2.22
C ARG A 43 -8.25 -9.06 -2.96
N ARG A 44 -7.80 -8.07 -2.19
CA ARG A 44 -7.48 -6.77 -2.77
C ARG A 44 -6.11 -6.81 -3.44
N LEU A 45 -5.15 -7.37 -2.72
CA LEU A 45 -3.80 -7.47 -3.23
C LEU A 45 -3.83 -8.13 -4.61
N ALA A 46 -4.49 -9.28 -4.67
CA ALA A 46 -4.60 -10.02 -5.92
C ALA A 46 -4.99 -9.05 -7.04
N LEU A 47 -5.92 -8.16 -6.71
CA LEU A 47 -6.40 -7.18 -7.68
C LEU A 47 -5.31 -6.14 -7.91
N LEU A 48 -4.81 -5.59 -6.80
CA LEU A 48 -3.77 -4.58 -6.88
C LEU A 48 -2.71 -5.00 -7.89
N ARG A 49 -2.16 -6.19 -7.67
CA ARG A 49 -1.15 -6.73 -8.56
C ARG A 49 -1.69 -6.81 -9.99
N GLU A 50 -2.84 -7.46 -10.12
CA GLU A 50 -3.47 -7.63 -11.41
C GLU A 50 -3.58 -6.27 -12.13
N GLN A 51 -4.14 -5.31 -11.41
CA GLN A 51 -4.31 -3.97 -11.96
C GLN A 51 -2.95 -3.34 -12.25
N TRP A 52 -2.01 -3.60 -11.36
CA TRP A 52 -0.66 -3.07 -11.50
C TRP A 52 -0.04 -3.70 -12.73
N ALA A 53 0.20 -5.00 -12.64
CA ALA A 53 0.79 -5.74 -13.75
C ALA A 53 0.05 -5.39 -15.04
N GLY A 54 -1.24 -5.64 -15.03
CA GLY A 54 -2.07 -5.36 -16.19
C GLY A 54 -1.75 -3.99 -16.78
N GLY A 55 -1.23 -3.12 -15.92
CA GLY A 55 -0.87 -1.78 -16.34
C GLY A 55 -2.08 -0.84 -16.26
N LYS A 56 -3.11 -1.32 -15.59
CA LYS A 56 -4.33 -0.53 -15.44
C LYS A 56 -4.06 0.66 -14.52
N LEU A 57 -2.90 0.60 -13.87
CA LEU A 57 -2.51 1.67 -12.95
C LEU A 57 -1.68 2.71 -13.71
N SER A 58 -1.66 3.91 -13.16
CA SER A 58 -0.92 5.00 -13.77
C SER A 58 0.52 5.00 -13.25
N ILE A 59 1.38 5.70 -13.98
CA ILE A 59 2.78 5.80 -13.62
C ILE A 59 2.90 6.48 -12.25
N PRO A 60 2.13 7.59 -12.09
CA PRO A 60 2.15 8.33 -10.84
C PRO A 60 1.35 7.60 -9.76
N VAL A 61 0.75 6.49 -10.16
CA VAL A 61 -0.04 5.69 -9.24
C VAL A 61 0.86 4.63 -8.59
N LYS A 62 1.87 4.23 -9.33
CA LYS A 62 2.81 3.23 -8.83
C LYS A 62 3.88 3.91 -7.98
N LYS A 63 4.29 5.09 -8.43
CA LYS A 63 5.29 5.86 -7.71
C LYS A 63 4.75 6.25 -6.34
N ARG A 64 3.47 6.60 -6.32
CA ARG A 64 2.83 7.00 -5.09
C ARG A 64 2.54 5.77 -4.21
N MET A 65 2.51 4.62 -4.86
CA MET A 65 2.26 3.38 -4.15
C MET A 65 3.50 2.93 -3.37
N ALA A 66 4.60 2.82 -4.09
CA ALA A 66 5.85 2.40 -3.47
C ALA A 66 6.14 3.29 -2.25
N LEU A 67 5.79 4.56 -2.40
CA LEU A 67 6.01 5.52 -1.33
C LEU A 67 5.31 5.03 -0.06
N LEU A 68 3.99 4.96 -0.13
CA LEU A 68 3.20 4.50 1.00
C LEU A 68 3.82 3.23 1.58
N VAL A 69 4.25 2.37 0.66
CA VAL A 69 4.86 1.11 1.07
C VAL A 69 6.15 1.41 1.86
N GLN A 70 7.05 2.12 1.22
CA GLN A 70 8.31 2.48 1.86
C GLN A 70 8.07 2.96 3.29
N GLU A 71 6.96 3.68 3.46
CA GLU A 71 6.61 4.20 4.77
C GLU A 71 6.22 3.06 5.71
N LEU A 72 5.32 2.21 5.22
CA LEU A 72 4.85 1.08 6.01
C LEU A 72 6.05 0.26 6.46
N LEU A 73 7.14 0.39 5.72
CA LEU A 73 8.36 -0.34 6.03
C LEU A 73 9.03 0.30 7.25
N HIS A 74 9.10 1.63 7.22
CA HIS A 74 9.71 2.37 8.31
C HIS A 74 8.73 2.46 9.48
N HIS A 75 7.54 1.90 9.25
CA HIS A 75 6.51 1.91 10.27
C HIS A 75 5.67 3.17 10.14
N GLN A 76 6.11 4.05 9.24
CA GLN A 76 5.40 5.30 9.00
C GLN A 76 4.01 5.01 8.43
N TRP A 77 3.07 4.75 9.32
CA TRP A 77 1.70 4.46 8.92
C TRP A 77 1.01 5.79 8.61
N ASP A 78 1.47 6.83 9.29
CA ASP A 78 0.91 8.16 9.11
C ASP A 78 1.19 8.63 7.68
N ALA A 79 2.33 8.18 7.16
CA ALA A 79 2.72 8.56 5.81
C ALA A 79 1.95 7.70 4.80
N ALA A 80 1.99 6.39 5.04
CA ALA A 80 1.30 5.46 4.17
C ALA A 80 -0.11 5.96 3.89
N ASP A 81 -0.74 6.48 4.94
CA ASP A 81 -2.09 7.00 4.83
C ASP A 81 -2.07 8.28 3.98
N ASP A 82 -1.23 9.22 4.39
CA ASP A 82 -1.11 10.48 3.68
C ASP A 82 -1.08 10.21 2.18
N ILE A 83 -0.19 9.31 1.79
CA ILE A 83 -0.04 8.95 0.39
C ILE A 83 -1.32 8.27 -0.10
N HIS A 84 -1.76 7.28 0.67
CA HIS A 84 -2.96 6.54 0.32
C HIS A 84 -4.08 7.52 -0.01
N ARG A 85 -4.21 8.54 0.82
CA ARG A 85 -5.23 9.55 0.63
C ARG A 85 -5.04 10.24 -0.73
N SER A 86 -3.89 10.86 -0.89
CA SER A 86 -3.57 11.55 -2.14
C SER A 86 -3.94 10.67 -3.33
N LEU A 87 -3.83 9.36 -3.11
CA LEU A 87 -4.15 8.40 -4.17
C LEU A 87 -5.66 8.28 -4.30
N MET A 88 -6.31 8.15 -3.15
CA MET A 88 -7.77 8.03 -3.13
C MET A 88 -8.44 9.34 -3.53
N VAL A 89 -7.61 10.39 -3.65
CA VAL A 89 -8.12 11.69 -4.02
C VAL A 89 -8.25 11.77 -5.55
N ASP A 90 -7.13 11.51 -6.22
CA ASP A 90 -7.11 11.55 -7.67
C ASP A 90 -7.32 10.13 -8.21
N HIS A 91 -6.32 9.30 -8.02
CA HIS A 91 -6.37 7.92 -8.47
C HIS A 91 -7.25 7.11 -7.53
N VAL A 92 -8.52 7.50 -7.45
CA VAL A 92 -9.46 6.81 -6.58
C VAL A 92 -10.04 5.61 -7.32
N THR A 93 -10.56 5.88 -8.52
CA THR A 93 -11.15 4.83 -9.33
C THR A 93 -10.09 3.79 -9.70
N GLU A 94 -8.85 4.13 -9.44
CA GLU A 94 -7.74 3.24 -9.73
C GLU A 94 -7.37 2.43 -8.49
N VAL A 95 -6.96 3.15 -7.45
CA VAL A 95 -6.59 2.50 -6.21
C VAL A 95 -7.79 1.78 -5.61
N SER A 96 -8.97 2.29 -5.96
CA SER A 96 -10.21 1.70 -5.47
C SER A 96 -10.34 0.26 -5.95
N GLN A 97 -11.21 -0.47 -5.29
CA GLN A 97 -11.43 -1.86 -5.63
C GLN A 97 -10.41 -2.76 -4.93
N TRP A 98 -9.53 -2.12 -4.17
CA TRP A 98 -8.49 -2.84 -3.45
C TRP A 98 -7.94 -1.91 -2.37
N MET A 99 -7.68 -0.66 -2.78
CA MET A 99 -7.15 0.33 -1.86
C MET A 99 -7.74 0.15 -0.46
N VAL A 100 -8.99 -0.31 -0.43
CA VAL A 100 -9.67 -0.51 0.83
C VAL A 100 -8.82 -1.41 1.73
N GLY A 101 -8.39 -2.53 1.17
CA GLY A 101 -7.56 -3.47 1.89
C GLY A 101 -6.31 -2.79 2.46
N VAL A 102 -5.53 -2.23 1.54
CA VAL A 102 -4.31 -1.54 1.93
C VAL A 102 -4.58 -0.68 3.17
N LYS A 103 -5.62 0.14 3.06
CA LYS A 103 -5.98 1.01 4.16
C LYS A 103 -6.01 0.20 5.46
N ARG A 104 -6.69 -0.93 5.40
CA ARG A 104 -6.79 -1.79 6.57
C ARG A 104 -5.42 -2.35 6.95
N LEU A 105 -4.78 -2.99 5.97
CA LEU A 105 -3.47 -3.57 6.18
C LEU A 105 -2.62 -2.61 7.00
N ILE A 106 -2.61 -1.36 6.58
CA ILE A 106 -1.84 -0.33 7.27
C ILE A 106 -2.17 -0.37 8.76
N ALA A 107 -3.42 -0.05 9.07
CA ALA A 107 -3.87 -0.04 10.45
C ALA A 107 -3.39 -1.32 11.15
N GLU A 108 -3.62 -2.44 10.48
CA GLU A 108 -3.22 -3.73 11.02
C GLU A 108 -1.72 -3.72 11.36
N LYS A 109 -0.92 -3.62 10.31
CA LYS A 109 0.53 -3.61 10.47
C LYS A 109 0.88 -2.73 11.69
N LYS A 110 0.38 -1.51 11.65
CA LYS A 110 0.63 -0.57 12.74
C LYS A 110 0.36 -1.25 14.08
N SER A 111 -0.79 -1.90 14.15
CA SER A 111 -1.19 -2.59 15.36
C SER A 111 -0.11 -3.58 15.78
N LEU A 112 0.21 -4.49 14.86
CA LEU A 112 1.23 -5.49 15.12
C LEU A 112 2.45 -4.82 15.75
N SER A 113 3.02 -3.88 15.01
CA SER A 113 4.19 -3.16 15.48
C SER A 113 4.03 -2.82 16.97
N GLY A 114 2.93 -2.13 17.26
CA GLY A 114 2.64 -1.72 18.62
C GLY A 114 3.76 -0.86 19.19
N PRO A 115 3.69 0.46 18.87
CA PRO A 115 4.69 1.40 19.34
C PRO A 115 4.50 1.72 20.82
N SER A 116 5.57 2.18 21.44
CA SER A 116 5.53 2.53 22.85
C SER A 116 6.09 3.93 23.06
N SER A 117 7.36 4.09 22.72
CA SER A 117 8.03 5.37 22.87
C SER A 117 8.47 5.89 21.50
N GLY A 118 9.30 5.08 20.84
CA GLY A 118 9.81 5.43 19.53
C GLY A 118 10.00 4.19 18.66
N GLY A 1 -0.09 -1.52 -28.03
CA GLY A 1 -1.23 -1.19 -28.85
C GLY A 1 -1.58 0.30 -28.75
N SER A 2 -2.43 0.74 -29.66
CA SER A 2 -2.85 2.13 -29.67
C SER A 2 -3.23 2.58 -28.25
N SER A 3 -2.38 3.44 -27.70
CA SER A 3 -2.61 3.95 -26.36
C SER A 3 -1.47 4.88 -25.95
N GLY A 4 -1.73 5.66 -24.92
CA GLY A 4 -0.74 6.61 -24.42
C GLY A 4 0.19 5.94 -23.40
N SER A 5 1.45 5.81 -23.79
CA SER A 5 2.44 5.21 -22.93
C SER A 5 3.85 5.67 -23.33
N SER A 6 4.34 6.66 -22.61
CA SER A 6 5.66 7.20 -22.88
C SER A 6 6.72 6.41 -22.12
N GLY A 7 7.95 6.51 -22.59
CA GLY A 7 9.05 5.81 -21.97
C GLY A 7 9.04 6.02 -20.44
N VAL A 8 9.49 4.98 -19.74
CA VAL A 8 9.54 5.03 -18.29
C VAL A 8 10.95 5.41 -17.84
N ILE A 9 11.24 6.69 -17.93
CA ILE A 9 12.54 7.19 -17.54
C ILE A 9 12.40 8.05 -16.27
N GLU A 10 13.43 8.00 -15.44
CA GLU A 10 13.42 8.76 -14.21
C GLU A 10 12.30 8.28 -13.28
N SER A 11 12.70 7.80 -12.11
CA SER A 11 11.74 7.31 -11.15
C SER A 11 11.07 6.04 -11.67
N GLU A 12 11.41 4.92 -11.05
CA GLU A 12 10.86 3.63 -11.44
C GLU A 12 10.60 2.77 -10.21
N THR A 13 9.80 1.73 -10.40
CA THR A 13 9.47 0.82 -9.33
C THR A 13 9.03 -0.54 -9.89
N LEU A 14 9.40 -1.59 -9.17
CA LEU A 14 9.06 -2.93 -9.58
C LEU A 14 7.80 -3.39 -8.82
N ILE A 15 6.94 -4.10 -9.54
CA ILE A 15 5.70 -4.59 -8.97
C ILE A 15 6.04 -5.54 -7.81
N GLU A 16 7.13 -6.26 -7.98
CA GLU A 16 7.57 -7.21 -6.97
C GLU A 16 8.21 -6.47 -5.78
N ASP A 17 8.39 -5.17 -5.97
CA ASP A 17 8.97 -4.34 -4.93
C ASP A 17 7.86 -3.67 -4.13
N VAL A 18 6.72 -3.51 -4.78
CA VAL A 18 5.57 -2.89 -4.14
C VAL A 18 4.66 -3.98 -3.57
N LEU A 19 4.82 -5.18 -4.10
CA LEU A 19 4.03 -6.31 -3.65
C LEU A 19 4.77 -7.05 -2.54
N ARG A 20 6.09 -7.10 -2.69
CA ARG A 20 6.92 -7.77 -1.71
C ARG A 20 6.50 -7.38 -0.29
N PRO A 21 6.40 -6.03 -0.08
CA PRO A 21 6.02 -5.52 1.22
C PRO A 21 4.52 -5.70 1.46
N LEU A 22 3.74 -5.28 0.48
CA LEU A 22 2.29 -5.38 0.57
C LEU A 22 1.92 -6.81 0.98
N GLU A 23 2.59 -7.76 0.36
CA GLU A 23 2.35 -9.17 0.66
C GLU A 23 2.88 -9.53 2.05
N GLN A 24 4.12 -9.13 2.30
CA GLN A 24 4.75 -9.40 3.57
C GLN A 24 3.81 -9.02 4.72
N ALA A 25 3.14 -7.89 4.55
CA ALA A 25 2.21 -7.41 5.56
C ALA A 25 1.07 -8.42 5.71
N LEU A 26 0.51 -8.81 4.57
CA LEU A 26 -0.59 -9.76 4.57
C LEU A 26 -0.21 -10.97 5.43
N GLU A 27 1.08 -11.29 5.40
CA GLU A 27 1.59 -12.42 6.17
C GLU A 27 1.57 -12.10 7.66
N ASP A 28 1.72 -10.82 7.96
CA ASP A 28 1.73 -10.37 9.34
C ASP A 28 0.30 -10.39 9.89
N CYS A 29 -0.64 -10.15 8.99
CA CYS A 29 -2.05 -10.14 9.36
C CYS A 29 -2.58 -11.57 9.27
N HIS A 30 -2.13 -12.27 8.25
CA HIS A 30 -2.55 -13.65 8.04
C HIS A 30 -2.31 -14.46 9.31
N GLY A 31 -1.25 -14.09 10.02
CA GLY A 31 -0.91 -14.77 11.26
C GLY A 31 -1.26 -13.91 12.47
N HIS A 32 -2.34 -13.16 12.34
CA HIS A 32 -2.79 -12.29 13.42
C HIS A 32 -4.27 -11.96 13.22
N THR A 33 -4.54 -11.20 12.17
CA THR A 33 -5.90 -10.81 11.86
C THR A 33 -6.75 -12.04 11.51
N LYS A 34 -8.04 -11.91 11.74
CA LYS A 34 -8.97 -13.00 11.45
C LYS A 34 -8.78 -13.45 10.00
N LYS A 35 -8.69 -14.76 9.84
CA LYS A 35 -8.51 -15.32 8.51
C LYS A 35 -9.48 -14.65 7.54
N GLN A 36 -10.67 -14.35 8.05
CA GLN A 36 -11.69 -13.70 7.23
C GLN A 36 -11.17 -12.37 6.69
N VAL A 37 -11.03 -11.42 7.59
CA VAL A 37 -10.55 -10.10 7.23
C VAL A 37 -9.29 -10.24 6.35
N CYS A 38 -8.57 -11.33 6.59
CA CYS A 38 -7.36 -11.59 5.83
C CYS A 38 -7.76 -11.97 4.40
N ASP A 39 -8.71 -12.88 4.30
CA ASP A 39 -9.18 -13.33 3.01
C ASP A 39 -9.78 -12.15 2.25
N ASP A 40 -10.23 -11.16 3.01
CA ASP A 40 -10.82 -9.97 2.42
C ASP A 40 -9.70 -9.08 1.86
N ILE A 41 -8.70 -8.85 2.69
CA ILE A 41 -7.58 -8.01 2.29
C ILE A 41 -6.92 -8.62 1.04
N SER A 42 -6.53 -9.87 1.17
CA SER A 42 -5.90 -10.57 0.06
C SER A 42 -6.67 -10.32 -1.23
N ARG A 43 -7.95 -10.66 -1.20
CA ARG A 43 -8.80 -10.47 -2.37
C ARG A 43 -8.45 -9.16 -3.07
N ARG A 44 -8.10 -8.16 -2.26
CA ARG A 44 -7.75 -6.86 -2.80
C ARG A 44 -6.38 -6.92 -3.49
N LEU A 45 -5.39 -7.36 -2.74
CA LEU A 45 -4.05 -7.47 -3.26
C LEU A 45 -4.09 -8.18 -4.62
N ALA A 46 -4.77 -9.31 -4.64
CA ALA A 46 -4.91 -10.09 -5.87
C ALA A 46 -5.25 -9.15 -7.02
N LEU A 47 -6.02 -8.12 -6.71
CA LEU A 47 -6.43 -7.15 -7.71
C LEU A 47 -5.32 -6.12 -7.89
N LEU A 48 -5.00 -5.44 -6.80
CA LEU A 48 -3.95 -4.43 -6.82
C LEU A 48 -2.79 -4.92 -7.70
N ARG A 49 -2.50 -6.20 -7.58
CA ARG A 49 -1.43 -6.79 -8.36
C ARG A 49 -1.84 -6.92 -9.82
N GLU A 50 -2.87 -7.72 -10.06
CA GLU A 50 -3.37 -7.92 -11.40
C GLU A 50 -3.44 -6.60 -12.15
N GLN A 51 -4.03 -5.61 -11.49
CA GLN A 51 -4.16 -4.29 -12.09
C GLN A 51 -2.78 -3.66 -12.33
N TRP A 52 -1.88 -3.92 -11.39
CA TRP A 52 -0.53 -3.40 -11.50
C TRP A 52 0.14 -4.06 -12.70
N ALA A 53 0.34 -5.36 -12.59
CA ALA A 53 0.97 -6.12 -13.66
C ALA A 53 0.19 -5.89 -14.96
N GLY A 54 -1.08 -6.27 -14.93
CA GLY A 54 -1.94 -6.12 -16.09
C GLY A 54 -1.61 -4.83 -16.85
N GLY A 55 -1.25 -3.80 -16.09
CA GLY A 55 -0.91 -2.53 -16.68
C GLY A 55 -2.12 -1.59 -16.71
N LYS A 56 -3.11 -1.92 -15.87
CA LYS A 56 -4.32 -1.14 -15.80
C LYS A 56 -4.10 0.05 -14.87
N LEU A 57 -3.07 -0.07 -14.05
CA LEU A 57 -2.73 0.99 -13.10
C LEU A 57 -2.07 2.15 -13.86
N SER A 58 -1.71 3.17 -13.09
CA SER A 58 -1.07 4.34 -13.66
C SER A 58 0.38 4.44 -13.16
N ILE A 59 1.23 5.01 -14.00
CA ILE A 59 2.62 5.19 -13.66
C ILE A 59 2.73 5.99 -12.36
N PRO A 60 1.94 7.09 -12.31
CA PRO A 60 1.94 7.95 -11.13
C PRO A 60 1.18 7.31 -9.98
N VAL A 61 0.54 6.18 -10.29
CA VAL A 61 -0.22 5.46 -9.30
C VAL A 61 0.69 4.45 -8.58
N LYS A 62 1.81 4.17 -9.21
CA LYS A 62 2.78 3.24 -8.65
C LYS A 62 3.84 4.02 -7.87
N LYS A 63 4.30 5.10 -8.48
CA LYS A 63 5.31 5.93 -7.86
C LYS A 63 4.81 6.41 -6.50
N ARG A 64 3.51 6.64 -6.44
CA ARG A 64 2.88 7.10 -5.21
C ARG A 64 2.68 5.93 -4.24
N MET A 65 2.38 4.78 -4.82
CA MET A 65 2.16 3.58 -4.02
C MET A 65 3.43 3.17 -3.29
N ALA A 66 4.50 3.02 -4.06
CA ALA A 66 5.78 2.64 -3.50
C ALA A 66 6.09 3.52 -2.28
N LEU A 67 5.80 4.80 -2.44
CA LEU A 67 6.04 5.76 -1.37
C LEU A 67 5.39 5.25 -0.08
N LEU A 68 4.06 5.24 -0.10
CA LEU A 68 3.31 4.78 1.05
C LEU A 68 3.94 3.50 1.59
N VAL A 69 4.26 2.60 0.67
CA VAL A 69 4.88 1.33 1.04
C VAL A 69 6.17 1.61 1.81
N GLN A 70 7.06 2.35 1.16
CA GLN A 70 8.33 2.69 1.77
C GLN A 70 8.13 3.19 3.20
N GLU A 71 6.93 3.71 3.45
CA GLU A 71 6.61 4.23 4.77
C GLU A 71 6.18 3.08 5.69
N LEU A 72 5.45 2.14 5.12
CA LEU A 72 4.98 0.99 5.88
C LEU A 72 6.18 0.15 6.31
N LEU A 73 7.28 0.33 5.59
CA LEU A 73 8.49 -0.41 5.90
C LEU A 73 9.18 0.22 7.10
N HIS A 74 9.18 1.55 7.13
CA HIS A 74 9.79 2.28 8.22
C HIS A 74 8.81 2.40 9.38
N HIS A 75 7.61 1.87 9.16
CA HIS A 75 6.58 1.89 10.18
C HIS A 75 5.81 3.21 10.07
N GLN A 76 6.23 4.04 9.14
CA GLN A 76 5.59 5.33 8.93
C GLN A 76 4.18 5.13 8.36
N TRP A 77 3.30 4.63 9.23
CA TRP A 77 1.92 4.38 8.82
C TRP A 77 1.28 5.73 8.50
N ASP A 78 1.48 6.68 9.39
CA ASP A 78 0.93 8.01 9.21
C ASP A 78 1.24 8.50 7.80
N ALA A 79 2.51 8.44 7.44
CA ALA A 79 2.95 8.86 6.13
C ALA A 79 2.19 8.07 5.06
N ALA A 80 2.27 6.75 5.18
CA ALA A 80 1.61 5.87 4.23
C ALA A 80 0.15 6.31 4.07
N ASP A 81 -0.47 6.62 5.21
CA ASP A 81 -1.85 7.06 5.20
C ASP A 81 -1.98 8.37 4.42
N ASP A 82 -0.98 9.24 4.62
CA ASP A 82 -0.96 10.52 3.94
C ASP A 82 -0.92 10.29 2.43
N ILE A 83 0.07 9.51 2.01
CA ILE A 83 0.23 9.22 0.60
C ILE A 83 -1.00 8.47 0.10
N HIS A 84 -1.48 7.53 0.90
CA HIS A 84 -2.65 6.76 0.55
C HIS A 84 -3.79 7.69 0.15
N ARG A 85 -3.96 8.74 0.93
CA ARG A 85 -4.99 9.71 0.66
C ARG A 85 -4.74 10.42 -0.67
N SER A 86 -3.52 10.93 -0.81
CA SER A 86 -3.14 11.62 -2.02
C SER A 86 -3.57 10.81 -3.25
N LEU A 87 -3.45 9.50 -3.12
CA LEU A 87 -3.82 8.61 -4.20
C LEU A 87 -5.34 8.55 -4.31
N MET A 88 -6.00 8.61 -3.16
CA MET A 88 -7.45 8.57 -3.12
C MET A 88 -8.06 9.89 -3.58
N VAL A 89 -7.18 10.88 -3.75
CA VAL A 89 -7.61 12.19 -4.19
C VAL A 89 -7.85 12.16 -5.71
N ASP A 90 -6.84 11.71 -6.43
CA ASP A 90 -6.93 11.62 -7.87
C ASP A 90 -7.36 10.21 -8.27
N HIS A 91 -6.45 9.27 -8.07
CA HIS A 91 -6.72 7.88 -8.40
C HIS A 91 -7.52 7.22 -7.27
N VAL A 92 -8.72 7.73 -7.06
CA VAL A 92 -9.59 7.21 -6.02
C VAL A 92 -10.26 5.93 -6.51
N THR A 93 -10.66 5.96 -7.77
CA THR A 93 -11.32 4.83 -8.38
C THR A 93 -10.31 3.71 -8.65
N GLU A 94 -9.29 4.05 -9.43
CA GLU A 94 -8.25 3.10 -9.78
C GLU A 94 -7.81 2.31 -8.54
N VAL A 95 -7.40 3.07 -7.53
CA VAL A 95 -6.95 2.46 -6.28
C VAL A 95 -8.10 1.65 -5.67
N SER A 96 -9.31 2.15 -5.86
CA SER A 96 -10.49 1.49 -5.34
C SER A 96 -10.47 0.01 -5.75
N GLN A 97 -11.48 -0.71 -5.28
CA GLN A 97 -11.60 -2.12 -5.59
C GLN A 97 -10.50 -2.91 -4.88
N TRP A 98 -9.72 -2.19 -4.09
CA TRP A 98 -8.62 -2.81 -3.36
C TRP A 98 -8.12 -1.80 -2.33
N MET A 99 -7.98 -0.56 -2.77
CA MET A 99 -7.51 0.51 -1.90
C MET A 99 -8.02 0.31 -0.47
N VAL A 100 -9.25 -0.19 -0.37
CA VAL A 100 -9.87 -0.42 0.91
C VAL A 100 -8.95 -1.33 1.75
N GLY A 101 -8.61 -2.46 1.16
CA GLY A 101 -7.75 -3.41 1.84
C GLY A 101 -6.50 -2.73 2.40
N VAL A 102 -5.77 -2.08 1.52
CA VAL A 102 -4.56 -1.38 1.91
C VAL A 102 -4.82 -0.60 3.20
N LYS A 103 -5.87 0.20 3.16
CA LYS A 103 -6.24 1.01 4.31
C LYS A 103 -6.27 0.12 5.55
N ARG A 104 -6.80 -1.08 5.39
CA ARG A 104 -6.90 -2.02 6.48
C ARG A 104 -5.51 -2.57 6.82
N LEU A 105 -4.86 -3.13 5.81
CA LEU A 105 -3.54 -3.70 6.00
C LEU A 105 -2.71 -2.75 6.88
N ILE A 106 -2.68 -1.49 6.48
CA ILE A 106 -1.92 -0.48 7.21
C ILE A 106 -2.31 -0.56 8.69
N ALA A 107 -3.57 -0.28 8.95
CA ALA A 107 -4.08 -0.30 10.31
C ALA A 107 -3.57 -1.56 11.01
N GLU A 108 -3.80 -2.70 10.37
CA GLU A 108 -3.36 -3.97 10.92
C GLU A 108 -1.87 -3.92 11.26
N LYS A 109 -1.07 -3.71 10.23
CA LYS A 109 0.37 -3.64 10.42
C LYS A 109 0.69 -2.75 11.62
N LYS A 110 0.21 -1.53 11.55
CA LYS A 110 0.44 -0.56 12.62
C LYS A 110 0.02 -1.19 13.95
N SER A 111 -1.22 -1.66 13.99
CA SER A 111 -1.75 -2.29 15.19
C SER A 111 -0.72 -3.26 15.77
N LEU A 112 -0.26 -4.17 14.92
CA LEU A 112 0.72 -5.16 15.35
C LEU A 112 1.83 -4.46 16.14
N SER A 113 2.40 -3.44 15.50
CA SER A 113 3.47 -2.68 16.13
C SER A 113 2.89 -1.52 16.94
N GLY A 114 2.46 -1.83 18.15
CA GLY A 114 1.89 -0.83 19.03
C GLY A 114 2.64 -0.77 20.36
N PRO A 115 3.78 -0.02 20.34
CA PRO A 115 4.60 0.12 21.54
C PRO A 115 3.93 1.08 22.53
N SER A 116 4.18 0.82 23.81
CA SER A 116 3.62 1.65 24.86
C SER A 116 2.10 1.69 24.75
N SER A 117 1.45 0.84 25.54
CA SER A 117 0.00 0.77 25.53
C SER A 117 -0.52 0.51 26.94
N GLY A 118 -0.06 -0.61 27.50
CA GLY A 118 -0.47 -0.98 28.85
C GLY A 118 0.65 -1.73 29.57
N GLY A 1 16.89 31.24 5.27
CA GLY A 1 16.10 30.03 5.25
C GLY A 1 14.84 30.21 4.40
N SER A 2 15.01 29.96 3.10
CA SER A 2 13.91 30.09 2.17
C SER A 2 13.89 28.90 1.21
N SER A 3 12.70 28.58 0.72
CA SER A 3 12.54 27.46 -0.20
C SER A 3 11.09 27.36 -0.64
N GLY A 4 10.86 26.52 -1.63
CA GLY A 4 9.52 26.32 -2.16
C GLY A 4 9.18 24.83 -2.25
N SER A 5 8.44 24.49 -3.29
CA SER A 5 8.03 23.11 -3.51
C SER A 5 7.82 22.86 -5.00
N SER A 6 8.18 21.64 -5.42
CA SER A 6 8.03 21.27 -6.82
C SER A 6 7.94 19.75 -6.94
N GLY A 7 7.36 19.30 -8.04
CA GLY A 7 7.21 17.88 -8.30
C GLY A 7 8.42 17.32 -9.06
N VAL A 8 8.59 16.01 -8.95
CA VAL A 8 9.70 15.35 -9.62
C VAL A 8 9.39 13.85 -9.74
N ILE A 9 9.85 13.27 -10.83
CA ILE A 9 9.64 11.85 -11.07
C ILE A 9 10.91 11.26 -11.69
N GLU A 10 11.29 10.10 -11.17
CA GLU A 10 12.47 9.41 -11.66
C GLU A 10 12.57 8.02 -11.03
N SER A 11 13.32 7.15 -11.70
CA SER A 11 13.50 5.79 -11.22
C SER A 11 12.15 5.07 -11.17
N GLU A 12 11.97 4.15 -12.10
CA GLU A 12 10.73 3.39 -12.18
C GLU A 12 10.58 2.51 -10.94
N THR A 13 9.45 1.82 -10.87
CA THR A 13 9.17 0.95 -9.75
C THR A 13 8.66 -0.41 -10.24
N LEU A 14 9.04 -1.44 -9.51
CA LEU A 14 8.63 -2.79 -9.86
C LEU A 14 7.43 -3.20 -9.00
N ILE A 15 6.58 -4.03 -9.59
CA ILE A 15 5.39 -4.49 -8.89
C ILE A 15 5.81 -5.37 -7.71
N GLU A 16 6.73 -6.29 -7.99
CA GLU A 16 7.23 -7.19 -6.96
C GLU A 16 7.97 -6.40 -5.88
N ASP A 17 8.22 -5.14 -6.17
CA ASP A 17 8.92 -4.28 -5.24
C ASP A 17 7.90 -3.59 -4.33
N VAL A 18 6.71 -3.38 -4.88
CA VAL A 18 5.65 -2.74 -4.12
C VAL A 18 4.73 -3.81 -3.53
N LEU A 19 4.83 -5.01 -4.09
CA LEU A 19 4.03 -6.12 -3.61
C LEU A 19 4.79 -6.89 -2.54
N ARG A 20 6.10 -6.98 -2.75
CA ARG A 20 6.96 -7.69 -1.80
C ARG A 20 6.56 -7.35 -0.37
N PRO A 21 6.47 -6.02 -0.10
CA PRO A 21 6.10 -5.54 1.22
C PRO A 21 4.61 -5.73 1.47
N LEU A 22 3.81 -5.21 0.56
CA LEU A 22 2.37 -5.30 0.67
C LEU A 22 1.99 -6.73 1.06
N GLU A 23 2.75 -7.68 0.53
CA GLU A 23 2.50 -9.08 0.81
C GLU A 23 3.00 -9.43 2.22
N GLN A 24 4.21 -8.98 2.51
CA GLN A 24 4.81 -9.24 3.81
C GLN A 24 3.81 -8.93 4.93
N ALA A 25 3.02 -7.89 4.69
CA ALA A 25 2.03 -7.48 5.67
C ALA A 25 0.90 -8.52 5.72
N LEU A 26 0.40 -8.85 4.54
CA LEU A 26 -0.68 -9.82 4.42
C LEU A 26 -0.33 -11.07 5.26
N GLU A 27 0.69 -11.78 4.79
CA GLU A 27 1.13 -12.97 5.48
C GLU A 27 1.20 -12.73 6.99
N ASP A 28 1.83 -11.62 7.34
CA ASP A 28 1.98 -11.26 8.74
C ASP A 28 0.59 -11.16 9.39
N CYS A 29 -0.36 -10.67 8.61
CA CYS A 29 -1.72 -10.53 9.08
C CYS A 29 -2.37 -11.91 9.10
N HIS A 30 -2.05 -12.70 8.08
CA HIS A 30 -2.59 -14.05 7.98
C HIS A 30 -2.21 -14.85 9.21
N GLY A 31 -1.14 -14.41 9.87
CA GLY A 31 -0.66 -15.08 11.07
C GLY A 31 -0.82 -14.19 12.30
N HIS A 32 -1.76 -13.27 12.20
CA HIS A 32 -2.02 -12.34 13.30
C HIS A 32 -3.48 -11.89 13.25
N THR A 33 -3.80 -11.17 12.18
CA THR A 33 -5.16 -10.66 12.00
C THR A 33 -6.10 -11.80 11.63
N LYS A 34 -7.36 -11.62 11.97
CA LYS A 34 -8.37 -12.62 11.67
C LYS A 34 -8.13 -13.19 10.27
N LYS A 35 -8.68 -14.37 10.05
CA LYS A 35 -8.53 -15.03 8.76
C LYS A 35 -9.45 -14.36 7.74
N GLN A 36 -10.69 -14.16 8.15
CA GLN A 36 -11.68 -13.53 7.29
C GLN A 36 -11.18 -12.15 6.84
N VAL A 37 -10.55 -11.45 7.76
CA VAL A 37 -10.03 -10.12 7.47
C VAL A 37 -8.93 -10.23 6.40
N CYS A 38 -8.01 -11.16 6.63
CA CYS A 38 -6.92 -11.36 5.71
C CYS A 38 -7.51 -11.71 4.34
N ASP A 39 -8.30 -12.77 4.32
CA ASP A 39 -8.93 -13.20 3.09
C ASP A 39 -9.52 -12.00 2.36
N ASP A 40 -10.07 -11.08 3.15
CA ASP A 40 -10.66 -9.88 2.59
C ASP A 40 -9.55 -8.99 1.99
N ILE A 41 -8.58 -8.67 2.83
CA ILE A 41 -7.47 -7.84 2.40
C ILE A 41 -6.80 -8.48 1.19
N SER A 42 -6.34 -9.72 1.38
CA SER A 42 -5.68 -10.45 0.32
C SER A 42 -6.49 -10.32 -0.98
N ARG A 43 -7.77 -10.59 -0.87
CA ARG A 43 -8.66 -10.52 -2.02
C ARG A 43 -8.38 -9.24 -2.82
N ARG A 44 -8.07 -8.18 -2.08
CA ARG A 44 -7.78 -6.91 -2.70
C ARG A 44 -6.44 -6.96 -3.45
N LEU A 45 -5.41 -7.36 -2.72
CA LEU A 45 -4.08 -7.47 -3.30
C LEU A 45 -4.17 -8.17 -4.65
N ALA A 46 -4.82 -9.33 -4.64
CA ALA A 46 -4.97 -10.12 -5.86
C ALA A 46 -5.40 -9.18 -7.00
N LEU A 47 -6.18 -8.17 -6.64
CA LEU A 47 -6.65 -7.21 -7.63
C LEU A 47 -5.55 -6.20 -7.91
N LEU A 48 -5.07 -5.58 -6.84
CA LEU A 48 -4.02 -4.58 -6.96
C LEU A 48 -2.97 -5.07 -7.97
N ARG A 49 -2.38 -6.21 -7.65
CA ARG A 49 -1.37 -6.79 -8.51
C ARG A 49 -1.89 -6.91 -9.95
N GLU A 50 -2.95 -7.70 -10.09
CA GLU A 50 -3.55 -7.90 -11.39
C GLU A 50 -3.68 -6.57 -12.13
N GLN A 51 -4.14 -5.56 -11.41
CA GLN A 51 -4.31 -4.24 -11.98
C GLN A 51 -2.95 -3.60 -12.26
N TRP A 52 -2.02 -3.85 -11.36
CA TRP A 52 -0.68 -3.30 -11.50
C TRP A 52 -0.04 -3.95 -12.73
N ALA A 53 0.09 -5.26 -12.68
CA ALA A 53 0.68 -6.02 -13.78
C ALA A 53 -0.17 -5.82 -15.03
N GLY A 54 -1.45 -6.13 -14.89
CA GLY A 54 -2.39 -6.00 -16.00
C GLY A 54 -2.06 -4.76 -16.84
N GLY A 55 -1.56 -3.74 -16.16
CA GLY A 55 -1.21 -2.50 -16.83
C GLY A 55 -2.34 -1.47 -16.73
N LYS A 56 -3.25 -1.73 -15.79
CA LYS A 56 -4.38 -0.85 -15.58
C LYS A 56 -3.96 0.30 -14.65
N LEU A 57 -2.97 0.01 -13.82
CA LEU A 57 -2.47 1.01 -12.89
C LEU A 57 -1.63 2.04 -13.65
N SER A 58 -1.73 3.28 -13.21
CA SER A 58 -0.98 4.36 -13.83
C SER A 58 0.46 4.37 -13.34
N ILE A 59 1.30 5.05 -14.10
CA ILE A 59 2.72 5.13 -13.75
C ILE A 59 2.88 5.95 -12.47
N PRO A 60 2.14 7.09 -12.43
CA PRO A 60 2.19 7.97 -11.26
C PRO A 60 1.40 7.37 -10.09
N VAL A 61 0.74 6.25 -10.37
CA VAL A 61 -0.05 5.58 -9.35
C VAL A 61 0.84 4.57 -8.62
N LYS A 62 1.94 4.22 -9.26
CA LYS A 62 2.87 3.26 -8.68
C LYS A 62 3.97 4.02 -7.93
N LYS A 63 4.50 5.04 -8.59
CA LYS A 63 5.54 5.85 -7.99
C LYS A 63 5.07 6.38 -6.64
N ARG A 64 3.77 6.61 -6.55
CA ARG A 64 3.17 7.11 -5.32
C ARG A 64 3.06 5.99 -4.29
N MET A 65 2.56 4.86 -4.75
CA MET A 65 2.38 3.70 -3.88
C MET A 65 3.70 3.36 -3.17
N ALA A 66 4.72 3.10 -3.96
CA ALA A 66 6.03 2.75 -3.42
C ALA A 66 6.31 3.63 -2.19
N LEU A 67 5.79 4.84 -2.24
CA LEU A 67 5.97 5.78 -1.14
C LEU A 67 5.27 5.25 0.10
N LEU A 68 3.96 5.10 -0.01
CA LEU A 68 3.16 4.59 1.09
C LEU A 68 3.84 3.34 1.67
N VAL A 69 4.26 2.47 0.77
CA VAL A 69 4.92 1.24 1.17
C VAL A 69 6.16 1.58 2.00
N GLN A 70 7.10 2.25 1.36
CA GLN A 70 8.34 2.64 2.01
C GLN A 70 8.06 3.07 3.45
N GLU A 71 6.95 3.79 3.62
CA GLU A 71 6.56 4.26 4.94
C GLU A 71 6.19 3.08 5.83
N LEU A 72 5.28 2.27 5.34
CA LEU A 72 4.82 1.11 6.08
C LEU A 72 6.03 0.30 6.55
N LEU A 73 7.09 0.39 5.77
CA LEU A 73 8.32 -0.33 6.10
C LEU A 73 8.95 0.30 7.35
N HIS A 74 9.03 1.62 7.33
CA HIS A 74 9.62 2.35 8.45
C HIS A 74 8.60 2.41 9.60
N HIS A 75 7.43 1.84 9.34
CA HIS A 75 6.37 1.83 10.34
C HIS A 75 5.55 3.11 10.23
N GLN A 76 6.00 4.00 9.35
CA GLN A 76 5.32 5.26 9.15
C GLN A 76 3.91 5.03 8.58
N TRP A 77 3.01 4.63 9.46
CA TRP A 77 1.64 4.37 9.05
C TRP A 77 0.96 5.71 8.78
N ASP A 78 1.37 6.72 9.54
CA ASP A 78 0.81 8.05 9.38
C ASP A 78 1.08 8.54 7.96
N ALA A 79 2.25 8.16 7.44
CA ALA A 79 2.63 8.55 6.10
C ALA A 79 1.88 7.69 5.08
N ALA A 80 1.92 6.39 5.30
CA ALA A 80 1.25 5.46 4.41
C ALA A 80 -0.12 6.01 4.03
N ASP A 81 -0.89 6.35 5.06
CA ASP A 81 -2.23 6.89 4.85
C ASP A 81 -2.12 8.19 4.04
N ASP A 82 -1.30 9.09 4.54
CA ASP A 82 -1.10 10.37 3.88
C ASP A 82 -1.02 10.15 2.36
N ILE A 83 0.01 9.43 1.96
CA ILE A 83 0.22 9.14 0.55
C ILE A 83 -1.06 8.52 -0.03
N HIS A 84 -1.50 7.45 0.60
CA HIS A 84 -2.70 6.76 0.17
C HIS A 84 -3.77 7.78 -0.23
N ARG A 85 -4.09 8.66 0.72
CA ARG A 85 -5.08 9.69 0.50
C ARG A 85 -4.80 10.40 -0.83
N SER A 86 -3.61 10.99 -0.90
CA SER A 86 -3.22 11.71 -2.10
C SER A 86 -3.50 10.86 -3.34
N LEU A 87 -3.32 9.56 -3.19
CA LEU A 87 -3.56 8.64 -4.28
C LEU A 87 -5.07 8.51 -4.52
N MET A 88 -5.82 8.62 -3.43
CA MET A 88 -7.26 8.52 -3.51
C MET A 88 -7.88 9.84 -3.96
N VAL A 89 -7.04 10.87 -4.02
CA VAL A 89 -7.48 12.18 -4.43
C VAL A 89 -7.69 12.20 -5.95
N ASP A 90 -6.62 11.88 -6.66
CA ASP A 90 -6.68 11.84 -8.12
C ASP A 90 -7.07 10.44 -8.58
N HIS A 91 -6.34 9.46 -8.07
CA HIS A 91 -6.61 8.07 -8.43
C HIS A 91 -7.43 7.40 -7.32
N VAL A 92 -8.70 7.78 -7.28
CA VAL A 92 -9.61 7.22 -6.27
C VAL A 92 -10.11 5.86 -6.74
N THR A 93 -10.67 5.85 -7.94
CA THR A 93 -11.19 4.62 -8.52
C THR A 93 -10.06 3.61 -8.74
N GLU A 94 -9.04 4.06 -9.46
CA GLU A 94 -7.90 3.20 -9.74
C GLU A 94 -7.49 2.42 -8.49
N VAL A 95 -7.35 3.15 -7.40
CA VAL A 95 -6.97 2.54 -6.13
C VAL A 95 -8.17 1.76 -5.56
N SER A 96 -9.36 2.29 -5.84
CA SER A 96 -10.57 1.67 -5.37
C SER A 96 -10.65 0.22 -5.86
N GLN A 97 -11.49 -0.56 -5.18
CA GLN A 97 -11.65 -1.96 -5.54
C GLN A 97 -10.59 -2.81 -4.85
N TRP A 98 -9.74 -2.14 -4.09
CA TRP A 98 -8.68 -2.83 -3.37
C TRP A 98 -8.13 -1.88 -2.31
N MET A 99 -7.94 -0.63 -2.73
CA MET A 99 -7.42 0.38 -1.82
C MET A 99 -7.97 0.20 -0.41
N VAL A 100 -9.20 -0.30 -0.35
CA VAL A 100 -9.85 -0.53 0.93
C VAL A 100 -8.98 -1.42 1.80
N GLY A 101 -8.57 -2.54 1.21
CA GLY A 101 -7.72 -3.49 1.92
C GLY A 101 -6.48 -2.80 2.48
N VAL A 102 -5.72 -2.19 1.58
CA VAL A 102 -4.51 -1.49 1.98
C VAL A 102 -4.79 -0.66 3.23
N LYS A 103 -5.79 0.21 3.11
CA LYS A 103 -6.17 1.07 4.21
C LYS A 103 -6.19 0.25 5.51
N ARG A 104 -6.84 -0.90 5.43
CA ARG A 104 -6.94 -1.78 6.58
C ARG A 104 -5.56 -2.31 6.97
N LEU A 105 -4.91 -2.93 6.00
CA LEU A 105 -3.58 -3.49 6.23
C LEU A 105 -2.75 -2.48 7.03
N ILE A 106 -2.63 -1.28 6.48
CA ILE A 106 -1.87 -0.24 7.14
C ILE A 106 -2.22 -0.20 8.63
N ALA A 107 -3.49 0.06 8.89
CA ALA A 107 -3.98 0.12 10.26
C ALA A 107 -3.58 -1.17 11.00
N GLU A 108 -3.88 -2.29 10.36
CA GLU A 108 -3.56 -3.59 10.94
C GLU A 108 -2.08 -3.65 11.31
N LYS A 109 -1.24 -3.46 10.30
CA LYS A 109 0.19 -3.49 10.50
C LYS A 109 0.56 -2.64 11.72
N LYS A 110 0.06 -1.42 11.72
CA LYS A 110 0.32 -0.50 12.81
C LYS A 110 -0.04 -1.18 14.14
N SER A 111 -1.15 -1.90 14.12
CA SER A 111 -1.61 -2.60 15.31
C SER A 111 -0.54 -3.59 15.76
N LEU A 112 -0.11 -4.43 14.83
CA LEU A 112 0.89 -5.43 15.12
C LEU A 112 1.98 -4.81 16.00
N SER A 113 2.53 -3.70 15.52
CA SER A 113 3.57 -3.00 16.26
C SER A 113 3.03 -2.51 17.60
N GLY A 114 1.91 -1.81 17.53
CA GLY A 114 1.28 -1.28 18.73
C GLY A 114 2.13 -0.16 19.34
N PRO A 115 1.98 1.06 18.74
CA PRO A 115 2.72 2.22 19.21
C PRO A 115 2.13 2.75 20.52
N SER A 116 2.38 2.00 21.58
CA SER A 116 1.88 2.39 22.89
C SER A 116 2.70 3.57 23.44
N SER A 117 2.03 4.71 23.54
CA SER A 117 2.69 5.90 24.05
C SER A 117 2.11 6.27 25.43
N GLY A 118 2.94 6.05 26.45
CA GLY A 118 2.53 6.36 27.81
C GLY A 118 2.72 5.14 28.71
N GLY A 1 -6.27 21.39 -18.63
CA GLY A 1 -4.89 21.72 -18.32
C GLY A 1 -4.42 22.95 -19.10
N SER A 2 -3.19 23.36 -18.83
CA SER A 2 -2.61 24.50 -19.50
C SER A 2 -1.10 24.32 -19.65
N SER A 3 -0.39 24.57 -18.55
CA SER A 3 1.05 24.43 -18.56
C SER A 3 1.52 23.84 -17.23
N GLY A 4 1.92 22.57 -17.30
CA GLY A 4 2.39 21.88 -16.11
C GLY A 4 2.99 20.52 -16.48
N SER A 5 4.28 20.53 -16.75
CA SER A 5 4.99 19.32 -17.12
C SER A 5 5.41 18.56 -15.85
N SER A 6 5.89 17.34 -16.07
CA SER A 6 6.33 16.51 -14.96
C SER A 6 7.04 15.27 -15.49
N GLY A 7 8.34 15.22 -15.23
CA GLY A 7 9.15 14.09 -15.68
C GLY A 7 10.63 14.33 -15.37
N VAL A 8 11.08 13.72 -14.27
CA VAL A 8 12.46 13.85 -13.86
C VAL A 8 12.88 12.61 -13.09
N ILE A 9 14.10 12.16 -13.36
CA ILE A 9 14.63 10.98 -12.69
C ILE A 9 13.80 9.76 -13.08
N GLU A 10 14.51 8.68 -13.41
CA GLU A 10 13.85 7.45 -13.80
C GLU A 10 13.99 6.39 -12.71
N SER A 11 13.42 6.71 -11.55
CA SER A 11 13.47 5.81 -10.42
C SER A 11 12.88 4.45 -10.81
N GLU A 12 11.68 4.49 -11.37
CA GLU A 12 11.01 3.27 -11.79
C GLU A 12 10.75 2.37 -10.59
N THR A 13 9.59 1.72 -10.61
CA THR A 13 9.20 0.83 -9.54
C THR A 13 8.71 -0.50 -10.10
N LEU A 14 9.06 -1.57 -9.39
CA LEU A 14 8.66 -2.90 -9.81
C LEU A 14 7.46 -3.36 -8.97
N ILE A 15 6.61 -4.16 -9.60
CA ILE A 15 5.43 -4.67 -8.93
C ILE A 15 5.87 -5.56 -7.76
N GLU A 16 6.90 -6.34 -8.01
CA GLU A 16 7.43 -7.24 -6.98
C GLU A 16 8.11 -6.44 -5.88
N ASP A 17 8.23 -5.14 -6.11
CA ASP A 17 8.86 -4.26 -5.14
C ASP A 17 7.79 -3.57 -4.31
N VAL A 18 6.62 -3.41 -4.92
CA VAL A 18 5.50 -2.77 -4.25
C VAL A 18 4.61 -3.84 -3.63
N LEU A 19 4.70 -5.04 -4.17
CA LEU A 19 3.91 -6.15 -3.67
C LEU A 19 4.68 -6.87 -2.56
N ARG A 20 5.98 -7.02 -2.79
CA ARG A 20 6.84 -7.68 -1.83
C ARG A 20 6.42 -7.32 -0.40
N PRO A 21 6.33 -5.98 -0.16
CA PRO A 21 5.95 -5.48 1.16
C PRO A 21 4.45 -5.66 1.39
N LEU A 22 3.67 -5.11 0.46
CA LEU A 22 2.22 -5.20 0.55
C LEU A 22 1.82 -6.63 0.90
N GLU A 23 2.63 -7.58 0.43
CA GLU A 23 2.38 -8.98 0.70
C GLU A 23 2.96 -9.38 2.05
N GLN A 24 4.21 -9.01 2.26
CA GLN A 24 4.88 -9.32 3.50
C GLN A 24 4.04 -8.85 4.70
N ALA A 25 3.22 -7.84 4.44
CA ALA A 25 2.37 -7.29 5.49
C ALA A 25 1.21 -8.27 5.75
N LEU A 26 0.72 -8.85 4.67
CA LEU A 26 -0.38 -9.79 4.77
C LEU A 26 0.04 -10.97 5.66
N GLU A 27 1.15 -11.58 5.30
CA GLU A 27 1.68 -12.71 6.06
C GLU A 27 1.65 -12.40 7.56
N ASP A 28 2.15 -11.22 7.89
CA ASP A 28 2.19 -10.79 9.28
C ASP A 28 0.77 -10.80 9.85
N CYS A 29 -0.17 -10.44 8.99
CA CYS A 29 -1.57 -10.41 9.40
C CYS A 29 -2.08 -11.84 9.48
N HIS A 30 -1.64 -12.65 8.53
CA HIS A 30 -2.05 -14.04 8.49
C HIS A 30 -1.70 -14.73 9.81
N GLY A 31 -0.81 -14.08 10.55
CA GLY A 31 -0.39 -14.62 11.84
C GLY A 31 -0.85 -13.73 12.99
N HIS A 32 -1.82 -12.87 12.67
CA HIS A 32 -2.37 -11.96 13.67
C HIS A 32 -3.83 -11.66 13.34
N THR A 33 -4.02 -10.92 12.26
CA THR A 33 -5.36 -10.55 11.83
C THR A 33 -6.21 -11.80 11.61
N LYS A 34 -7.51 -11.65 11.81
CA LYS A 34 -8.44 -12.75 11.64
C LYS A 34 -8.27 -13.35 10.24
N LYS A 35 -9.11 -14.32 9.94
CA LYS A 35 -9.06 -14.97 8.64
C LYS A 35 -9.87 -14.15 7.63
N GLN A 36 -11.15 -14.03 7.90
CA GLN A 36 -12.04 -13.27 7.03
C GLN A 36 -11.35 -11.98 6.57
N VAL A 37 -10.87 -11.24 7.54
CA VAL A 37 -10.19 -9.98 7.26
C VAL A 37 -9.18 -10.20 6.13
N CYS A 38 -8.20 -11.05 6.41
CA CYS A 38 -7.17 -11.36 5.43
C CYS A 38 -7.85 -11.72 4.11
N ASP A 39 -8.64 -12.78 4.15
CA ASP A 39 -9.35 -13.24 2.98
C ASP A 39 -9.89 -12.03 2.22
N ASP A 40 -10.18 -10.98 2.97
CA ASP A 40 -10.71 -9.76 2.38
C ASP A 40 -9.56 -8.95 1.78
N ILE A 41 -8.63 -8.58 2.65
CA ILE A 41 -7.48 -7.80 2.22
C ILE A 41 -6.83 -8.49 1.02
N SER A 42 -6.54 -9.77 1.19
CA SER A 42 -5.91 -10.54 0.13
C SER A 42 -6.68 -10.35 -1.18
N ARG A 43 -7.97 -10.66 -1.12
CA ARG A 43 -8.83 -10.53 -2.28
C ARG A 43 -8.48 -9.24 -3.05
N ARG A 44 -8.14 -8.22 -2.29
CA ARG A 44 -7.79 -6.94 -2.88
C ARG A 44 -6.43 -7.03 -3.59
N LEU A 45 -5.46 -7.58 -2.87
CA LEU A 45 -4.12 -7.74 -3.41
C LEU A 45 -4.21 -8.38 -4.80
N ALA A 46 -4.86 -9.53 -4.84
CA ALA A 46 -5.01 -10.26 -6.09
C ALA A 46 -5.33 -9.26 -7.21
N LEU A 47 -6.23 -8.35 -6.91
CA LEU A 47 -6.64 -7.34 -7.87
C LEU A 47 -5.49 -6.35 -8.07
N LEU A 48 -5.01 -5.82 -6.96
CA LEU A 48 -3.91 -4.86 -7.00
C LEU A 48 -2.88 -5.32 -8.02
N ARG A 49 -2.42 -6.54 -7.84
CA ARG A 49 -1.43 -7.11 -8.75
C ARG A 49 -1.98 -7.19 -10.17
N GLU A 50 -3.18 -7.74 -10.27
CA GLU A 50 -3.84 -7.88 -11.56
C GLU A 50 -3.88 -6.53 -12.28
N GLN A 51 -4.28 -5.51 -11.54
CA GLN A 51 -4.37 -4.18 -12.10
C GLN A 51 -2.97 -3.62 -12.37
N TRP A 52 -2.06 -3.96 -11.47
CA TRP A 52 -0.68 -3.50 -11.60
C TRP A 52 -0.07 -4.17 -12.83
N ALA A 53 0.02 -5.48 -12.77
CA ALA A 53 0.58 -6.25 -13.88
C ALA A 53 -0.27 -6.03 -15.13
N GLY A 54 -1.56 -6.29 -14.97
CA GLY A 54 -2.50 -6.13 -16.08
C GLY A 54 -2.13 -4.91 -16.93
N GLY A 55 -1.68 -3.87 -16.25
CA GLY A 55 -1.29 -2.64 -16.93
C GLY A 55 -2.41 -1.62 -16.89
N LYS A 56 -3.26 -1.74 -15.88
CA LYS A 56 -4.37 -0.84 -15.71
C LYS A 56 -3.97 0.31 -14.78
N LEU A 57 -2.97 0.03 -13.95
CA LEU A 57 -2.47 1.02 -13.01
C LEU A 57 -1.71 2.11 -13.77
N SER A 58 -1.60 3.27 -13.13
CA SER A 58 -0.90 4.38 -13.73
C SER A 58 0.53 4.44 -13.22
N ILE A 59 1.40 5.06 -14.01
CA ILE A 59 2.80 5.19 -13.65
C ILE A 59 2.91 5.97 -12.34
N PRO A 60 2.13 7.08 -12.26
CA PRO A 60 2.13 7.91 -11.06
C PRO A 60 1.36 7.25 -9.93
N VAL A 61 0.78 6.09 -10.24
CA VAL A 61 0.01 5.35 -9.26
C VAL A 61 0.92 4.35 -8.56
N LYS A 62 2.02 4.03 -9.22
CA LYS A 62 2.98 3.09 -8.66
C LYS A 62 4.06 3.86 -7.90
N LYS A 63 4.49 4.97 -8.50
CA LYS A 63 5.51 5.80 -7.88
C LYS A 63 5.00 6.32 -6.54
N ARG A 64 3.71 6.61 -6.51
CA ARG A 64 3.08 7.11 -5.30
C ARG A 64 2.95 6.00 -4.26
N MET A 65 2.50 4.84 -4.73
CA MET A 65 2.33 3.71 -3.85
C MET A 65 3.62 3.39 -3.09
N ALA A 66 4.67 3.13 -3.86
CA ALA A 66 5.96 2.82 -3.28
C ALA A 66 6.19 3.71 -2.06
N LEU A 67 5.75 4.96 -2.18
CA LEU A 67 5.92 5.91 -1.11
C LEU A 67 5.26 5.36 0.17
N LEU A 68 3.95 5.20 0.09
CA LEU A 68 3.19 4.68 1.22
C LEU A 68 3.87 3.41 1.73
N VAL A 69 4.30 2.57 0.80
CA VAL A 69 4.95 1.33 1.14
C VAL A 69 6.24 1.63 1.91
N GLN A 70 7.09 2.42 1.28
CA GLN A 70 8.36 2.80 1.89
C GLN A 70 8.13 3.21 3.35
N GLU A 71 7.02 3.89 3.57
CA GLU A 71 6.69 4.36 4.91
C GLU A 71 6.32 3.17 5.80
N LEU A 72 5.41 2.36 5.31
CA LEU A 72 4.97 1.18 6.05
C LEU A 72 6.20 0.37 6.47
N LEU A 73 7.26 0.52 5.71
CA LEU A 73 8.49 -0.20 5.99
C LEU A 73 9.14 0.39 7.25
N HIS A 74 9.20 1.71 7.27
CA HIS A 74 9.80 2.41 8.40
C HIS A 74 8.80 2.46 9.56
N HIS A 75 7.62 1.91 9.30
CA HIS A 75 6.58 1.87 10.31
C HIS A 75 5.74 3.15 10.22
N GLN A 76 6.19 4.06 9.38
CA GLN A 76 5.49 5.31 9.19
C GLN A 76 4.10 5.07 8.61
N TRP A 77 3.17 4.75 9.50
CA TRP A 77 1.80 4.48 9.08
C TRP A 77 1.13 5.83 8.79
N ASP A 78 1.49 6.82 9.59
CA ASP A 78 0.93 8.15 9.43
C ASP A 78 1.22 8.65 8.01
N ALA A 79 2.37 8.26 7.50
CA ALA A 79 2.77 8.66 6.16
C ALA A 79 2.01 7.82 5.14
N ALA A 80 2.04 6.52 5.35
CA ALA A 80 1.35 5.60 4.45
C ALA A 80 -0.05 6.14 4.14
N ASP A 81 -0.75 6.50 5.21
CA ASP A 81 -2.09 7.04 5.07
C ASP A 81 -2.04 8.34 4.28
N ASP A 82 -1.08 9.17 4.63
CA ASP A 82 -0.91 10.46 3.97
C ASP A 82 -0.88 10.25 2.46
N ILE A 83 0.04 9.39 2.03
CA ILE A 83 0.18 9.09 0.62
C ILE A 83 -1.10 8.40 0.12
N HIS A 84 -1.53 7.41 0.88
CA HIS A 84 -2.73 6.66 0.53
C HIS A 84 -3.86 7.63 0.19
N ARG A 85 -3.92 8.72 0.96
CA ARG A 85 -4.93 9.73 0.75
C ARG A 85 -4.72 10.45 -0.58
N SER A 86 -3.52 11.00 -0.72
CA SER A 86 -3.17 11.72 -1.94
C SER A 86 -3.58 10.90 -3.17
N LEU A 87 -3.48 9.58 -3.03
CA LEU A 87 -3.84 8.69 -4.11
C LEU A 87 -5.36 8.65 -4.25
N MET A 88 -6.04 8.65 -3.11
CA MET A 88 -7.49 8.62 -3.10
C MET A 88 -8.07 9.94 -3.62
N VAL A 89 -7.18 10.91 -3.81
CA VAL A 89 -7.59 12.21 -4.30
C VAL A 89 -7.81 12.13 -5.81
N ASP A 90 -6.73 11.81 -6.51
CA ASP A 90 -6.78 11.70 -7.97
C ASP A 90 -7.00 10.24 -8.35
N HIS A 91 -5.98 9.44 -8.13
CA HIS A 91 -6.05 8.02 -8.45
C HIS A 91 -6.91 7.30 -7.42
N VAL A 92 -8.17 7.71 -7.36
CA VAL A 92 -9.11 7.12 -6.42
C VAL A 92 -9.78 5.91 -7.07
N THR A 93 -10.28 6.12 -8.28
CA THR A 93 -10.94 5.06 -9.02
C THR A 93 -9.91 4.01 -9.48
N GLU A 94 -8.65 4.36 -9.31
CA GLU A 94 -7.57 3.46 -9.70
C GLU A 94 -7.21 2.53 -8.53
N VAL A 95 -6.82 3.14 -7.43
CA VAL A 95 -6.44 2.39 -6.25
C VAL A 95 -7.67 1.65 -5.71
N SER A 96 -8.83 2.28 -5.89
CA SER A 96 -10.08 1.69 -5.43
C SER A 96 -10.19 0.25 -5.93
N GLN A 97 -11.19 -0.44 -5.41
CA GLN A 97 -11.43 -1.82 -5.79
C GLN A 97 -10.43 -2.75 -5.08
N TRP A 98 -9.56 -2.13 -4.29
CA TRP A 98 -8.56 -2.88 -3.55
C TRP A 98 -7.98 -1.96 -2.46
N MET A 99 -7.71 -0.73 -2.87
CA MET A 99 -7.17 0.24 -1.93
C MET A 99 -7.79 0.09 -0.55
N VAL A 100 -9.04 -0.37 -0.54
CA VAL A 100 -9.75 -0.56 0.71
C VAL A 100 -8.96 -1.50 1.61
N GLY A 101 -8.54 -2.61 1.01
CA GLY A 101 -7.76 -3.61 1.75
C GLY A 101 -6.50 -2.99 2.34
N VAL A 102 -5.64 -2.51 1.45
CA VAL A 102 -4.40 -1.89 1.87
C VAL A 102 -4.66 -0.94 3.03
N LYS A 103 -5.69 -0.12 2.86
CA LYS A 103 -6.06 0.84 3.89
C LYS A 103 -6.10 0.13 5.24
N ARG A 104 -6.91 -0.92 5.30
CA ARG A 104 -7.05 -1.69 6.53
C ARG A 104 -5.70 -2.28 6.94
N LEU A 105 -5.07 -2.94 5.98
CA LEU A 105 -3.77 -3.56 6.22
C LEU A 105 -2.91 -2.62 7.07
N ILE A 106 -2.81 -1.38 6.59
CA ILE A 106 -2.02 -0.38 7.28
C ILE A 106 -2.36 -0.40 8.77
N ALA A 107 -3.62 -0.12 9.06
CA ALA A 107 -4.10 -0.10 10.44
C ALA A 107 -3.57 -1.34 11.16
N GLU A 108 -3.81 -2.49 10.54
CA GLU A 108 -3.37 -3.75 11.12
C GLU A 108 -1.86 -3.72 11.40
N LYS A 109 -1.10 -3.61 10.32
CA LYS A 109 0.35 -3.55 10.44
C LYS A 109 0.73 -2.68 11.64
N LYS A 110 0.20 -1.46 11.64
CA LYS A 110 0.48 -0.53 12.71
C LYS A 110 0.05 -1.15 14.05
N SER A 111 -1.20 -1.59 14.07
CA SER A 111 -1.75 -2.20 15.28
C SER A 111 -0.82 -3.31 15.76
N LEU A 112 -0.42 -4.16 14.83
CA LEU A 112 0.46 -5.27 15.15
C LEU A 112 1.61 -4.76 16.02
N SER A 113 2.28 -3.73 15.53
CA SER A 113 3.40 -3.15 16.25
C SER A 113 2.91 -2.55 17.57
N GLY A 114 1.91 -1.68 17.46
CA GLY A 114 1.35 -1.04 18.64
C GLY A 114 2.40 -0.16 19.33
N PRO A 115 2.76 0.96 18.65
CA PRO A 115 3.74 1.88 19.18
C PRO A 115 3.14 2.72 20.31
N SER A 116 2.85 2.05 21.42
CA SER A 116 2.27 2.72 22.57
C SER A 116 3.38 3.31 23.44
N SER A 117 2.97 4.18 24.36
CA SER A 117 3.91 4.82 25.26
C SER A 117 4.13 3.95 26.50
N GLY A 118 5.22 4.23 27.20
CA GLY A 118 5.54 3.48 28.41
C GLY A 118 5.84 4.42 29.57
N GLY A 1 18.85 20.58 17.44
CA GLY A 1 19.16 20.49 16.03
C GLY A 1 18.38 21.52 15.22
N SER A 2 18.09 21.17 13.97
CA SER A 2 17.34 22.05 13.10
C SER A 2 16.97 21.32 11.81
N SER A 3 15.80 20.71 11.83
CA SER A 3 15.31 19.97 10.67
C SER A 3 14.76 20.94 9.63
N GLY A 4 15.57 21.19 8.61
CA GLY A 4 15.17 22.10 7.54
C GLY A 4 14.17 21.43 6.61
N SER A 5 14.58 21.23 5.38
CA SER A 5 13.73 20.61 4.39
C SER A 5 14.54 19.62 3.54
N SER A 6 13.96 18.44 3.36
CA SER A 6 14.62 17.40 2.58
C SER A 6 13.85 17.16 1.27
N GLY A 7 14.56 16.63 0.29
CA GLY A 7 13.96 16.35 -1.01
C GLY A 7 13.96 14.85 -1.29
N VAL A 8 13.38 14.50 -2.43
CA VAL A 8 13.31 13.11 -2.84
C VAL A 8 13.32 13.03 -4.36
N ILE A 9 14.20 12.19 -4.87
CA ILE A 9 14.32 12.00 -6.31
C ILE A 9 14.52 10.51 -6.61
N GLU A 10 13.42 9.87 -6.96
CA GLU A 10 13.46 8.45 -7.29
C GLU A 10 12.29 8.08 -8.22
N SER A 11 12.65 7.68 -9.43
CA SER A 11 11.66 7.31 -10.42
C SER A 11 11.95 5.90 -10.94
N GLU A 12 11.56 4.91 -10.14
CA GLU A 12 11.77 3.52 -10.51
C GLU A 12 11.20 2.60 -9.45
N THR A 13 10.11 1.92 -9.80
CA THR A 13 9.46 1.00 -8.89
C THR A 13 9.01 -0.27 -9.63
N LEU A 14 9.17 -1.39 -8.97
CA LEU A 14 8.79 -2.67 -9.54
C LEU A 14 7.59 -3.23 -8.77
N ILE A 15 6.72 -3.90 -9.51
CA ILE A 15 5.53 -4.49 -8.92
C ILE A 15 5.95 -5.47 -7.83
N GLU A 16 7.06 -6.15 -8.08
CA GLU A 16 7.59 -7.12 -7.13
C GLU A 16 8.20 -6.40 -5.92
N ASP A 17 8.49 -5.13 -6.11
CA ASP A 17 9.08 -4.31 -5.06
C ASP A 17 7.95 -3.65 -4.25
N VAL A 18 6.81 -3.52 -4.90
CA VAL A 18 5.66 -2.91 -4.26
C VAL A 18 4.76 -4.00 -3.66
N LEU A 19 4.90 -5.19 -4.22
CA LEU A 19 4.11 -6.33 -3.75
C LEU A 19 4.89 -7.07 -2.67
N ARG A 20 6.21 -7.03 -2.81
CA ARG A 20 7.08 -7.71 -1.85
C ARG A 20 6.66 -7.35 -0.42
N PRO A 21 6.55 -6.03 -0.17
CA PRO A 21 6.16 -5.54 1.14
C PRO A 21 4.66 -5.76 1.39
N LEU A 22 3.87 -5.30 0.44
CA LEU A 22 2.43 -5.44 0.53
C LEU A 22 2.09 -6.87 0.98
N GLU A 23 2.80 -7.81 0.40
CA GLU A 23 2.58 -9.22 0.73
C GLU A 23 3.12 -9.53 2.12
N GLN A 24 4.33 -9.06 2.38
CA GLN A 24 4.97 -9.29 3.66
C GLN A 24 4.02 -8.91 4.79
N ALA A 25 3.15 -7.95 4.50
CA ALA A 25 2.18 -7.50 5.49
C ALA A 25 1.05 -8.52 5.60
N LEU A 26 0.56 -8.94 4.44
CA LEU A 26 -0.52 -9.91 4.39
C LEU A 26 -0.17 -11.10 5.29
N GLU A 27 0.84 -11.85 4.87
CA GLU A 27 1.28 -13.01 5.63
C GLU A 27 1.28 -12.70 7.13
N ASP A 28 1.75 -11.50 7.45
CA ASP A 28 1.81 -11.07 8.83
C ASP A 28 0.40 -11.02 9.42
N CYS A 29 -0.48 -10.34 8.70
CA CYS A 29 -1.87 -10.21 9.14
C CYS A 29 -2.49 -11.61 9.15
N HIS A 30 -2.31 -12.32 8.05
CA HIS A 30 -2.84 -13.67 7.93
C HIS A 30 -2.63 -14.42 9.24
N GLY A 31 -1.45 -14.25 9.80
CA GLY A 31 -1.11 -14.91 11.06
C GLY A 31 -1.23 -13.93 12.23
N HIS A 32 -2.29 -13.15 12.21
CA HIS A 32 -2.53 -12.18 13.27
C HIS A 32 -3.97 -11.68 13.20
N THR A 33 -4.28 -11.01 12.10
CA THR A 33 -5.62 -10.48 11.90
C THR A 33 -6.59 -11.60 11.56
N LYS A 34 -7.84 -11.41 11.96
CA LYS A 34 -8.88 -12.39 11.70
C LYS A 34 -8.77 -12.87 10.25
N LYS A 35 -8.82 -14.19 10.09
CA LYS A 35 -8.74 -14.78 8.76
C LYS A 35 -9.69 -14.04 7.82
N GLN A 36 -10.94 -13.97 8.22
CA GLN A 36 -11.95 -13.30 7.42
C GLN A 36 -11.39 -12.01 6.83
N VAL A 37 -10.93 -11.13 7.73
CA VAL A 37 -10.37 -9.86 7.31
C VAL A 37 -9.29 -10.11 6.25
N CYS A 38 -8.28 -10.85 6.65
CA CYS A 38 -7.18 -11.17 5.76
C CYS A 38 -7.77 -11.56 4.40
N ASP A 39 -8.56 -12.61 4.41
CA ASP A 39 -9.20 -13.10 3.20
C ASP A 39 -9.67 -11.90 2.37
N ASP A 40 -10.16 -10.89 3.07
CA ASP A 40 -10.64 -9.69 2.41
C ASP A 40 -9.46 -8.92 1.83
N ILE A 41 -8.53 -8.58 2.70
CA ILE A 41 -7.35 -7.84 2.28
C ILE A 41 -6.72 -8.53 1.07
N SER A 42 -6.31 -9.77 1.29
CA SER A 42 -5.69 -10.55 0.23
C SER A 42 -6.42 -10.30 -1.10
N ARG A 43 -7.71 -10.60 -1.09
CA ARG A 43 -8.52 -10.41 -2.28
C ARG A 43 -8.19 -9.07 -2.94
N ARG A 44 -8.14 -8.04 -2.12
CA ARG A 44 -7.84 -6.71 -2.60
C ARG A 44 -6.47 -6.68 -3.29
N LEU A 45 -5.53 -7.38 -2.67
CA LEU A 45 -4.18 -7.45 -3.21
C LEU A 45 -4.22 -8.06 -4.61
N ALA A 46 -4.80 -9.26 -4.68
CA ALA A 46 -4.91 -9.95 -5.94
C ALA A 46 -5.26 -8.95 -7.05
N LEU A 47 -6.24 -8.12 -6.75
CA LEU A 47 -6.69 -7.11 -7.70
C LEU A 47 -5.57 -6.09 -7.91
N LEU A 48 -5.06 -5.57 -6.79
CA LEU A 48 -4.00 -4.59 -6.84
C LEU A 48 -2.93 -5.04 -7.84
N ARG A 49 -2.39 -6.23 -7.59
CA ARG A 49 -1.37 -6.79 -8.44
C ARG A 49 -1.88 -6.90 -9.88
N GLU A 50 -2.95 -7.65 -10.04
CA GLU A 50 -3.55 -7.84 -11.35
C GLU A 50 -3.64 -6.50 -12.09
N GLN A 51 -4.17 -5.50 -11.40
CA GLN A 51 -4.32 -4.18 -11.97
C GLN A 51 -2.94 -3.57 -12.24
N TRP A 52 -2.03 -3.83 -11.33
CA TRP A 52 -0.67 -3.32 -11.45
C TRP A 52 -0.02 -3.97 -12.67
N ALA A 53 0.11 -5.28 -12.61
CA ALA A 53 0.70 -6.04 -13.69
C ALA A 53 -0.10 -5.79 -14.98
N GLY A 54 -1.38 -6.11 -14.90
CA GLY A 54 -2.26 -5.94 -16.05
C GLY A 54 -1.92 -4.67 -16.81
N GLY A 55 -1.51 -3.65 -16.07
CA GLY A 55 -1.14 -2.38 -16.66
C GLY A 55 -2.34 -1.42 -16.69
N LYS A 56 -3.12 -1.48 -15.62
CA LYS A 56 -4.29 -0.63 -15.50
C LYS A 56 -3.95 0.57 -14.61
N LEU A 57 -2.95 0.37 -13.77
CA LEU A 57 -2.51 1.42 -12.86
C LEU A 57 -1.67 2.44 -13.63
N SER A 58 -1.75 3.69 -13.20
CA SER A 58 -1.00 4.76 -13.83
C SER A 58 0.46 4.71 -13.37
N ILE A 59 1.30 5.39 -14.13
CA ILE A 59 2.72 5.44 -13.81
C ILE A 59 2.92 6.15 -12.47
N PRO A 60 2.20 7.30 -12.32
CA PRO A 60 2.28 8.08 -11.10
C PRO A 60 1.51 7.41 -9.96
N VAL A 61 0.87 6.29 -10.29
CA VAL A 61 0.10 5.54 -9.32
C VAL A 61 1.01 4.52 -8.64
N LYS A 62 2.04 4.10 -9.37
CA LYS A 62 2.97 3.13 -8.85
C LYS A 62 4.06 3.85 -8.05
N LYS A 63 4.52 4.97 -8.62
CA LYS A 63 5.55 5.75 -7.97
C LYS A 63 5.05 6.25 -6.62
N ARG A 64 3.77 6.57 -6.59
CA ARG A 64 3.15 7.05 -5.36
C ARG A 64 3.00 5.91 -4.35
N MET A 65 2.56 4.77 -4.86
CA MET A 65 2.37 3.60 -4.02
C MET A 65 3.63 3.30 -3.21
N ALA A 66 4.70 3.01 -3.93
CA ALA A 66 5.97 2.71 -3.30
C ALA A 66 6.15 3.60 -2.06
N LEU A 67 5.80 4.86 -2.24
CA LEU A 67 5.92 5.83 -1.16
C LEU A 67 5.26 5.25 0.10
N LEU A 68 3.95 5.09 0.01
CA LEU A 68 3.19 4.56 1.13
C LEU A 68 3.88 3.30 1.66
N VAL A 69 4.26 2.44 0.74
CA VAL A 69 4.93 1.20 1.09
C VAL A 69 6.19 1.52 1.90
N GLN A 70 7.08 2.28 1.28
CA GLN A 70 8.32 2.66 1.93
C GLN A 70 8.05 3.09 3.38
N GLU A 71 6.99 3.86 3.55
CA GLU A 71 6.62 4.32 4.88
C GLU A 71 6.25 3.14 5.78
N LEU A 72 5.30 2.35 5.30
CA LEU A 72 4.85 1.19 6.05
C LEU A 72 6.06 0.42 6.55
N LEU A 73 7.09 0.37 5.72
CA LEU A 73 8.31 -0.33 6.08
C LEU A 73 8.93 0.32 7.31
N HIS A 74 9.02 1.64 7.26
CA HIS A 74 9.59 2.40 8.37
C HIS A 74 8.58 2.48 9.51
N HIS A 75 7.41 1.90 9.26
CA HIS A 75 6.35 1.91 10.26
C HIS A 75 5.58 3.22 10.19
N GLN A 76 6.03 4.09 9.28
CA GLN A 76 5.39 5.38 9.10
C GLN A 76 3.99 5.20 8.53
N TRP A 77 3.10 4.68 9.37
CA TRP A 77 1.72 4.45 8.96
C TRP A 77 1.10 5.82 8.64
N ASP A 78 1.39 6.78 9.51
CA ASP A 78 0.87 8.12 9.33
C ASP A 78 1.14 8.60 7.91
N ALA A 79 2.34 8.29 7.44
CA ALA A 79 2.74 8.69 6.10
C ALA A 79 1.96 7.85 5.08
N ALA A 80 2.00 6.54 5.27
CA ALA A 80 1.31 5.63 4.38
C ALA A 80 -0.09 6.16 4.09
N ASP A 81 -0.81 6.46 5.16
CA ASP A 81 -2.16 6.99 5.03
C ASP A 81 -2.13 8.23 4.13
N ASP A 82 -1.36 9.22 4.57
CA ASP A 82 -1.24 10.45 3.82
C ASP A 82 -1.18 10.14 2.33
N ILE A 83 -0.16 9.39 1.95
CA ILE A 83 0.02 9.01 0.56
C ILE A 83 -1.22 8.28 0.07
N HIS A 84 -1.59 7.23 0.80
CA HIS A 84 -2.75 6.44 0.45
C HIS A 84 -3.91 7.37 0.07
N ARG A 85 -4.14 8.34 0.93
CA ARG A 85 -5.21 9.30 0.70
C ARG A 85 -5.02 10.00 -0.66
N SER A 86 -3.80 10.46 -0.87
CA SER A 86 -3.47 11.14 -2.11
C SER A 86 -3.85 10.26 -3.31
N LEU A 87 -3.59 8.97 -3.16
CA LEU A 87 -3.89 8.02 -4.21
C LEU A 87 -5.41 7.84 -4.31
N MET A 88 -6.05 7.95 -3.15
CA MET A 88 -7.50 7.80 -3.09
C MET A 88 -8.21 9.13 -3.39
N VAL A 89 -7.40 10.18 -3.46
CA VAL A 89 -7.93 11.51 -3.73
C VAL A 89 -8.16 11.67 -5.25
N ASP A 90 -7.12 11.33 -6.00
CA ASP A 90 -7.20 11.42 -7.45
C ASP A 90 -7.58 10.07 -8.03
N HIS A 91 -6.63 9.14 -7.93
CA HIS A 91 -6.85 7.79 -8.43
C HIS A 91 -7.78 7.02 -7.49
N VAL A 92 -8.99 7.55 -7.34
CA VAL A 92 -9.97 6.93 -6.47
C VAL A 92 -10.74 5.86 -7.25
N THR A 93 -10.59 5.92 -8.57
CA THR A 93 -11.26 4.96 -9.44
C THR A 93 -10.30 3.82 -9.81
N GLU A 94 -9.04 4.02 -9.48
CA GLU A 94 -8.03 3.03 -9.78
C GLU A 94 -7.64 2.27 -8.51
N VAL A 95 -7.10 3.00 -7.55
CA VAL A 95 -6.68 2.41 -6.29
C VAL A 95 -7.87 1.68 -5.67
N SER A 96 -9.05 2.24 -5.88
CA SER A 96 -10.26 1.65 -5.35
C SER A 96 -10.38 0.18 -5.80
N GLN A 97 -11.34 -0.50 -5.21
CA GLN A 97 -11.56 -1.91 -5.53
C GLN A 97 -10.48 -2.78 -4.90
N TRP A 98 -9.56 -2.12 -4.21
CA TRP A 98 -8.47 -2.82 -3.55
C TRP A 98 -7.89 -1.90 -2.48
N MET A 99 -7.67 -0.65 -2.88
CA MET A 99 -7.12 0.34 -1.96
C MET A 99 -7.69 0.16 -0.55
N VAL A 100 -9.00 -0.03 -0.50
CA VAL A 100 -9.69 -0.20 0.77
C VAL A 100 -8.91 -1.19 1.63
N GLY A 101 -8.49 -2.28 1.00
CA GLY A 101 -7.73 -3.31 1.69
C GLY A 101 -6.45 -2.72 2.31
N VAL A 102 -5.64 -2.13 1.45
CA VAL A 102 -4.40 -1.52 1.89
C VAL A 102 -4.66 -0.60 3.08
N LYS A 103 -5.69 0.24 2.92
CA LYS A 103 -6.06 1.17 3.97
C LYS A 103 -6.12 0.42 5.30
N ARG A 104 -6.78 -0.72 5.28
CA ARG A 104 -6.91 -1.53 6.49
C ARG A 104 -5.56 -2.12 6.88
N LEU A 105 -4.89 -2.71 5.89
CA LEU A 105 -3.59 -3.32 6.12
C LEU A 105 -2.77 -2.42 7.04
N ILE A 106 -2.62 -1.17 6.60
CA ILE A 106 -1.86 -0.20 7.38
C ILE A 106 -2.24 -0.32 8.85
N ALA A 107 -3.48 0.02 9.14
CA ALA A 107 -3.99 -0.04 10.50
C ALA A 107 -3.48 -1.33 11.16
N GLU A 108 -3.83 -2.45 10.55
CA GLU A 108 -3.41 -3.75 11.07
C GLU A 108 -1.90 -3.75 11.34
N LYS A 109 -1.15 -3.62 10.26
CA LYS A 109 0.31 -3.61 10.37
C LYS A 109 0.72 -2.75 11.57
N LYS A 110 0.17 -1.55 11.62
CA LYS A 110 0.47 -0.63 12.70
C LYS A 110 0.16 -1.30 14.04
N SER A 111 -1.11 -1.61 14.22
CA SER A 111 -1.55 -2.25 15.45
C SER A 111 -0.53 -3.31 15.88
N LEU A 112 -0.22 -4.20 14.94
CA LEU A 112 0.72 -5.27 15.21
C LEU A 112 1.93 -4.70 15.97
N SER A 113 2.59 -3.75 15.31
CA SER A 113 3.75 -3.11 15.91
C SER A 113 3.50 -2.83 17.40
N GLY A 114 2.43 -2.08 17.64
CA GLY A 114 2.07 -1.73 19.01
C GLY A 114 2.11 -0.22 19.21
N PRO A 115 0.97 0.44 18.89
CA PRO A 115 0.87 1.89 19.03
C PRO A 115 0.73 2.28 20.50
N SER A 116 0.70 3.59 20.74
CA SER A 116 0.56 4.10 22.08
C SER A 116 0.50 5.63 22.05
N SER A 117 -0.72 6.15 22.01
CA SER A 117 -0.93 7.58 21.98
C SER A 117 -2.41 7.90 22.16
N GLY A 118 -2.76 8.20 23.40
CA GLY A 118 -4.14 8.53 23.74
C GLY A 118 -4.61 7.73 24.95
N GLY A 1 11.75 21.62 14.75
CA GLY A 1 12.16 21.96 13.40
C GLY A 1 11.53 21.03 12.38
N SER A 2 10.73 21.62 11.49
CA SER A 2 10.05 20.86 10.47
C SER A 2 9.57 21.79 9.35
N SER A 3 10.31 21.77 8.24
CA SER A 3 9.97 22.61 7.10
C SER A 3 8.92 21.91 6.24
N GLY A 4 9.27 20.73 5.77
CA GLY A 4 8.38 19.95 4.94
C GLY A 4 8.78 20.05 3.46
N SER A 5 8.78 21.29 2.96
CA SER A 5 9.13 21.53 1.58
C SER A 5 10.40 20.75 1.21
N SER A 6 10.61 20.59 -0.08
CA SER A 6 11.77 19.87 -0.57
C SER A 6 11.71 18.41 -0.10
N GLY A 7 12.26 17.53 -0.94
CA GLY A 7 12.28 16.12 -0.61
C GLY A 7 11.36 15.33 -1.56
N VAL A 8 11.92 14.98 -2.71
CA VAL A 8 11.16 14.23 -3.71
C VAL A 8 12.13 13.74 -4.79
N ILE A 9 11.95 12.48 -5.17
CA ILE A 9 12.78 11.88 -6.19
C ILE A 9 11.92 11.01 -7.11
N GLU A 10 12.30 10.98 -8.38
CA GLU A 10 11.57 10.20 -9.36
C GLU A 10 12.38 8.97 -9.78
N SER A 11 11.81 7.80 -9.54
CA SER A 11 12.49 6.56 -9.89
C SER A 11 11.45 5.46 -10.17
N GLU A 12 11.76 4.64 -11.16
CA GLU A 12 10.86 3.56 -11.54
C GLU A 12 10.52 2.70 -10.31
N THR A 13 9.64 1.74 -10.53
CA THR A 13 9.22 0.85 -9.46
C THR A 13 8.65 -0.45 -10.03
N LEU A 14 9.05 -1.55 -9.42
CA LEU A 14 8.59 -2.86 -9.87
C LEU A 14 7.39 -3.29 -9.01
N ILE A 15 6.52 -4.07 -9.62
CA ILE A 15 5.34 -4.55 -8.93
C ILE A 15 5.76 -5.41 -7.73
N GLU A 16 6.64 -6.35 -8.01
CA GLU A 16 7.13 -7.24 -6.96
C GLU A 16 7.87 -6.43 -5.89
N ASP A 17 8.20 -5.20 -6.24
CA ASP A 17 8.90 -4.32 -5.32
C ASP A 17 7.88 -3.63 -4.41
N VAL A 18 6.69 -3.41 -4.96
CA VAL A 18 5.63 -2.76 -4.22
C VAL A 18 4.72 -3.82 -3.60
N LEU A 19 4.80 -5.02 -4.16
CA LEU A 19 3.99 -6.12 -3.68
C LEU A 19 4.75 -6.87 -2.58
N ARG A 20 6.05 -6.99 -2.79
CA ARG A 20 6.91 -7.67 -1.83
C ARG A 20 6.46 -7.36 -0.40
N PRO A 21 6.35 -6.04 -0.12
CA PRO A 21 5.93 -5.59 1.21
C PRO A 21 4.44 -5.80 1.40
N LEU A 22 3.66 -5.18 0.52
CA LEU A 22 2.21 -5.29 0.60
C LEU A 22 1.82 -6.76 0.83
N GLU A 23 2.70 -7.65 0.39
CA GLU A 23 2.47 -9.07 0.55
C GLU A 23 3.05 -9.56 1.88
N GLN A 24 4.21 -9.03 2.21
CA GLN A 24 4.88 -9.41 3.45
C GLN A 24 4.07 -8.93 4.65
N ALA A 25 3.35 -7.84 4.45
CA ALA A 25 2.52 -7.28 5.51
C ALA A 25 1.37 -8.24 5.82
N LEU A 26 0.68 -8.64 4.77
CA LEU A 26 -0.45 -9.55 4.92
C LEU A 26 -0.03 -10.72 5.81
N GLU A 27 1.14 -11.27 5.50
CA GLU A 27 1.66 -12.39 6.26
C GLU A 27 1.52 -12.12 7.77
N ASP A 28 1.64 -10.85 8.12
CA ASP A 28 1.53 -10.44 9.51
C ASP A 28 0.08 -10.59 9.97
N CYS A 29 -0.83 -10.24 9.08
CA CYS A 29 -2.24 -10.33 9.37
C CYS A 29 -2.67 -11.79 9.27
N HIS A 30 -2.05 -12.49 8.32
CA HIS A 30 -2.35 -13.89 8.12
C HIS A 30 -2.06 -14.69 9.40
N GLY A 31 -1.20 -14.11 10.22
CA GLY A 31 -0.83 -14.74 11.48
C GLY A 31 -1.06 -13.80 12.66
N HIS A 32 -2.21 -13.13 12.62
CA HIS A 32 -2.57 -12.21 13.68
C HIS A 32 -4.05 -11.85 13.56
N THR A 33 -4.35 -11.01 12.58
CA THR A 33 -5.71 -10.58 12.35
C THR A 33 -6.57 -11.75 11.86
N LYS A 34 -7.85 -11.67 12.17
CA LYS A 34 -8.78 -12.71 11.76
C LYS A 34 -8.53 -13.06 10.29
N LYS A 35 -8.91 -14.28 9.94
CA LYS A 35 -8.72 -14.76 8.58
C LYS A 35 -9.68 -14.01 7.65
N GLN A 36 -10.93 -13.92 8.09
CA GLN A 36 -11.95 -13.23 7.32
C GLN A 36 -11.42 -11.89 6.81
N VAL A 37 -10.82 -11.15 7.73
CA VAL A 37 -10.27 -9.84 7.40
C VAL A 37 -9.14 -10.01 6.39
N CYS A 38 -8.35 -11.07 6.60
CA CYS A 38 -7.23 -11.35 5.71
C CYS A 38 -7.79 -11.68 4.32
N ASP A 39 -8.71 -12.62 4.29
CA ASP A 39 -9.33 -13.03 3.04
C ASP A 39 -9.81 -11.79 2.28
N ASP A 40 -10.06 -10.74 3.06
CA ASP A 40 -10.54 -9.48 2.47
C ASP A 40 -9.36 -8.76 1.81
N ILE A 41 -8.36 -8.47 2.64
CA ILE A 41 -7.17 -7.79 2.15
C ILE A 41 -6.60 -8.55 0.95
N SER A 42 -6.26 -9.80 1.21
CA SER A 42 -5.69 -10.64 0.16
C SER A 42 -6.45 -10.44 -1.15
N ARG A 43 -7.75 -10.69 -1.09
CA ARG A 43 -8.60 -10.54 -2.26
C ARG A 43 -8.26 -9.23 -2.99
N ARG A 44 -8.14 -8.17 -2.21
CA ARG A 44 -7.82 -6.87 -2.76
C ARG A 44 -6.44 -6.90 -3.43
N LEU A 45 -5.52 -7.57 -2.77
CA LEU A 45 -4.16 -7.68 -3.29
C LEU A 45 -4.21 -8.23 -4.72
N ALA A 46 -4.81 -9.39 -4.85
CA ALA A 46 -4.93 -10.04 -6.15
C ALA A 46 -5.25 -8.97 -7.20
N LEU A 47 -6.20 -8.11 -6.86
CA LEU A 47 -6.60 -7.05 -7.76
C LEU A 47 -5.44 -6.07 -7.96
N LEU A 48 -4.99 -5.50 -6.85
CA LEU A 48 -3.89 -4.56 -6.88
C LEU A 48 -2.83 -5.05 -7.87
N ARG A 49 -2.43 -6.29 -7.68
CA ARG A 49 -1.43 -6.89 -8.54
C ARG A 49 -1.94 -6.99 -9.97
N GLU A 50 -3.02 -7.76 -10.12
CA GLU A 50 -3.63 -7.94 -11.43
C GLU A 50 -3.73 -6.61 -12.17
N GLN A 51 -4.27 -5.63 -11.47
CA GLN A 51 -4.43 -4.30 -12.03
C GLN A 51 -3.06 -3.66 -12.28
N TRP A 52 -2.16 -3.90 -11.35
CA TRP A 52 -0.82 -3.35 -11.45
C TRP A 52 -0.14 -3.97 -12.68
N ALA A 53 0.02 -5.28 -12.63
CA ALA A 53 0.65 -6.01 -13.72
C ALA A 53 -0.14 -5.75 -15.01
N GLY A 54 -1.43 -6.07 -14.94
CA GLY A 54 -2.31 -5.88 -16.09
C GLY A 54 -1.96 -4.58 -16.83
N GLY A 55 -1.55 -3.59 -16.06
CA GLY A 55 -1.20 -2.30 -16.63
C GLY A 55 -2.38 -1.32 -16.55
N LYS A 56 -3.32 -1.65 -15.68
CA LYS A 56 -4.49 -0.81 -15.49
C LYS A 56 -4.16 0.33 -14.52
N LEU A 57 -3.04 0.16 -13.83
CA LEU A 57 -2.60 1.16 -12.87
C LEU A 57 -1.67 2.16 -13.57
N SER A 58 -1.90 3.43 -13.27
CA SER A 58 -1.10 4.49 -13.85
C SER A 58 0.34 4.41 -13.32
N ILE A 59 1.24 5.06 -14.06
CA ILE A 59 2.65 5.07 -13.68
C ILE A 59 2.81 5.87 -12.39
N PRO A 60 2.12 7.05 -12.34
CA PRO A 60 2.19 7.90 -11.18
C PRO A 60 1.35 7.34 -10.03
N VAL A 61 0.65 6.25 -10.33
CA VAL A 61 -0.19 5.61 -9.34
C VAL A 61 0.63 4.56 -8.59
N LYS A 62 1.72 4.14 -9.23
CA LYS A 62 2.60 3.15 -8.64
C LYS A 62 3.73 3.84 -7.88
N LYS A 63 4.30 4.84 -8.54
CA LYS A 63 5.40 5.59 -7.95
C LYS A 63 4.95 6.15 -6.59
N ARG A 64 3.68 6.49 -6.51
CA ARG A 64 3.12 7.03 -5.29
C ARG A 64 2.99 5.93 -4.24
N MET A 65 2.57 4.76 -4.70
CA MET A 65 2.40 3.62 -3.82
C MET A 65 3.70 3.29 -3.09
N ALA A 66 4.74 3.03 -3.89
CA ALA A 66 6.04 2.70 -3.34
C ALA A 66 6.30 3.56 -2.10
N LEU A 67 5.95 4.84 -2.23
CA LEU A 67 6.15 5.77 -1.13
C LEU A 67 5.45 5.25 0.12
N LEU A 68 4.13 5.19 0.04
CA LEU A 68 3.33 4.71 1.17
C LEU A 68 3.96 3.43 1.70
N VAL A 69 4.36 2.56 0.79
CA VAL A 69 4.98 1.30 1.16
C VAL A 69 6.23 1.58 1.99
N GLN A 70 7.11 2.40 1.43
CA GLN A 70 8.34 2.75 2.11
C GLN A 70 8.05 3.23 3.54
N GLU A 71 6.87 3.82 3.70
CA GLU A 71 6.45 4.33 4.99
C GLU A 71 6.05 3.18 5.90
N LEU A 72 5.34 2.23 5.33
CA LEU A 72 4.88 1.07 6.08
C LEU A 72 6.09 0.28 6.59
N LEU A 73 7.19 0.42 5.86
CA LEU A 73 8.42 -0.27 6.22
C LEU A 73 9.11 0.48 7.35
N HIS A 74 9.03 1.81 7.28
CA HIS A 74 9.64 2.65 8.30
C HIS A 74 8.69 2.79 9.49
N HIS A 75 7.53 2.17 9.35
CA HIS A 75 6.53 2.20 10.41
C HIS A 75 5.71 3.50 10.30
N GLN A 76 6.11 4.33 9.35
CA GLN A 76 5.44 5.60 9.12
C GLN A 76 4.04 5.37 8.56
N TRP A 77 3.23 4.68 9.35
CA TRP A 77 1.86 4.37 8.95
C TRP A 77 1.17 5.70 8.62
N ASP A 78 1.34 6.67 9.52
CA ASP A 78 0.74 7.97 9.34
C ASP A 78 1.04 8.48 7.92
N ALA A 79 2.31 8.43 7.57
CA ALA A 79 2.74 8.87 6.26
C ALA A 79 2.03 8.04 5.18
N ALA A 80 2.18 6.73 5.31
CA ALA A 80 1.56 5.81 4.36
C ALA A 80 0.12 6.26 4.10
N ASP A 81 -0.57 6.56 5.19
CA ASP A 81 -1.96 6.99 5.08
C ASP A 81 -2.03 8.31 4.31
N ASP A 82 -1.05 9.16 4.58
CA ASP A 82 -0.98 10.46 3.92
C ASP A 82 -0.91 10.24 2.40
N ILE A 83 0.01 9.39 2.00
CA ILE A 83 0.18 9.10 0.59
C ILE A 83 -1.03 8.32 0.08
N HIS A 84 -1.47 7.36 0.87
CA HIS A 84 -2.61 6.54 0.52
C HIS A 84 -3.79 7.45 0.11
N ARG A 85 -4.16 8.32 1.04
CA ARG A 85 -5.26 9.25 0.80
C ARG A 85 -5.04 9.99 -0.52
N SER A 86 -3.86 10.59 -0.64
CA SER A 86 -3.52 11.33 -1.83
C SER A 86 -3.84 10.50 -3.08
N LEU A 87 -3.47 9.23 -3.02
CA LEU A 87 -3.71 8.32 -4.12
C LEU A 87 -5.21 8.11 -4.28
N MET A 88 -5.91 8.19 -3.15
CA MET A 88 -7.35 8.00 -3.15
C MET A 88 -8.08 9.32 -3.42
N VAL A 89 -7.31 10.40 -3.42
CA VAL A 89 -7.86 11.72 -3.67
C VAL A 89 -7.97 11.95 -5.18
N ASP A 90 -6.87 11.67 -5.87
CA ASP A 90 -6.83 11.85 -7.31
C ASP A 90 -7.12 10.51 -7.98
N HIS A 91 -6.18 9.59 -7.85
CA HIS A 91 -6.32 8.27 -8.45
C HIS A 91 -7.18 7.39 -7.53
N VAL A 92 -8.42 7.81 -7.34
CA VAL A 92 -9.35 7.08 -6.50
C VAL A 92 -9.94 5.92 -7.31
N THR A 93 -10.45 6.25 -8.48
CA THR A 93 -11.05 5.25 -9.35
C THR A 93 -10.02 4.22 -9.76
N GLU A 94 -8.77 4.53 -9.49
CA GLU A 94 -7.67 3.64 -9.82
C GLU A 94 -7.30 2.77 -8.63
N VAL A 95 -6.87 3.44 -7.56
CA VAL A 95 -6.48 2.74 -6.35
C VAL A 95 -7.69 1.99 -5.79
N SER A 96 -8.87 2.52 -6.09
CA SER A 96 -10.10 1.90 -5.63
C SER A 96 -10.22 0.48 -6.19
N GLN A 97 -11.12 -0.28 -5.57
CA GLN A 97 -11.34 -1.66 -5.98
C GLN A 97 -10.29 -2.58 -5.37
N TRP A 98 -9.43 -1.98 -4.55
CA TRP A 98 -8.38 -2.74 -3.89
C TRP A 98 -7.83 -1.88 -2.74
N MET A 99 -7.57 -0.62 -3.07
CA MET A 99 -7.04 0.32 -2.09
C MET A 99 -7.66 0.08 -0.72
N VAL A 100 -8.97 -0.14 -0.72
CA VAL A 100 -9.70 -0.38 0.50
C VAL A 100 -8.92 -1.38 1.36
N GLY A 101 -8.49 -2.45 0.72
CA GLY A 101 -7.73 -3.48 1.41
C GLY A 101 -6.46 -2.91 2.03
N VAL A 102 -5.61 -2.37 1.17
CA VAL A 102 -4.36 -1.79 1.62
C VAL A 102 -4.63 -0.87 2.82
N LYS A 103 -5.65 -0.03 2.66
CA LYS A 103 -6.01 0.89 3.72
C LYS A 103 -6.01 0.16 5.06
N ARG A 104 -6.74 -0.95 5.09
CA ARG A 104 -6.84 -1.74 6.29
C ARG A 104 -5.46 -2.27 6.70
N LEU A 105 -4.77 -2.83 5.71
CA LEU A 105 -3.44 -3.37 5.93
C LEU A 105 -2.67 -2.44 6.87
N ILE A 106 -2.49 -1.20 6.42
CA ILE A 106 -1.77 -0.22 7.20
C ILE A 106 -2.24 -0.28 8.65
N ALA A 107 -3.55 -0.21 8.83
CA ALA A 107 -4.14 -0.26 10.15
C ALA A 107 -3.67 -1.54 10.86
N GLU A 108 -3.68 -2.63 10.11
CA GLU A 108 -3.26 -3.91 10.65
C GLU A 108 -1.80 -3.84 11.11
N LYS A 109 -0.91 -3.68 10.13
CA LYS A 109 0.50 -3.59 10.42
C LYS A 109 0.72 -2.76 11.68
N LYS A 110 0.18 -1.55 11.66
CA LYS A 110 0.30 -0.65 12.80
C LYS A 110 -0.05 -1.41 14.08
N SER A 111 -1.25 -1.98 14.09
CA SER A 111 -1.71 -2.74 15.24
C SER A 111 -0.57 -3.59 15.80
N LEU A 112 -0.05 -4.47 14.96
CA LEU A 112 1.04 -5.34 15.35
C LEU A 112 2.19 -4.51 15.90
N SER A 113 2.71 -3.64 15.04
CA SER A 113 3.81 -2.77 15.43
C SER A 113 3.30 -1.65 16.34
N GLY A 114 3.10 -2.01 17.61
CA GLY A 114 2.62 -1.06 18.59
C GLY A 114 3.67 -0.82 19.68
N PRO A 115 4.53 0.21 19.44
CA PRO A 115 5.58 0.55 20.39
C PRO A 115 5.00 1.26 21.61
N SER A 116 4.11 2.21 21.32
CA SER A 116 3.48 2.98 22.39
C SER A 116 2.03 2.51 22.59
N SER A 117 1.43 2.99 23.66
CA SER A 117 0.05 2.63 23.98
C SER A 117 -0.80 3.89 24.14
N GLY A 118 -1.80 4.01 23.27
CA GLY A 118 -2.69 5.15 23.30
C GLY A 118 -4.11 4.73 23.66
N GLY A 1 -7.58 22.00 -25.36
CA GLY A 1 -6.75 20.80 -25.35
C GLY A 1 -5.81 20.80 -24.14
N SER A 2 -5.25 19.63 -23.87
CA SER A 2 -4.33 19.49 -22.75
C SER A 2 -3.38 18.32 -23.00
N SER A 3 -2.37 18.60 -23.82
CA SER A 3 -1.38 17.58 -24.15
C SER A 3 -0.15 17.73 -23.23
N GLY A 4 -0.20 17.00 -22.13
CA GLY A 4 0.89 17.04 -21.18
C GLY A 4 1.94 15.97 -21.49
N SER A 5 3.11 16.13 -20.89
CA SER A 5 4.20 15.19 -21.10
C SER A 5 4.57 14.51 -19.78
N SER A 6 5.16 13.33 -19.90
CA SER A 6 5.56 12.58 -18.73
C SER A 6 7.00 12.07 -18.90
N GLY A 7 7.94 12.98 -18.68
CA GLY A 7 9.35 12.64 -18.81
C GLY A 7 10.10 12.93 -17.51
N VAL A 8 10.63 11.87 -16.93
CA VAL A 8 11.38 11.98 -15.69
C VAL A 8 12.12 10.67 -15.41
N ILE A 9 13.37 10.81 -15.02
CA ILE A 9 14.20 9.65 -14.73
C ILE A 9 14.95 9.88 -13.42
N GLU A 10 14.92 8.87 -12.57
CA GLU A 10 15.59 8.96 -11.28
C GLU A 10 15.49 7.62 -10.54
N SER A 11 14.30 7.05 -10.56
CA SER A 11 14.06 5.78 -9.89
C SER A 11 12.78 5.14 -10.44
N GLU A 12 12.80 3.82 -10.49
CA GLU A 12 11.66 3.07 -10.97
C GLU A 12 11.19 2.06 -9.93
N THR A 13 9.89 1.76 -9.98
CA THR A 13 9.31 0.81 -9.04
C THR A 13 8.77 -0.40 -9.79
N LEU A 14 8.98 -1.57 -9.19
CA LEU A 14 8.51 -2.81 -9.79
C LEU A 14 7.28 -3.31 -9.03
N ILE A 15 6.44 -4.03 -9.74
CA ILE A 15 5.22 -4.58 -9.15
C ILE A 15 5.60 -5.54 -8.02
N GLU A 16 6.62 -6.33 -8.27
CA GLU A 16 7.08 -7.29 -7.29
C GLU A 16 7.85 -6.57 -6.17
N ASP A 17 8.09 -5.29 -6.38
CA ASP A 17 8.80 -4.48 -5.40
C ASP A 17 7.80 -3.84 -4.45
N VAL A 18 6.62 -3.56 -4.98
CA VAL A 18 5.57 -2.94 -4.19
C VAL A 18 4.68 -4.03 -3.60
N LEU A 19 4.80 -5.22 -4.16
CA LEU A 19 4.01 -6.36 -3.70
C LEU A 19 4.80 -7.11 -2.63
N ARG A 20 6.11 -7.19 -2.83
CA ARG A 20 6.97 -7.88 -1.90
C ARG A 20 6.59 -7.52 -0.46
N PRO A 21 6.49 -6.19 -0.21
CA PRO A 21 6.13 -5.71 1.12
C PRO A 21 4.64 -5.91 1.40
N LEU A 22 3.84 -5.41 0.48
CA LEU A 22 2.39 -5.53 0.61
C LEU A 22 2.04 -6.95 1.06
N GLU A 23 2.76 -7.91 0.49
CA GLU A 23 2.53 -9.31 0.84
C GLU A 23 3.08 -9.61 2.23
N GLN A 24 4.32 -9.18 2.44
CA GLN A 24 4.97 -9.40 3.72
C GLN A 24 4.02 -9.04 4.87
N ALA A 25 3.38 -7.89 4.74
CA ALA A 25 2.45 -7.42 5.75
C ALA A 25 1.35 -8.47 5.94
N LEU A 26 0.70 -8.81 4.84
CA LEU A 26 -0.37 -9.80 4.87
C LEU A 26 0.05 -10.96 5.75
N GLU A 27 1.20 -11.54 5.41
CA GLU A 27 1.71 -12.67 6.16
C GLU A 27 1.52 -12.45 7.66
N ASP A 28 1.80 -11.23 8.10
CA ASP A 28 1.65 -10.88 9.50
C ASP A 28 0.17 -10.97 9.89
N CYS A 29 -0.64 -10.24 9.14
CA CYS A 29 -2.08 -10.23 9.39
C CYS A 29 -2.58 -11.68 9.38
N HIS A 30 -2.15 -12.41 8.35
CA HIS A 30 -2.55 -13.80 8.21
C HIS A 30 -2.32 -14.54 9.53
N GLY A 31 -1.40 -14.00 10.32
CA GLY A 31 -1.08 -14.60 11.60
C GLY A 31 -1.34 -13.62 12.74
N HIS A 32 -2.37 -12.81 12.56
CA HIS A 32 -2.73 -11.81 13.57
C HIS A 32 -4.18 -11.38 13.35
N THR A 33 -4.40 -10.70 12.23
CA THR A 33 -5.73 -10.22 11.90
C THR A 33 -6.66 -11.39 11.59
N LYS A 34 -7.95 -11.19 11.87
CA LYS A 34 -8.94 -12.22 11.64
C LYS A 34 -8.68 -12.86 10.27
N LYS A 35 -8.98 -14.15 10.19
CA LYS A 35 -8.78 -14.90 8.97
C LYS A 35 -9.69 -14.34 7.88
N GLN A 36 -10.83 -13.80 8.32
CA GLN A 36 -11.79 -13.22 7.40
C GLN A 36 -11.23 -11.94 6.77
N VAL A 37 -10.87 -11.01 7.64
CA VAL A 37 -10.33 -9.74 7.19
C VAL A 37 -9.06 -10.00 6.36
N CYS A 38 -8.37 -11.06 6.72
CA CYS A 38 -7.15 -11.43 6.02
C CYS A 38 -7.52 -11.88 4.61
N ASP A 39 -8.47 -12.80 4.54
CA ASP A 39 -8.93 -13.31 3.25
C ASP A 39 -9.36 -12.14 2.38
N ASP A 40 -9.90 -11.12 3.02
CA ASP A 40 -10.36 -9.93 2.31
C ASP A 40 -9.15 -9.19 1.73
N ILE A 41 -8.32 -8.69 2.64
CA ILE A 41 -7.14 -7.95 2.24
C ILE A 41 -6.48 -8.66 1.05
N SER A 42 -6.06 -9.89 1.29
CA SER A 42 -5.42 -10.69 0.25
C SER A 42 -6.19 -10.54 -1.06
N ARG A 43 -7.48 -10.84 -0.99
CA ARG A 43 -8.34 -10.74 -2.15
C ARG A 43 -8.12 -9.41 -2.88
N ARG A 44 -7.94 -8.36 -2.08
CA ARG A 44 -7.72 -7.04 -2.63
C ARG A 44 -6.35 -6.96 -3.31
N LEU A 45 -5.38 -7.66 -2.70
CA LEU A 45 -4.04 -7.69 -3.24
C LEU A 45 -4.06 -8.26 -4.65
N ALA A 46 -4.61 -9.46 -4.77
CA ALA A 46 -4.70 -10.12 -6.05
C ALA A 46 -5.08 -9.09 -7.13
N LEU A 47 -6.07 -8.27 -6.80
CA LEU A 47 -6.53 -7.26 -7.72
C LEU A 47 -5.44 -6.20 -7.90
N LEU A 48 -5.02 -5.64 -6.77
CA LEU A 48 -3.99 -4.62 -6.80
C LEU A 48 -2.91 -5.01 -7.80
N ARG A 49 -2.41 -6.23 -7.64
CA ARG A 49 -1.38 -6.74 -8.52
C ARG A 49 -1.89 -6.81 -9.96
N GLU A 50 -3.12 -7.30 -10.10
CA GLU A 50 -3.74 -7.43 -11.40
C GLU A 50 -3.88 -6.05 -12.06
N GLN A 51 -4.36 -5.11 -11.27
CA GLN A 51 -4.55 -3.74 -11.76
C GLN A 51 -3.20 -3.08 -12.03
N TRP A 52 -2.25 -3.38 -11.14
CA TRP A 52 -0.92 -2.82 -11.27
C TRP A 52 -0.30 -3.34 -12.57
N ALA A 53 -0.16 -4.66 -12.63
CA ALA A 53 0.40 -5.29 -13.81
C ALA A 53 -0.48 -4.98 -15.02
N GLY A 54 -1.75 -5.35 -14.90
CA GLY A 54 -2.69 -5.11 -15.98
C GLY A 54 -2.40 -3.78 -16.69
N GLY A 55 -1.92 -2.82 -15.91
CA GLY A 55 -1.60 -1.51 -16.45
C GLY A 55 -2.74 -0.53 -16.21
N LYS A 56 -3.72 -0.98 -15.44
CA LYS A 56 -4.87 -0.14 -15.13
C LYS A 56 -4.44 0.97 -14.17
N LEU A 57 -3.23 0.83 -13.65
CA LEU A 57 -2.69 1.81 -12.73
C LEU A 57 -1.81 2.80 -13.49
N SER A 58 -1.89 4.06 -13.07
CA SER A 58 -1.10 5.10 -13.70
C SER A 58 0.36 5.01 -13.28
N ILE A 59 1.22 5.65 -14.04
CA ILE A 59 2.64 5.64 -13.74
C ILE A 59 2.89 6.34 -12.40
N PRO A 60 2.22 7.51 -12.23
CA PRO A 60 2.34 8.28 -11.01
C PRO A 60 1.57 7.62 -9.86
N VAL A 61 0.89 6.53 -10.20
CA VAL A 61 0.11 5.81 -9.20
C VAL A 61 1.00 4.74 -8.55
N LYS A 62 1.96 4.26 -9.31
CA LYS A 62 2.87 3.25 -8.82
C LYS A 62 4.02 3.92 -8.06
N LYS A 63 4.50 5.01 -8.63
CA LYS A 63 5.59 5.76 -8.02
C LYS A 63 5.15 6.26 -6.65
N ARG A 64 3.87 6.61 -6.56
CA ARG A 64 3.32 7.11 -5.31
C ARG A 64 3.11 5.95 -4.33
N MET A 65 2.61 4.85 -4.86
CA MET A 65 2.35 3.68 -4.04
C MET A 65 3.61 3.27 -3.26
N ALA A 66 4.67 3.01 -4.01
CA ALA A 66 5.93 2.62 -3.41
C ALA A 66 6.19 3.48 -2.17
N LEU A 67 5.78 4.74 -2.25
CA LEU A 67 5.96 5.67 -1.15
C LEU A 67 5.25 5.11 0.09
N LEU A 68 3.94 4.96 -0.04
CA LEU A 68 3.13 4.45 1.06
C LEU A 68 3.77 3.17 1.61
N VAL A 69 4.22 2.33 0.69
CA VAL A 69 4.86 1.08 1.06
C VAL A 69 6.11 1.37 1.89
N GLN A 70 7.04 2.10 1.27
CA GLN A 70 8.28 2.45 1.93
C GLN A 70 8.00 2.88 3.37
N GLU A 71 6.96 3.69 3.53
CA GLU A 71 6.59 4.17 4.84
C GLU A 71 6.17 3.00 5.74
N LEU A 72 5.19 2.25 5.26
CA LEU A 72 4.70 1.10 6.00
C LEU A 72 5.88 0.24 6.45
N LEU A 73 6.90 0.22 5.63
CA LEU A 73 8.09 -0.56 5.94
C LEU A 73 8.79 0.04 7.16
N HIS A 74 8.88 1.36 7.17
CA HIS A 74 9.51 2.07 8.26
C HIS A 74 8.52 2.20 9.42
N HIS A 75 7.31 1.70 9.19
CA HIS A 75 6.28 1.76 10.20
C HIS A 75 5.56 3.11 10.14
N GLN A 76 6.00 3.93 9.20
CA GLN A 76 5.42 5.25 9.01
C GLN A 76 4.00 5.13 8.47
N TRP A 77 3.11 4.65 9.32
CA TRP A 77 1.71 4.47 8.93
C TRP A 77 1.12 5.86 8.67
N ASP A 78 1.54 6.82 9.50
CA ASP A 78 1.06 8.18 9.37
C ASP A 78 1.34 8.68 7.95
N ALA A 79 2.45 8.23 7.40
CA ALA A 79 2.84 8.62 6.06
C ALA A 79 2.04 7.80 5.04
N ALA A 80 2.04 6.49 5.26
CA ALA A 80 1.32 5.59 4.37
C ALA A 80 -0.05 6.20 4.04
N ASP A 81 -0.78 6.53 5.09
CA ASP A 81 -2.11 7.10 4.93
C ASP A 81 -2.00 8.38 4.08
N ASP A 82 -1.15 9.29 4.54
CA ASP A 82 -0.94 10.54 3.85
C ASP A 82 -0.92 10.29 2.34
N ILE A 83 0.01 9.43 1.93
CA ILE A 83 0.15 9.09 0.54
C ILE A 83 -1.14 8.44 0.04
N HIS A 84 -1.52 7.37 0.71
CA HIS A 84 -2.73 6.64 0.34
C HIS A 84 -3.84 7.65 0.00
N ARG A 85 -4.01 8.62 0.88
CA ARG A 85 -5.04 9.63 0.68
C ARG A 85 -4.79 10.37 -0.63
N SER A 86 -3.55 10.80 -0.82
CA SER A 86 -3.18 11.52 -2.03
C SER A 86 -3.62 10.74 -3.26
N LEU A 87 -3.41 9.43 -3.19
CA LEU A 87 -3.78 8.55 -4.29
C LEU A 87 -5.30 8.44 -4.37
N MET A 88 -5.91 8.26 -3.20
CA MET A 88 -7.35 8.13 -3.12
C MET A 88 -8.03 9.46 -3.46
N VAL A 89 -7.22 10.50 -3.58
CA VAL A 89 -7.72 11.81 -3.90
C VAL A 89 -7.89 11.94 -5.42
N ASP A 90 -6.82 11.59 -6.13
CA ASP A 90 -6.84 11.67 -7.58
C ASP A 90 -7.19 10.29 -8.15
N HIS A 91 -6.25 9.36 -7.99
CA HIS A 91 -6.46 8.01 -8.48
C HIS A 91 -7.28 7.21 -7.47
N VAL A 92 -8.52 7.65 -7.28
CA VAL A 92 -9.41 6.99 -6.35
C VAL A 92 -10.10 5.81 -7.04
N THR A 93 -10.46 6.04 -8.30
CA THR A 93 -11.12 5.01 -9.08
C THR A 93 -10.12 3.92 -9.48
N GLU A 94 -8.84 4.25 -9.36
CA GLU A 94 -7.78 3.32 -9.68
C GLU A 94 -7.43 2.47 -8.47
N VAL A 95 -6.97 3.13 -7.43
CA VAL A 95 -6.59 2.45 -6.20
C VAL A 95 -7.80 1.68 -5.67
N SER A 96 -8.98 2.22 -5.94
CA SER A 96 -10.21 1.60 -5.48
C SER A 96 -10.33 0.19 -6.06
N GLN A 97 -11.18 -0.61 -5.44
CA GLN A 97 -11.39 -1.98 -5.88
C GLN A 97 -10.34 -2.90 -5.27
N TRP A 98 -9.47 -2.31 -4.46
CA TRP A 98 -8.41 -3.06 -3.81
C TRP A 98 -7.85 -2.21 -2.67
N MET A 99 -7.63 -0.95 -2.97
CA MET A 99 -7.11 -0.02 -1.99
C MET A 99 -7.69 -0.30 -0.60
N VAL A 100 -9.01 -0.45 -0.58
CA VAL A 100 -9.71 -0.73 0.67
C VAL A 100 -8.89 -1.73 1.50
N GLY A 101 -8.39 -2.74 0.81
CA GLY A 101 -7.60 -3.77 1.46
C GLY A 101 -6.32 -3.17 2.07
N VAL A 102 -5.56 -2.51 1.21
CA VAL A 102 -4.32 -1.89 1.65
C VAL A 102 -4.61 -0.94 2.81
N LYS A 103 -5.62 -0.11 2.62
CA LYS A 103 -6.01 0.85 3.64
C LYS A 103 -6.08 0.15 5.00
N ARG A 104 -6.85 -0.92 5.03
CA ARG A 104 -7.02 -1.69 6.25
C ARG A 104 -5.67 -2.23 6.73
N LEU A 105 -4.95 -2.83 5.79
CA LEU A 105 -3.63 -3.39 6.09
C LEU A 105 -2.87 -2.42 7.00
N ILE A 106 -2.81 -1.17 6.56
CA ILE A 106 -2.12 -0.14 7.31
C ILE A 106 -2.53 -0.23 8.78
N ALA A 107 -3.81 -0.02 9.03
CA ALA A 107 -4.35 -0.07 10.37
C ALA A 107 -3.80 -1.32 11.08
N GLU A 108 -4.10 -2.46 10.49
CA GLU A 108 -3.65 -3.74 11.05
C GLU A 108 -2.15 -3.69 11.34
N LYS A 109 -1.37 -3.60 10.26
CA LYS A 109 0.08 -3.56 10.39
C LYS A 109 0.45 -2.61 11.54
N LYS A 110 -0.09 -1.41 11.47
CA LYS A 110 0.17 -0.41 12.49
C LYS A 110 -0.22 -0.96 13.86
N SER A 111 -1.46 -1.42 13.95
CA SER A 111 -1.97 -1.98 15.19
C SER A 111 -0.96 -2.99 15.76
N LEU A 112 -0.56 -3.91 14.91
CA LEU A 112 0.40 -4.93 15.33
C LEU A 112 1.49 -4.29 16.19
N SER A 113 2.18 -3.32 15.58
CA SER A 113 3.24 -2.62 16.28
C SER A 113 2.75 -2.16 17.66
N GLY A 114 1.78 -1.25 17.64
CA GLY A 114 1.22 -0.73 18.87
C GLY A 114 2.32 -0.18 19.78
N PRO A 115 2.95 0.93 19.32
CA PRO A 115 4.00 1.57 20.07
C PRO A 115 3.45 2.33 21.28
N SER A 116 2.40 3.11 21.00
CA SER A 116 1.77 3.89 22.05
C SER A 116 0.26 3.63 22.06
N SER A 117 -0.17 2.87 23.05
CA SER A 117 -1.58 2.53 23.19
C SER A 117 -2.25 3.49 24.17
N GLY A 118 -3.57 3.58 24.04
CA GLY A 118 -4.34 4.45 24.91
C GLY A 118 -5.84 4.21 24.73
N GLY A 1 19.61 9.86 21.45
CA GLY A 1 18.83 9.66 20.25
C GLY A 1 19.70 9.11 19.12
N SER A 2 19.11 9.02 17.93
CA SER A 2 19.83 8.53 16.77
C SER A 2 19.08 8.91 15.49
N SER A 3 19.81 9.53 14.57
CA SER A 3 19.23 9.95 13.31
C SER A 3 20.34 10.23 12.30
N GLY A 4 20.01 9.98 11.04
CA GLY A 4 20.98 10.20 9.96
C GLY A 4 20.55 9.45 8.69
N SER A 5 21.56 8.96 7.98
CA SER A 5 21.31 8.22 6.76
C SER A 5 20.46 9.06 5.81
N SER A 6 21.11 10.00 5.13
CA SER A 6 20.43 10.88 4.20
C SER A 6 20.46 10.26 2.80
N GLY A 7 19.40 10.53 2.05
CA GLY A 7 19.29 10.02 0.69
C GLY A 7 18.21 10.77 -0.09
N VAL A 8 16.97 10.47 0.24
CA VAL A 8 15.84 11.11 -0.42
C VAL A 8 15.90 10.80 -1.92
N ILE A 9 15.67 9.54 -2.24
CA ILE A 9 15.68 9.10 -3.62
C ILE A 9 14.42 8.29 -3.92
N GLU A 10 13.78 8.63 -5.02
CA GLU A 10 12.56 7.94 -5.42
C GLU A 10 12.45 7.93 -6.95
N SER A 11 12.41 6.72 -7.50
CA SER A 11 12.30 6.55 -8.94
C SER A 11 12.35 5.06 -9.29
N GLU A 12 11.58 4.71 -10.31
CA GLU A 12 11.53 3.33 -10.77
C GLU A 12 10.98 2.43 -9.66
N THR A 13 10.04 1.57 -10.06
CA THR A 13 9.43 0.65 -9.12
C THR A 13 8.94 -0.61 -9.83
N LEU A 14 8.99 -1.71 -9.12
CA LEU A 14 8.55 -2.99 -9.68
C LEU A 14 7.35 -3.50 -8.90
N ILE A 15 6.49 -4.23 -9.59
CA ILE A 15 5.30 -4.77 -8.98
C ILE A 15 5.71 -5.66 -7.80
N GLU A 16 6.73 -6.47 -8.02
CA GLU A 16 7.22 -7.36 -6.99
C GLU A 16 7.92 -6.56 -5.88
N ASP A 17 8.06 -5.27 -6.13
CA ASP A 17 8.70 -4.39 -5.17
C ASP A 17 7.63 -3.71 -4.32
N VAL A 18 6.48 -3.47 -4.93
CA VAL A 18 5.37 -2.83 -4.24
C VAL A 18 4.49 -3.90 -3.61
N LEU A 19 4.58 -5.11 -4.16
CA LEU A 19 3.79 -6.22 -3.66
C LEU A 19 4.58 -6.94 -2.56
N ARG A 20 5.89 -7.04 -2.79
CA ARG A 20 6.76 -7.70 -1.83
C ARG A 20 6.32 -7.37 -0.39
N PRO A 21 6.19 -6.04 -0.13
CA PRO A 21 5.78 -5.58 1.19
C PRO A 21 4.29 -5.81 1.41
N LEU A 22 3.50 -5.21 0.53
CA LEU A 22 2.05 -5.34 0.63
C LEU A 22 1.70 -6.80 0.88
N GLU A 23 2.57 -7.69 0.42
CA GLU A 23 2.35 -9.12 0.59
C GLU A 23 2.90 -9.58 1.94
N GLN A 24 4.13 -9.14 2.22
CA GLN A 24 4.77 -9.49 3.47
C GLN A 24 3.96 -8.98 4.67
N ALA A 25 3.26 -7.89 4.43
CA ALA A 25 2.43 -7.30 5.47
C ALA A 25 1.26 -8.23 5.79
N LEU A 26 0.66 -8.74 4.72
CA LEU A 26 -0.48 -9.63 4.87
C LEU A 26 -0.10 -10.77 5.83
N GLU A 27 0.92 -11.52 5.43
CA GLU A 27 1.39 -12.63 6.25
C GLU A 27 1.48 -12.21 7.71
N ASP A 28 2.07 -11.05 7.93
CA ASP A 28 2.23 -10.53 9.28
C ASP A 28 0.85 -10.38 9.93
N CYS A 29 -0.11 -9.98 9.12
CA CYS A 29 -1.47 -9.81 9.60
C CYS A 29 -2.10 -11.19 9.78
N HIS A 30 -1.88 -12.04 8.80
CA HIS A 30 -2.41 -13.40 8.83
C HIS A 30 -2.15 -14.01 10.20
N GLY A 31 -1.11 -13.51 10.86
CA GLY A 31 -0.75 -14.00 12.18
C GLY A 31 -1.52 -13.26 13.28
N HIS A 32 -1.77 -11.99 13.02
CA HIS A 32 -2.49 -11.15 13.96
C HIS A 32 -3.95 -11.00 13.51
N THR A 33 -4.12 -10.20 12.46
CA THR A 33 -5.45 -9.96 11.92
C THR A 33 -6.25 -11.25 11.86
N LYS A 34 -7.56 -11.11 11.94
CA LYS A 34 -8.44 -12.26 11.89
C LYS A 34 -8.16 -13.06 10.62
N LYS A 35 -9.08 -13.98 10.33
CA LYS A 35 -8.94 -14.82 9.15
C LYS A 35 -9.72 -14.19 7.99
N GLN A 36 -11.02 -14.04 8.20
CA GLN A 36 -11.87 -13.45 7.18
C GLN A 36 -11.26 -12.16 6.64
N VAL A 37 -10.77 -11.34 7.56
CA VAL A 37 -10.14 -10.08 7.18
C VAL A 37 -9.14 -10.33 6.07
N CYS A 38 -8.14 -11.15 6.37
CA CYS A 38 -7.11 -11.48 5.41
C CYS A 38 -7.79 -11.84 4.09
N ASP A 39 -8.61 -12.88 4.16
CA ASP A 39 -9.32 -13.35 2.97
C ASP A 39 -9.78 -12.14 2.16
N ASP A 40 -10.13 -11.07 2.87
CA ASP A 40 -10.59 -9.86 2.23
C ASP A 40 -9.39 -9.12 1.64
N ILE A 41 -8.48 -8.75 2.51
CA ILE A 41 -7.28 -8.04 2.09
C ILE A 41 -6.64 -8.77 0.91
N SER A 42 -6.31 -10.04 1.15
CA SER A 42 -5.69 -10.86 0.12
C SER A 42 -6.46 -10.71 -1.19
N ARG A 43 -7.76 -10.96 -1.11
CA ARG A 43 -8.61 -10.87 -2.28
C ARG A 43 -8.37 -9.54 -3.00
N ARG A 44 -8.17 -8.50 -2.21
CA ARG A 44 -7.92 -7.18 -2.77
C ARG A 44 -6.55 -7.13 -3.44
N LEU A 45 -5.57 -7.70 -2.76
CA LEU A 45 -4.21 -7.72 -3.27
C LEU A 45 -4.22 -8.32 -4.67
N ALA A 46 -4.76 -9.53 -4.77
CA ALA A 46 -4.84 -10.21 -6.05
C ALA A 46 -5.20 -9.21 -7.14
N LEU A 47 -6.15 -8.36 -6.83
CA LEU A 47 -6.60 -7.35 -7.77
C LEU A 47 -5.47 -6.34 -8.01
N LEU A 48 -4.99 -5.77 -6.91
CA LEU A 48 -3.92 -4.79 -6.98
C LEU A 48 -2.87 -5.27 -7.98
N ARG A 49 -2.40 -6.49 -7.76
CA ARG A 49 -1.39 -7.07 -8.62
C ARG A 49 -1.90 -7.13 -10.07
N GLU A 50 -3.09 -7.70 -10.22
CA GLU A 50 -3.69 -7.81 -11.54
C GLU A 50 -3.77 -6.44 -12.21
N GLN A 51 -4.41 -5.51 -11.51
CA GLN A 51 -4.55 -4.16 -12.03
C GLN A 51 -3.18 -3.53 -12.26
N TRP A 52 -2.26 -3.83 -11.36
CA TRP A 52 -0.90 -3.30 -11.46
C TRP A 52 -0.26 -3.89 -12.71
N ALA A 53 -0.07 -5.20 -12.68
CA ALA A 53 0.54 -5.90 -13.80
C ALA A 53 -0.23 -5.56 -15.08
N GLY A 54 -1.52 -5.88 -15.07
CA GLY A 54 -2.36 -5.62 -16.22
C GLY A 54 -2.01 -4.27 -16.86
N GLY A 55 -1.55 -3.36 -16.03
CA GLY A 55 -1.17 -2.03 -16.51
C GLY A 55 -2.37 -1.09 -16.53
N LYS A 56 -3.28 -1.34 -15.58
CA LYS A 56 -4.48 -0.51 -15.49
C LYS A 56 -4.19 0.69 -14.59
N LEU A 57 -3.23 0.52 -13.70
CA LEU A 57 -2.85 1.58 -12.78
C LEU A 57 -2.03 2.63 -13.53
N SER A 58 -1.97 3.82 -12.94
CA SER A 58 -1.21 4.90 -13.55
C SER A 58 0.26 4.83 -13.10
N ILE A 59 1.11 5.45 -13.90
CA ILE A 59 2.53 5.48 -13.59
C ILE A 59 2.75 6.21 -12.27
N PRO A 60 2.06 7.37 -12.13
CA PRO A 60 2.19 8.16 -10.91
C PRO A 60 1.42 7.52 -9.75
N VAL A 61 0.76 6.41 -10.07
CA VAL A 61 -0.02 5.71 -9.07
C VAL A 61 0.87 4.65 -8.40
N LYS A 62 1.88 4.22 -9.14
CA LYS A 62 2.81 3.23 -8.63
C LYS A 62 3.96 3.92 -7.90
N LYS A 63 4.42 5.02 -8.51
CA LYS A 63 5.51 5.78 -7.92
C LYS A 63 5.09 6.31 -6.55
N ARG A 64 3.82 6.67 -6.46
CA ARG A 64 3.27 7.19 -5.22
C ARG A 64 3.10 6.05 -4.20
N MET A 65 2.60 4.93 -4.69
CA MET A 65 2.38 3.78 -3.83
C MET A 65 3.65 3.39 -3.09
N ALA A 66 4.69 3.10 -3.88
CA ALA A 66 5.97 2.72 -3.31
C ALA A 66 6.24 3.57 -2.06
N LEU A 67 6.00 4.86 -2.19
CA LEU A 67 6.21 5.78 -1.09
C LEU A 67 5.50 5.26 0.15
N LEU A 68 4.17 5.26 0.09
CA LEU A 68 3.37 4.79 1.21
C LEU A 68 3.95 3.47 1.73
N VAL A 69 4.32 2.61 0.79
CA VAL A 69 4.88 1.33 1.14
C VAL A 69 6.18 1.54 1.94
N GLN A 70 7.05 2.38 1.39
CA GLN A 70 8.30 2.68 2.04
C GLN A 70 8.07 3.15 3.48
N GLU A 71 6.92 3.78 3.67
CA GLU A 71 6.56 4.29 4.99
C GLU A 71 6.15 3.13 5.90
N LEU A 72 5.35 2.22 5.34
CA LEU A 72 4.88 1.07 6.10
C LEU A 72 6.08 0.24 6.54
N LEU A 73 7.17 0.36 5.79
CA LEU A 73 8.38 -0.38 6.10
C LEU A 73 9.08 0.28 7.29
N HIS A 74 9.08 1.60 7.28
CA HIS A 74 9.71 2.36 8.36
C HIS A 74 8.74 2.48 9.53
N HIS A 75 7.54 1.95 9.32
CA HIS A 75 6.51 2.00 10.35
C HIS A 75 5.77 3.34 10.27
N GLN A 76 6.18 4.15 9.30
CA GLN A 76 5.56 5.45 9.10
C GLN A 76 4.15 5.29 8.54
N TRP A 77 3.31 4.60 9.30
CA TRP A 77 1.94 4.36 8.89
C TRP A 77 1.31 5.72 8.59
N ASP A 78 1.41 6.62 9.56
CA ASP A 78 0.85 7.95 9.41
C ASP A 78 1.17 8.47 8.00
N ALA A 79 2.46 8.43 7.67
CA ALA A 79 2.91 8.90 6.37
C ALA A 79 2.16 8.13 5.27
N ALA A 80 2.26 6.81 5.36
CA ALA A 80 1.61 5.95 4.38
C ALA A 80 0.19 6.46 4.13
N ASP A 81 -0.54 6.65 5.23
CA ASP A 81 -1.91 7.12 5.16
C ASP A 81 -1.94 8.44 4.38
N ASP A 82 -0.91 9.25 4.62
CA ASP A 82 -0.82 10.54 3.96
C ASP A 82 -0.76 10.34 2.44
N ILE A 83 0.24 9.58 2.02
CA ILE A 83 0.41 9.30 0.59
C ILE A 83 -0.84 8.60 0.06
N HIS A 84 -1.28 7.60 0.83
CA HIS A 84 -2.47 6.84 0.44
C HIS A 84 -3.60 7.81 0.10
N ARG A 85 -3.83 8.74 1.00
CA ARG A 85 -4.89 9.73 0.81
C ARG A 85 -4.71 10.44 -0.52
N SER A 86 -3.52 10.96 -0.73
CA SER A 86 -3.20 11.67 -1.96
C SER A 86 -3.65 10.85 -3.17
N LEU A 87 -3.41 9.54 -3.07
CA LEU A 87 -3.79 8.64 -4.14
C LEU A 87 -5.31 8.48 -4.18
N MET A 88 -5.88 8.34 -2.99
CA MET A 88 -7.32 8.18 -2.86
C MET A 88 -8.04 9.48 -3.23
N VAL A 89 -7.26 10.54 -3.40
CA VAL A 89 -7.81 11.83 -3.75
C VAL A 89 -8.09 11.87 -5.25
N ASP A 90 -7.05 11.60 -6.03
CA ASP A 90 -7.17 11.59 -7.47
C ASP A 90 -7.44 10.17 -7.96
N HIS A 91 -6.44 9.32 -7.83
CA HIS A 91 -6.55 7.94 -8.25
C HIS A 91 -7.38 7.16 -7.22
N VAL A 92 -8.62 7.60 -7.05
CA VAL A 92 -9.52 6.95 -6.11
C VAL A 92 -10.19 5.76 -6.79
N THR A 93 -10.73 6.02 -7.97
CA THR A 93 -11.41 4.98 -8.73
C THR A 93 -10.41 3.92 -9.20
N GLU A 94 -9.14 4.34 -9.24
CA GLU A 94 -8.08 3.44 -9.67
C GLU A 94 -7.65 2.53 -8.51
N VAL A 95 -7.16 3.17 -7.46
CA VAL A 95 -6.71 2.43 -6.28
C VAL A 95 -7.86 1.59 -5.75
N SER A 96 -9.06 2.16 -5.80
CA SER A 96 -10.25 1.48 -5.33
C SER A 96 -10.30 0.06 -5.91
N GLN A 97 -11.28 -0.70 -5.45
CA GLN A 97 -11.46 -2.06 -5.92
C GLN A 97 -10.37 -2.97 -5.33
N TRP A 98 -9.55 -2.37 -4.47
CA TRP A 98 -8.47 -3.11 -3.84
C TRP A 98 -7.91 -2.24 -2.71
N MET A 99 -7.72 -0.97 -3.03
CA MET A 99 -7.18 -0.03 -2.06
C MET A 99 -7.73 -0.32 -0.66
N VAL A 100 -9.05 -0.51 -0.60
CA VAL A 100 -9.70 -0.80 0.66
C VAL A 100 -8.86 -1.80 1.46
N GLY A 101 -8.44 -2.84 0.77
CA GLY A 101 -7.63 -3.88 1.39
C GLY A 101 -6.34 -3.29 1.97
N VAL A 102 -5.66 -2.50 1.14
CA VAL A 102 -4.42 -1.88 1.56
C VAL A 102 -4.69 -0.95 2.75
N LYS A 103 -5.62 -0.03 2.55
CA LYS A 103 -5.97 0.91 3.59
C LYS A 103 -6.08 0.17 4.92
N ARG A 104 -6.83 -0.92 4.91
CA ARG A 104 -7.01 -1.72 6.10
C ARG A 104 -5.67 -2.29 6.57
N LEU A 105 -4.97 -2.91 5.63
CA LEU A 105 -3.68 -3.51 5.93
C LEU A 105 -2.87 -2.54 6.81
N ILE A 106 -2.63 -1.36 6.28
CA ILE A 106 -1.88 -0.35 7.00
C ILE A 106 -2.33 -0.34 8.46
N ALA A 107 -3.62 -0.09 8.65
CA ALA A 107 -4.18 -0.05 9.99
C ALA A 107 -3.72 -1.28 10.77
N GLU A 108 -3.87 -2.43 10.12
CA GLU A 108 -3.47 -3.69 10.75
C GLU A 108 -1.99 -3.66 11.11
N LYS A 109 -1.17 -3.57 10.08
CA LYS A 109 0.27 -3.54 10.29
C LYS A 109 0.60 -2.65 11.49
N LYS A 110 -0.01 -1.47 11.50
CA LYS A 110 0.20 -0.53 12.57
C LYS A 110 -0.18 -1.18 13.90
N SER A 111 -1.38 -1.74 13.92
CA SER A 111 -1.89 -2.39 15.12
C SER A 111 -0.77 -3.17 15.79
N LEU A 112 -0.13 -4.04 15.02
CA LEU A 112 0.96 -4.85 15.53
C LEU A 112 1.95 -3.95 16.28
N SER A 113 2.54 -3.04 15.52
CA SER A 113 3.52 -2.11 16.09
C SER A 113 2.81 -1.13 17.02
N GLY A 114 2.53 -1.60 18.23
CA GLY A 114 1.85 -0.78 19.22
C GLY A 114 2.56 -0.88 20.57
N PRO A 115 3.43 0.13 20.84
CA PRO A 115 4.17 0.17 22.10
C PRO A 115 3.27 0.60 23.25
N SER A 116 2.40 -0.32 23.66
CA SER A 116 1.48 -0.04 24.75
C SER A 116 0.85 -1.35 25.25
N SER A 117 0.20 -2.04 24.33
CA SER A 117 -0.45 -3.30 24.65
C SER A 117 -0.05 -4.38 23.64
N GLY A 118 -0.33 -4.09 22.38
CA GLY A 118 0.00 -5.02 21.31
C GLY A 118 -0.83 -4.72 20.06
N GLY A 1 28.57 12.92 18.83
CA GLY A 1 27.13 13.05 18.79
C GLY A 1 26.56 12.37 17.53
N SER A 2 26.94 12.91 16.39
CA SER A 2 26.48 12.37 15.12
C SER A 2 24.97 12.57 14.98
N SER A 3 24.50 12.45 13.75
CA SER A 3 23.08 12.61 13.47
C SER A 3 22.77 12.13 12.06
N GLY A 4 21.48 12.12 11.73
CA GLY A 4 21.04 11.68 10.42
C GLY A 4 20.52 12.87 9.60
N SER A 5 19.62 12.55 8.67
CA SER A 5 19.05 13.57 7.81
C SER A 5 17.88 12.98 7.01
N SER A 6 17.20 13.85 6.29
CA SER A 6 16.08 13.43 5.47
C SER A 6 16.50 12.29 4.55
N GLY A 7 15.52 11.79 3.80
CA GLY A 7 15.78 10.70 2.87
C GLY A 7 15.18 11.00 1.49
N VAL A 8 15.72 10.33 0.49
CA VAL A 8 15.26 10.51 -0.87
C VAL A 8 15.17 9.15 -1.56
N ILE A 9 13.94 8.73 -1.84
CA ILE A 9 13.72 7.46 -2.49
C ILE A 9 12.92 7.68 -3.79
N GLU A 10 13.37 7.04 -4.85
CA GLU A 10 12.73 7.17 -6.14
C GLU A 10 13.39 6.24 -7.16
N SER A 11 12.55 5.62 -7.99
CA SER A 11 13.05 4.71 -9.01
C SER A 11 11.89 4.27 -9.92
N GLU A 12 12.22 3.38 -10.84
CA GLU A 12 11.22 2.87 -11.77
C GLU A 12 10.13 2.12 -11.02
N THR A 13 10.47 1.69 -9.81
CA THR A 13 9.53 0.94 -8.98
C THR A 13 9.09 -0.33 -9.69
N LEU A 14 9.26 -1.44 -8.99
CA LEU A 14 8.89 -2.74 -9.54
C LEU A 14 7.62 -3.24 -8.84
N ILE A 15 6.85 -4.03 -9.56
CA ILE A 15 5.62 -4.57 -9.03
C ILE A 15 5.93 -5.45 -7.82
N GLU A 16 6.89 -6.34 -8.00
CA GLU A 16 7.29 -7.24 -6.93
C GLU A 16 7.93 -6.44 -5.79
N ASP A 17 8.31 -5.22 -6.10
CA ASP A 17 8.94 -4.36 -5.11
C ASP A 17 7.84 -3.71 -4.25
N VAL A 18 6.72 -3.44 -4.88
CA VAL A 18 5.59 -2.83 -4.18
C VAL A 18 4.72 -3.92 -3.57
N LEU A 19 4.86 -5.12 -4.14
CA LEU A 19 4.07 -6.26 -3.66
C LEU A 19 4.86 -6.98 -2.56
N ARG A 20 6.17 -7.02 -2.74
CA ARG A 20 7.04 -7.67 -1.76
C ARG A 20 6.55 -7.38 -0.35
N PRO A 21 6.36 -6.06 -0.06
CA PRO A 21 5.90 -5.64 1.26
C PRO A 21 4.42 -5.92 1.44
N LEU A 22 3.63 -5.35 0.54
CA LEU A 22 2.18 -5.54 0.59
C LEU A 22 1.87 -7.01 0.82
N GLU A 23 2.78 -7.86 0.35
CA GLU A 23 2.61 -9.29 0.50
C GLU A 23 3.14 -9.75 1.86
N GLN A 24 4.32 -9.27 2.20
CA GLN A 24 4.95 -9.62 3.46
C GLN A 24 4.08 -9.14 4.64
N ALA A 25 3.34 -8.06 4.38
CA ALA A 25 2.48 -7.49 5.40
C ALA A 25 1.29 -8.42 5.62
N LEU A 26 0.65 -8.80 4.52
CA LEU A 26 -0.50 -9.69 4.58
C LEU A 26 -0.19 -10.85 5.52
N GLU A 27 0.83 -11.62 5.15
CA GLU A 27 1.24 -12.76 5.94
C GLU A 27 1.24 -12.41 7.42
N ASP A 28 1.81 -11.25 7.72
CA ASP A 28 1.90 -10.78 9.10
C ASP A 28 0.48 -10.74 9.69
N CYS A 29 -0.46 -10.28 8.88
CA CYS A 29 -1.83 -10.18 9.31
C CYS A 29 -2.40 -11.59 9.44
N HIS A 30 -2.07 -12.41 8.46
CA HIS A 30 -2.53 -13.79 8.45
C HIS A 30 -2.43 -14.38 9.86
N GLY A 31 -1.22 -14.30 10.41
CA GLY A 31 -0.98 -14.82 11.74
C GLY A 31 -1.20 -13.74 12.80
N HIS A 32 -2.33 -13.05 12.67
CA HIS A 32 -2.68 -12.00 13.61
C HIS A 32 -4.15 -11.60 13.42
N THR A 33 -4.39 -10.85 12.36
CA THR A 33 -5.73 -10.40 12.05
C THR A 33 -6.63 -11.59 11.68
N LYS A 34 -7.92 -11.44 11.94
CA LYS A 34 -8.88 -12.49 11.64
C LYS A 34 -8.63 -13.01 10.22
N LYS A 35 -9.32 -14.09 9.89
CA LYS A 35 -9.18 -14.69 8.58
C LYS A 35 -10.08 -13.94 7.59
N GLN A 36 -11.32 -13.75 8.00
CA GLN A 36 -12.29 -13.05 7.18
C GLN A 36 -11.71 -11.73 6.68
N VAL A 37 -10.91 -11.10 7.54
CA VAL A 37 -10.29 -9.83 7.20
C VAL A 37 -9.12 -10.09 6.25
N CYS A 38 -8.21 -10.95 6.68
CA CYS A 38 -7.04 -11.28 5.88
C CYS A 38 -7.52 -11.72 4.49
N ASP A 39 -8.59 -12.50 4.48
CA ASP A 39 -9.16 -12.98 3.24
C ASP A 39 -9.68 -11.79 2.42
N ASP A 40 -10.13 -10.78 3.15
CA ASP A 40 -10.65 -9.58 2.50
C ASP A 40 -9.50 -8.79 1.88
N ILE A 41 -8.57 -8.38 2.73
CA ILE A 41 -7.42 -7.63 2.28
C ILE A 41 -6.78 -8.34 1.09
N SER A 42 -6.32 -9.57 1.36
CA SER A 42 -5.69 -10.37 0.33
C SER A 42 -6.46 -10.24 -0.99
N ARG A 43 -7.75 -10.54 -0.91
CA ARG A 43 -8.61 -10.46 -2.08
C ARG A 43 -8.31 -9.18 -2.88
N ARG A 44 -7.97 -8.13 -2.15
CA ARG A 44 -7.66 -6.86 -2.77
C ARG A 44 -6.31 -6.93 -3.48
N LEU A 45 -5.31 -7.39 -2.74
CA LEU A 45 -3.97 -7.52 -3.29
C LEU A 45 -4.05 -8.10 -4.70
N ALA A 46 -4.78 -9.20 -4.81
CA ALA A 46 -4.94 -9.87 -6.09
C ALA A 46 -5.34 -8.84 -7.15
N LEU A 47 -6.27 -7.98 -6.77
CA LEU A 47 -6.74 -6.94 -7.67
C LEU A 47 -5.62 -5.92 -7.90
N LEU A 48 -4.94 -5.60 -6.81
CA LEU A 48 -3.85 -4.64 -6.87
C LEU A 48 -2.83 -5.10 -7.93
N ARG A 49 -2.26 -6.27 -7.68
CA ARG A 49 -1.27 -6.82 -8.59
C ARG A 49 -1.82 -6.83 -10.02
N GLU A 50 -2.91 -7.55 -10.20
CA GLU A 50 -3.54 -7.65 -11.50
C GLU A 50 -3.58 -6.28 -12.19
N GLN A 51 -4.14 -5.32 -11.48
CA GLN A 51 -4.24 -3.97 -11.99
C GLN A 51 -2.85 -3.39 -12.27
N TRP A 52 -1.92 -3.72 -11.37
CA TRP A 52 -0.55 -3.25 -11.50
C TRP A 52 0.04 -3.90 -12.75
N ALA A 53 0.21 -5.22 -12.67
CA ALA A 53 0.78 -5.96 -13.78
C ALA A 53 0.03 -5.60 -15.06
N GLY A 54 -1.28 -5.84 -15.05
CA GLY A 54 -2.10 -5.55 -16.19
C GLY A 54 -1.69 -4.24 -16.86
N GLY A 55 -1.37 -3.26 -16.02
CA GLY A 55 -0.94 -1.97 -16.51
C GLY A 55 -2.08 -0.95 -16.41
N LYS A 56 -3.11 -1.33 -15.67
CA LYS A 56 -4.26 -0.46 -15.49
C LYS A 56 -3.87 0.69 -14.56
N LEU A 57 -2.88 0.43 -13.72
CA LEU A 57 -2.41 1.44 -12.78
C LEU A 57 -1.61 2.49 -13.54
N SER A 58 -1.68 3.72 -13.03
CA SER A 58 -0.97 4.83 -13.65
C SER A 58 0.50 4.82 -13.18
N ILE A 59 1.36 5.29 -14.06
CA ILE A 59 2.78 5.35 -13.76
C ILE A 59 3.00 6.14 -12.47
N PRO A 60 2.29 7.30 -12.38
CA PRO A 60 2.39 8.15 -11.21
C PRO A 60 1.61 7.56 -10.03
N VAL A 61 0.92 6.47 -10.32
CA VAL A 61 0.13 5.80 -9.29
C VAL A 61 0.98 4.71 -8.63
N LYS A 62 2.01 4.30 -9.36
CA LYS A 62 2.91 3.26 -8.86
C LYS A 62 4.03 3.91 -8.05
N LYS A 63 4.62 4.95 -8.63
CA LYS A 63 5.70 5.67 -7.99
C LYS A 63 5.20 6.22 -6.65
N ARG A 64 3.91 6.51 -6.60
CA ARG A 64 3.30 7.04 -5.39
C ARG A 64 3.10 5.92 -4.36
N MET A 65 2.57 4.81 -4.85
CA MET A 65 2.32 3.67 -3.99
C MET A 65 3.58 3.28 -3.22
N ALA A 66 4.63 2.97 -3.96
CA ALA A 66 5.90 2.59 -3.36
C ALA A 66 6.15 3.45 -2.12
N LEU A 67 5.73 4.71 -2.22
CA LEU A 67 5.91 5.64 -1.12
C LEU A 67 5.14 5.14 0.10
N LEU A 68 3.83 5.06 -0.06
CA LEU A 68 2.97 4.60 1.01
C LEU A 68 3.55 3.32 1.62
N VAL A 69 4.17 2.53 0.76
CA VAL A 69 4.77 1.28 1.20
C VAL A 69 6.04 1.59 2.00
N GLN A 70 6.98 2.25 1.34
CA GLN A 70 8.24 2.61 1.97
C GLN A 70 7.99 3.08 3.41
N GLU A 71 6.88 3.81 3.58
CA GLU A 71 6.53 4.33 4.89
C GLU A 71 6.17 3.18 5.83
N LEU A 72 5.27 2.33 5.35
CA LEU A 72 4.83 1.19 6.14
C LEU A 72 6.05 0.37 6.57
N LEU A 73 7.10 0.46 5.77
CA LEU A 73 8.33 -0.25 6.07
C LEU A 73 9.01 0.39 7.28
N HIS A 74 9.07 1.72 7.26
CA HIS A 74 9.69 2.46 8.34
C HIS A 74 8.71 2.56 9.52
N HIS A 75 7.53 2.00 9.31
CA HIS A 75 6.50 2.02 10.34
C HIS A 75 5.67 3.30 10.21
N GLN A 76 6.08 4.15 9.28
CA GLN A 76 5.39 5.39 9.03
C GLN A 76 3.97 5.12 8.49
N TRP A 77 3.11 4.66 9.38
CA TRP A 77 1.74 4.36 9.01
C TRP A 77 1.04 5.68 8.70
N ASP A 78 1.36 6.69 9.48
CA ASP A 78 0.78 8.01 9.29
C ASP A 78 1.00 8.47 7.86
N ALA A 79 2.20 8.20 7.36
CA ALA A 79 2.54 8.57 6.00
C ALA A 79 1.78 7.69 5.02
N ALA A 80 1.88 6.39 5.25
CA ALA A 80 1.21 5.42 4.38
C ALA A 80 -0.18 5.96 4.02
N ASP A 81 -0.95 6.28 5.07
CA ASP A 81 -2.28 6.79 4.87
C ASP A 81 -2.22 8.10 4.07
N ASP A 82 -1.29 8.95 4.48
CA ASP A 82 -1.12 10.23 3.82
C ASP A 82 -1.13 10.03 2.31
N ILE A 83 -0.11 9.33 1.83
CA ILE A 83 0.00 9.05 0.40
C ILE A 83 -1.28 8.38 -0.09
N HIS A 84 -1.66 7.32 0.61
CA HIS A 84 -2.86 6.59 0.25
C HIS A 84 -3.97 7.57 -0.14
N ARG A 85 -4.47 8.28 0.86
CA ARG A 85 -5.52 9.26 0.64
C ARG A 85 -5.28 10.02 -0.66
N SER A 86 -4.17 10.74 -0.69
CA SER A 86 -3.81 11.51 -1.87
C SER A 86 -3.95 10.65 -3.13
N LEU A 87 -3.60 9.38 -2.97
CA LEU A 87 -3.69 8.44 -4.08
C LEU A 87 -5.15 8.15 -4.39
N MET A 88 -5.95 8.11 -3.33
CA MET A 88 -7.37 7.84 -3.47
C MET A 88 -8.14 9.12 -3.77
N VAL A 89 -7.45 10.24 -3.66
CA VAL A 89 -8.06 11.53 -3.91
C VAL A 89 -8.12 11.77 -5.43
N ASP A 90 -6.95 11.73 -6.05
CA ASP A 90 -6.86 11.94 -7.49
C ASP A 90 -7.08 10.60 -8.20
N HIS A 91 -6.14 9.69 -7.98
CA HIS A 91 -6.23 8.38 -8.61
C HIS A 91 -7.20 7.50 -7.82
N VAL A 92 -8.44 7.95 -7.77
CA VAL A 92 -9.48 7.21 -7.06
C VAL A 92 -10.01 6.08 -7.95
N THR A 93 -9.85 6.28 -9.25
CA THR A 93 -10.30 5.29 -10.22
C THR A 93 -9.24 4.21 -10.41
N GLU A 94 -8.07 4.47 -9.84
CA GLU A 94 -6.97 3.52 -9.95
C GLU A 94 -6.79 2.77 -8.63
N VAL A 95 -6.61 3.54 -7.57
CA VAL A 95 -6.43 2.95 -6.24
C VAL A 95 -7.79 2.64 -5.64
N SER A 96 -8.60 1.92 -6.41
CA SER A 96 -9.93 1.55 -5.96
C SER A 96 -10.17 0.06 -6.20
N GLN A 97 -11.13 -0.49 -5.47
CA GLN A 97 -11.46 -1.90 -5.60
C GLN A 97 -10.39 -2.76 -4.93
N TRP A 98 -9.54 -2.10 -4.16
CA TRP A 98 -8.47 -2.79 -3.47
C TRP A 98 -7.93 -1.86 -2.37
N MET A 99 -7.68 -0.62 -2.76
CA MET A 99 -7.18 0.38 -1.82
C MET A 99 -7.82 0.21 -0.45
N VAL A 100 -9.05 -0.28 -0.46
CA VAL A 100 -9.78 -0.49 0.77
C VAL A 100 -8.98 -1.40 1.69
N GLY A 101 -8.53 -2.52 1.12
CA GLY A 101 -7.75 -3.48 1.87
C GLY A 101 -6.49 -2.83 2.46
N VAL A 102 -5.63 -2.38 1.57
CA VAL A 102 -4.39 -1.74 1.99
C VAL A 102 -4.67 -0.84 3.20
N LYS A 103 -5.64 0.04 3.03
CA LYS A 103 -6.02 0.95 4.08
C LYS A 103 -6.04 0.20 5.43
N ARG A 104 -6.71 -0.94 5.42
CA ARG A 104 -6.81 -1.76 6.62
C ARG A 104 -5.43 -2.32 6.99
N LEU A 105 -4.79 -2.93 5.99
CA LEU A 105 -3.47 -3.51 6.20
C LEU A 105 -2.62 -2.56 7.05
N ILE A 106 -2.50 -1.33 6.56
CA ILE A 106 -1.71 -0.32 7.26
C ILE A 106 -2.07 -0.36 8.74
N ALA A 107 -3.35 -0.16 9.02
CA ALA A 107 -3.83 -0.17 10.40
C ALA A 107 -3.33 -1.44 11.10
N GLU A 108 -3.59 -2.56 10.46
CA GLU A 108 -3.18 -3.84 11.01
C GLU A 108 -1.67 -3.85 11.29
N LYS A 109 -0.91 -3.68 10.21
CA LYS A 109 0.54 -3.66 10.33
C LYS A 109 0.94 -2.77 11.51
N LYS A 110 0.35 -1.58 11.54
CA LYS A 110 0.63 -0.63 12.60
C LYS A 110 0.38 -1.29 13.95
N SER A 111 -0.86 -1.72 14.14
CA SER A 111 -1.24 -2.37 15.38
C SER A 111 -0.18 -3.39 15.79
N LEU A 112 0.14 -4.28 14.85
CA LEU A 112 1.14 -5.31 15.10
C LEU A 112 2.34 -4.67 15.81
N SER A 113 2.93 -3.69 15.15
CA SER A 113 4.09 -3.01 15.69
C SER A 113 3.84 -2.66 17.17
N GLY A 114 2.76 -1.92 17.38
CA GLY A 114 2.40 -1.51 18.73
C GLY A 114 2.20 -2.72 19.64
N PRO A 115 3.15 -2.90 20.60
CA PRO A 115 3.09 -4.01 21.53
C PRO A 115 2.02 -3.76 22.59
N SER A 116 0.85 -4.35 22.37
CA SER A 116 -0.26 -4.20 23.30
C SER A 116 -1.18 -5.43 23.21
N SER A 117 -1.67 -5.84 24.37
CA SER A 117 -2.55 -6.99 24.44
C SER A 117 -3.56 -6.81 25.58
N GLY A 118 -4.74 -6.32 25.22
CA GLY A 118 -5.79 -6.09 26.19
C GLY A 118 -5.46 -4.88 27.07
N GLY A 1 29.47 18.33 8.42
CA GLY A 1 28.03 18.32 8.21
C GLY A 1 27.67 18.92 6.84
N SER A 2 26.51 18.52 6.35
CA SER A 2 26.04 19.01 5.06
C SER A 2 24.53 18.83 4.95
N SER A 3 24.09 17.60 5.21
CA SER A 3 22.67 17.28 5.14
C SER A 3 22.43 15.87 5.65
N GLY A 4 23.01 14.91 4.92
CA GLY A 4 22.86 13.51 5.30
C GLY A 4 22.40 12.67 4.09
N SER A 5 21.61 11.66 4.39
CA SER A 5 21.10 10.78 3.35
C SER A 5 20.06 11.51 2.50
N SER A 6 20.53 12.10 1.42
CA SER A 6 19.65 12.84 0.52
C SER A 6 19.44 12.05 -0.77
N GLY A 7 18.19 12.00 -1.20
CA GLY A 7 17.86 11.27 -2.42
C GLY A 7 17.04 10.02 -2.09
N VAL A 8 15.73 10.14 -2.27
CA VAL A 8 14.83 9.02 -2.00
C VAL A 8 14.35 8.45 -3.34
N ILE A 9 15.29 7.86 -4.07
CA ILE A 9 14.98 7.26 -5.35
C ILE A 9 14.57 8.36 -6.33
N GLU A 10 14.91 8.13 -7.59
CA GLU A 10 14.57 9.09 -8.63
C GLU A 10 13.21 8.78 -9.23
N SER A 11 13.11 7.61 -9.85
CA SER A 11 11.87 7.18 -10.45
C SER A 11 12.00 5.74 -10.96
N GLU A 12 11.75 4.81 -10.06
CA GLU A 12 11.84 3.40 -10.40
C GLU A 12 11.10 2.54 -9.37
N THR A 13 10.14 1.77 -9.86
CA THR A 13 9.36 0.92 -8.98
C THR A 13 8.88 -0.32 -9.75
N LEU A 14 9.08 -1.48 -9.14
CA LEU A 14 8.68 -2.73 -9.75
C LEU A 14 7.42 -3.24 -9.06
N ILE A 15 6.67 -4.04 -9.80
CA ILE A 15 5.42 -4.60 -9.27
C ILE A 15 5.75 -5.53 -8.10
N GLU A 16 6.84 -6.27 -8.26
CA GLU A 16 7.28 -7.20 -7.23
C GLU A 16 7.97 -6.44 -6.10
N ASP A 17 8.16 -5.16 -6.31
CA ASP A 17 8.81 -4.32 -5.31
C ASP A 17 7.74 -3.68 -4.42
N VAL A 18 6.60 -3.39 -5.02
CA VAL A 18 5.50 -2.78 -4.30
C VAL A 18 4.63 -3.89 -3.69
N LEU A 19 4.77 -5.08 -4.24
CA LEU A 19 4.00 -6.22 -3.77
C LEU A 19 4.78 -6.92 -2.65
N ARG A 20 6.07 -7.03 -2.85
CA ARG A 20 6.94 -7.67 -1.87
C ARG A 20 6.48 -7.32 -0.45
N PRO A 21 6.35 -5.99 -0.20
CA PRO A 21 5.92 -5.51 1.10
C PRO A 21 4.42 -5.73 1.29
N LEU A 22 3.65 -5.21 0.35
CA LEU A 22 2.21 -5.34 0.41
C LEU A 22 1.84 -6.79 0.78
N GLU A 23 2.69 -7.70 0.33
CA GLU A 23 2.46 -9.11 0.60
C GLU A 23 2.98 -9.47 1.99
N GLN A 24 4.14 -8.94 2.31
CA GLN A 24 4.76 -9.20 3.61
C GLN A 24 3.77 -8.85 4.73
N ALA A 25 3.11 -7.72 4.57
CA ALA A 25 2.15 -7.26 5.56
C ALA A 25 1.03 -8.29 5.68
N LEU A 26 0.58 -8.77 4.52
CA LEU A 26 -0.49 -9.75 4.49
C LEU A 26 -0.16 -10.90 5.43
N GLU A 27 0.91 -11.61 5.10
CA GLU A 27 1.35 -12.73 5.91
C GLU A 27 1.23 -12.39 7.39
N ASP A 28 1.60 -11.16 7.72
CA ASP A 28 1.54 -10.70 9.10
C ASP A 28 0.09 -10.74 9.58
N CYS A 29 -0.77 -10.07 8.82
CA CYS A 29 -2.18 -10.03 9.16
C CYS A 29 -2.73 -11.45 9.15
N HIS A 30 -2.37 -12.18 8.11
CA HIS A 30 -2.83 -13.56 7.96
C HIS A 30 -2.66 -14.28 9.29
N GLY A 31 -1.54 -14.02 9.94
CA GLY A 31 -1.23 -14.65 11.21
C GLY A 31 -1.40 -13.65 12.36
N HIS A 32 -2.48 -12.90 12.31
CA HIS A 32 -2.76 -11.90 13.34
C HIS A 32 -4.22 -11.47 13.23
N THR A 33 -4.52 -10.79 12.14
CA THR A 33 -5.88 -10.31 11.92
C THR A 33 -6.81 -11.47 11.57
N LYS A 34 -8.09 -11.27 11.87
CA LYS A 34 -9.09 -12.29 11.60
C LYS A 34 -8.85 -12.87 10.21
N LYS A 35 -8.68 -14.19 10.17
CA LYS A 35 -8.45 -14.88 8.92
C LYS A 35 -9.42 -14.33 7.86
N GLN A 36 -10.69 -14.27 8.24
CA GLN A 36 -11.71 -13.78 7.33
C GLN A 36 -11.28 -12.44 6.72
N VAL A 37 -10.88 -11.52 7.59
CA VAL A 37 -10.44 -10.21 7.15
C VAL A 37 -9.27 -10.37 6.17
N CYS A 38 -8.26 -11.10 6.63
CA CYS A 38 -7.09 -11.34 5.80
C CYS A 38 -7.54 -11.77 4.42
N ASP A 39 -8.33 -12.84 4.40
CA ASP A 39 -8.85 -13.37 3.14
C ASP A 39 -9.40 -12.22 2.29
N ASP A 40 -10.14 -11.34 2.96
CA ASP A 40 -10.73 -10.19 2.28
C ASP A 40 -9.61 -9.27 1.78
N ILE A 41 -8.62 -9.08 2.64
CA ILE A 41 -7.49 -8.22 2.30
C ILE A 41 -6.75 -8.83 1.11
N SER A 42 -6.32 -10.07 1.28
CA SER A 42 -5.60 -10.76 0.23
C SER A 42 -6.36 -10.66 -1.09
N ARG A 43 -7.68 -10.76 -0.99
CA ARG A 43 -8.53 -10.67 -2.16
C ARG A 43 -8.24 -9.38 -2.93
N ARG A 44 -7.95 -8.33 -2.18
CA ARG A 44 -7.65 -7.04 -2.77
C ARG A 44 -6.28 -7.07 -3.46
N LEU A 45 -5.31 -7.57 -2.73
CA LEU A 45 -3.95 -7.66 -3.24
C LEU A 45 -3.98 -8.33 -4.63
N ALA A 46 -4.57 -9.52 -4.65
CA ALA A 46 -4.67 -10.27 -5.89
C ALA A 46 -5.05 -9.32 -7.03
N LEU A 47 -6.04 -8.47 -6.75
CA LEU A 47 -6.50 -7.51 -7.74
C LEU A 47 -5.39 -6.49 -8.00
N LEU A 48 -4.95 -5.86 -6.93
CA LEU A 48 -3.89 -4.86 -7.04
C LEU A 48 -2.84 -5.34 -8.03
N ARG A 49 -2.32 -6.52 -7.78
CA ARG A 49 -1.31 -7.10 -8.64
C ARG A 49 -1.83 -7.20 -10.08
N GLU A 50 -3.04 -7.74 -10.20
CA GLU A 50 -3.66 -7.90 -11.50
C GLU A 50 -3.70 -6.55 -12.24
N GLN A 51 -4.33 -5.58 -11.61
CA GLN A 51 -4.43 -4.25 -12.18
C GLN A 51 -3.05 -3.65 -12.42
N TRP A 52 -2.16 -3.93 -11.48
CA TRP A 52 -0.80 -3.42 -11.57
C TRP A 52 -0.14 -4.07 -12.80
N ALA A 53 0.00 -5.39 -12.72
CA ALA A 53 0.61 -6.14 -13.81
C ALA A 53 -0.14 -5.84 -15.11
N GLY A 54 -1.43 -6.15 -15.09
CA GLY A 54 -2.26 -5.92 -16.26
C GLY A 54 -1.86 -4.64 -16.98
N GLY A 55 -1.51 -3.63 -16.19
CA GLY A 55 -1.10 -2.35 -16.74
C GLY A 55 -2.27 -1.37 -16.76
N LYS A 56 -3.13 -1.49 -15.75
CA LYS A 56 -4.29 -0.63 -15.64
C LYS A 56 -3.96 0.55 -14.72
N LEU A 57 -3.13 0.25 -13.72
CA LEU A 57 -2.73 1.27 -12.76
C LEU A 57 -1.92 2.36 -13.49
N SER A 58 -1.99 3.55 -12.93
CA SER A 58 -1.27 4.68 -13.51
C SER A 58 0.20 4.64 -13.09
N ILE A 59 1.01 5.32 -13.87
CA ILE A 59 2.44 5.38 -13.60
C ILE A 59 2.67 6.12 -12.28
N PRO A 60 1.93 7.26 -12.13
CA PRO A 60 2.05 8.07 -10.94
C PRO A 60 1.34 7.41 -9.75
N VAL A 61 0.72 6.27 -10.03
CA VAL A 61 0.01 5.54 -9.01
C VAL A 61 0.95 4.54 -8.35
N LYS A 62 1.98 4.16 -9.10
CA LYS A 62 2.96 3.21 -8.59
C LYS A 62 4.08 3.97 -7.88
N LYS A 63 4.49 5.07 -8.50
CA LYS A 63 5.54 5.90 -7.95
C LYS A 63 5.11 6.42 -6.57
N ARG A 64 3.81 6.69 -6.45
CA ARG A 64 3.26 7.18 -5.22
C ARG A 64 3.10 6.05 -4.21
N MET A 65 2.57 4.93 -4.70
CA MET A 65 2.37 3.77 -3.86
C MET A 65 3.64 3.40 -3.09
N ALA A 66 4.69 3.13 -3.86
CA ALA A 66 5.98 2.78 -3.27
C ALA A 66 6.22 3.64 -2.04
N LEU A 67 5.87 4.92 -2.16
CA LEU A 67 6.05 5.85 -1.06
C LEU A 67 5.35 5.30 0.19
N LEU A 68 4.04 5.19 0.09
CA LEU A 68 3.25 4.69 1.21
C LEU A 68 3.87 3.38 1.72
N VAL A 69 4.26 2.55 0.77
CA VAL A 69 4.86 1.27 1.12
C VAL A 69 6.13 1.51 1.93
N GLN A 70 7.07 2.23 1.32
CA GLN A 70 8.32 2.54 1.98
C GLN A 70 8.07 2.96 3.43
N GLU A 71 7.04 3.78 3.60
CA GLU A 71 6.68 4.27 4.93
C GLU A 71 6.25 3.10 5.82
N LEU A 72 5.29 2.34 5.33
CA LEU A 72 4.78 1.20 6.07
C LEU A 72 5.96 0.36 6.57
N LEU A 73 6.99 0.29 5.74
CA LEU A 73 8.18 -0.47 6.09
C LEU A 73 8.85 0.17 7.30
N HIS A 74 9.02 1.49 7.21
CA HIS A 74 9.66 2.23 8.29
C HIS A 74 8.67 2.40 9.45
N HIS A 75 7.47 1.88 9.23
CA HIS A 75 6.42 1.96 10.25
C HIS A 75 5.81 3.36 10.22
N GLN A 76 6.16 4.12 9.20
CA GLN A 76 5.64 5.46 9.05
C GLN A 76 4.19 5.43 8.54
N TRP A 77 3.36 4.70 9.28
CA TRP A 77 1.96 4.58 8.92
C TRP A 77 1.42 5.97 8.62
N ASP A 78 1.63 6.87 9.57
CA ASP A 78 1.16 8.24 9.43
C ASP A 78 1.42 8.71 8.00
N ALA A 79 2.60 8.37 7.50
CA ALA A 79 2.98 8.74 6.14
C ALA A 79 2.18 7.92 5.15
N ALA A 80 2.17 6.61 5.36
CA ALA A 80 1.45 5.70 4.49
C ALA A 80 0.09 6.31 4.15
N ASP A 81 -0.63 6.68 5.19
CA ASP A 81 -1.95 7.27 5.02
C ASP A 81 -1.82 8.53 4.17
N ASP A 82 -0.91 9.39 4.57
CA ASP A 82 -0.68 10.64 3.86
C ASP A 82 -0.68 10.36 2.35
N ILE A 83 0.27 9.54 1.94
CA ILE A 83 0.40 9.19 0.53
C ILE A 83 -0.91 8.55 0.05
N HIS A 84 -1.34 7.54 0.79
CA HIS A 84 -2.57 6.83 0.46
C HIS A 84 -3.64 7.84 0.05
N ARG A 85 -3.95 8.74 0.98
CA ARG A 85 -4.96 9.75 0.73
C ARG A 85 -4.70 10.44 -0.62
N SER A 86 -3.47 10.88 -0.78
CA SER A 86 -3.08 11.56 -2.02
C SER A 86 -3.55 10.75 -3.22
N LEU A 87 -3.36 9.44 -3.14
CA LEU A 87 -3.76 8.55 -4.20
C LEU A 87 -5.29 8.48 -4.27
N MET A 88 -5.90 8.58 -3.10
CA MET A 88 -7.35 8.54 -3.00
C MET A 88 -7.97 9.86 -3.45
N VAL A 89 -7.10 10.84 -3.66
CA VAL A 89 -7.55 12.15 -4.09
C VAL A 89 -7.82 12.13 -5.59
N ASP A 90 -6.79 11.73 -6.34
CA ASP A 90 -6.89 11.65 -7.79
C ASP A 90 -7.26 10.22 -8.19
N HIS A 91 -6.31 9.32 -7.99
CA HIS A 91 -6.52 7.92 -8.33
C HIS A 91 -7.29 7.23 -7.20
N VAL A 92 -8.52 7.68 -7.01
CA VAL A 92 -9.37 7.11 -5.98
C VAL A 92 -10.02 5.84 -6.51
N THR A 93 -10.52 5.93 -7.73
CA THR A 93 -11.17 4.79 -8.36
C THR A 93 -10.15 3.71 -8.69
N GLU A 94 -9.12 4.12 -9.44
CA GLU A 94 -8.07 3.20 -9.84
C GLU A 94 -7.65 2.32 -8.65
N VAL A 95 -7.31 2.99 -7.55
CA VAL A 95 -6.90 2.28 -6.35
C VAL A 95 -8.08 1.48 -5.81
N SER A 96 -9.26 2.04 -5.97
CA SER A 96 -10.47 1.38 -5.50
C SER A 96 -10.51 -0.06 -5.98
N GLN A 97 -11.42 -0.82 -5.40
CA GLN A 97 -11.58 -2.23 -5.75
C GLN A 97 -10.51 -3.07 -5.05
N TRP A 98 -9.68 -2.39 -4.26
CA TRP A 98 -8.63 -3.06 -3.52
C TRP A 98 -8.11 -2.08 -2.47
N MET A 99 -7.91 -0.85 -2.90
CA MET A 99 -7.41 0.19 -2.01
C MET A 99 -7.97 0.01 -0.60
N VAL A 100 -9.20 -0.48 -0.54
CA VAL A 100 -9.86 -0.70 0.74
C VAL A 100 -8.99 -1.59 1.62
N GLY A 101 -8.58 -2.71 1.04
CA GLY A 101 -7.74 -3.66 1.76
C GLY A 101 -6.51 -2.96 2.34
N VAL A 102 -5.72 -2.37 1.46
CA VAL A 102 -4.52 -1.68 1.88
C VAL A 102 -4.82 -0.84 3.12
N LYS A 103 -5.83 0.01 2.98
CA LYS A 103 -6.24 0.88 4.08
C LYS A 103 -6.24 0.08 5.38
N ARG A 104 -7.07 -0.96 5.40
CA ARG A 104 -7.18 -1.82 6.57
C ARG A 104 -5.80 -2.37 6.96
N LEU A 105 -5.14 -2.94 5.97
CA LEU A 105 -3.82 -3.51 6.19
C LEU A 105 -2.99 -2.55 7.05
N ILE A 106 -2.83 -1.35 6.53
CA ILE A 106 -2.07 -0.32 7.23
C ILE A 106 -2.41 -0.36 8.72
N ALA A 107 -3.67 -0.08 9.02
CA ALA A 107 -4.14 -0.09 10.39
C ALA A 107 -3.58 -1.32 11.11
N GLU A 108 -3.84 -2.47 10.51
CA GLU A 108 -3.39 -3.73 11.07
C GLU A 108 -1.88 -3.66 11.37
N LYS A 109 -1.10 -3.55 10.30
CA LYS A 109 0.34 -3.47 10.43
C LYS A 109 0.70 -2.55 11.60
N LYS A 110 0.07 -1.38 11.60
CA LYS A 110 0.31 -0.40 12.65
C LYS A 110 -0.04 -1.03 14.01
N SER A 111 -1.31 -1.38 14.15
CA SER A 111 -1.78 -1.97 15.39
C SER A 111 -0.78 -3.02 15.88
N LEU A 112 -0.39 -3.90 14.96
CA LEU A 112 0.55 -4.95 15.29
C LEU A 112 1.77 -4.34 16.00
N SER A 113 2.45 -3.47 15.28
CA SER A 113 3.62 -2.81 15.82
C SER A 113 3.32 -2.27 17.22
N GLY A 114 2.34 -1.37 17.28
CA GLY A 114 1.94 -0.77 18.53
C GLY A 114 2.57 0.61 18.71
N PRO A 115 1.80 1.65 18.28
CA PRO A 115 2.28 3.02 18.38
C PRO A 115 2.21 3.51 19.83
N SER A 116 1.08 3.22 20.47
CA SER A 116 0.87 3.63 21.84
C SER A 116 0.77 2.40 22.75
N SER A 117 1.22 2.58 23.97
CA SER A 117 1.20 1.50 24.94
C SER A 117 1.15 2.06 26.37
N GLY A 118 0.32 1.44 27.19
CA GLY A 118 0.18 1.86 28.57
C GLY A 118 -1.10 1.28 29.20
N GLY A 1 16.33 32.53 -2.74
CA GLY A 1 15.26 31.85 -3.45
C GLY A 1 15.82 30.99 -4.59
N SER A 2 15.36 31.29 -5.79
CA SER A 2 15.80 30.55 -6.96
C SER A 2 15.48 29.06 -6.79
N SER A 3 14.56 28.59 -7.61
CA SER A 3 14.16 27.19 -7.56
C SER A 3 13.87 26.68 -8.97
N GLY A 4 14.08 25.38 -9.16
CA GLY A 4 13.85 24.76 -10.45
C GLY A 4 13.97 23.24 -10.36
N SER A 5 14.11 22.61 -11.52
CA SER A 5 14.24 21.17 -11.58
C SER A 5 15.04 20.77 -12.82
N SER A 6 15.60 19.56 -12.75
CA SER A 6 16.40 19.05 -13.85
C SER A 6 16.51 17.53 -13.76
N GLY A 7 17.25 17.09 -12.76
CA GLY A 7 17.45 15.67 -12.54
C GLY A 7 16.59 15.17 -11.37
N VAL A 8 15.50 14.51 -11.71
CA VAL A 8 14.59 13.98 -10.70
C VAL A 8 13.91 12.72 -11.24
N ILE A 9 13.25 12.02 -10.35
CA ILE A 9 12.56 10.79 -10.71
C ILE A 9 13.58 9.70 -11.02
N GLU A 10 13.54 9.21 -12.25
CA GLU A 10 14.45 8.17 -12.68
C GLU A 10 14.68 7.16 -11.55
N SER A 11 13.83 6.14 -11.53
CA SER A 11 13.93 5.12 -10.51
C SER A 11 13.16 3.86 -10.94
N GLU A 12 11.92 4.09 -11.37
CA GLU A 12 11.07 3.00 -11.81
C GLU A 12 10.80 2.04 -10.66
N THR A 13 9.51 1.80 -10.43
CA THR A 13 9.10 0.89 -9.36
C THR A 13 8.64 -0.44 -9.93
N LEU A 14 9.02 -1.51 -9.25
CA LEU A 14 8.65 -2.85 -9.68
C LEU A 14 7.44 -3.32 -8.88
N ILE A 15 6.62 -4.13 -9.54
CA ILE A 15 5.43 -4.66 -8.90
C ILE A 15 5.84 -5.59 -7.76
N GLU A 16 6.87 -6.37 -8.03
CA GLU A 16 7.37 -7.32 -7.04
C GLU A 16 8.05 -6.58 -5.88
N ASP A 17 8.18 -5.27 -6.06
CA ASP A 17 8.80 -4.43 -5.05
C ASP A 17 7.71 -3.78 -4.19
N VAL A 18 6.53 -3.65 -4.79
CA VAL A 18 5.41 -3.04 -4.09
C VAL A 18 4.53 -4.15 -3.50
N LEU A 19 4.65 -5.33 -4.08
CA LEU A 19 3.88 -6.47 -3.62
C LEU A 19 4.69 -7.26 -2.60
N ARG A 20 6.01 -7.08 -2.68
CA ARG A 20 6.91 -7.75 -1.76
C ARG A 20 6.58 -7.38 -0.31
N PRO A 21 6.49 -6.05 -0.07
CA PRO A 21 6.18 -5.55 1.26
C PRO A 21 4.70 -5.75 1.59
N LEU A 22 3.86 -5.43 0.61
CA LEU A 22 2.43 -5.56 0.79
C LEU A 22 2.11 -6.97 1.30
N GLU A 23 2.72 -7.95 0.65
CA GLU A 23 2.50 -9.33 1.03
C GLU A 23 3.13 -9.61 2.40
N GLN A 24 4.31 -9.05 2.61
CA GLN A 24 5.02 -9.23 3.86
C GLN A 24 4.12 -8.82 5.04
N ALA A 25 3.22 -7.90 4.76
CA ALA A 25 2.30 -7.41 5.77
C ALA A 25 1.19 -8.44 5.98
N LEU A 26 0.67 -8.93 4.86
CA LEU A 26 -0.40 -9.91 4.91
C LEU A 26 0.07 -11.13 5.71
N GLU A 27 1.03 -11.84 5.13
CA GLU A 27 1.58 -13.02 5.78
C GLU A 27 1.64 -12.82 7.29
N ASP A 28 1.96 -11.60 7.68
CA ASP A 28 2.06 -11.27 9.09
C ASP A 28 0.65 -11.16 9.69
N CYS A 29 -0.17 -10.37 9.03
CA CYS A 29 -1.54 -10.18 9.48
C CYS A 29 -2.18 -11.56 9.68
N HIS A 30 -1.75 -12.49 8.84
CA HIS A 30 -2.27 -13.85 8.92
C HIS A 30 -2.43 -14.27 10.38
N GLY A 31 -1.31 -14.25 11.09
CA GLY A 31 -1.30 -14.62 12.50
C GLY A 31 -1.55 -13.39 13.38
N HIS A 32 -2.59 -12.64 13.03
CA HIS A 32 -2.94 -11.45 13.78
C HIS A 32 -4.36 -11.01 13.41
N THR A 33 -4.48 -10.49 12.19
CA THR A 33 -5.76 -10.02 11.70
C THR A 33 -6.68 -11.21 11.42
N LYS A 34 -7.98 -10.98 11.64
CA LYS A 34 -8.96 -12.02 11.41
C LYS A 34 -8.80 -12.58 10.00
N LYS A 35 -9.27 -13.81 9.83
CA LYS A 35 -9.18 -14.47 8.53
C LYS A 35 -10.04 -13.71 7.52
N GLN A 36 -11.33 -13.63 7.82
CA GLN A 36 -12.27 -12.95 6.95
C GLN A 36 -11.62 -11.68 6.38
N VAL A 37 -10.98 -10.94 7.27
CA VAL A 37 -10.31 -9.70 6.86
C VAL A 37 -9.14 -10.03 5.95
N CYS A 38 -8.28 -10.92 6.44
CA CYS A 38 -7.11 -11.32 5.69
C CYS A 38 -7.56 -11.75 4.28
N ASP A 39 -8.51 -12.69 4.27
CA ASP A 39 -9.03 -13.18 3.01
C ASP A 39 -9.50 -12.01 2.15
N ASP A 40 -10.07 -11.02 2.82
CA ASP A 40 -10.56 -9.84 2.13
C ASP A 40 -9.37 -9.05 1.59
N ILE A 41 -8.50 -8.63 2.49
CA ILE A 41 -7.32 -7.87 2.12
C ILE A 41 -6.61 -8.58 0.97
N SER A 42 -6.20 -9.81 1.26
CA SER A 42 -5.50 -10.61 0.27
C SER A 42 -6.21 -10.50 -1.09
N ARG A 43 -7.49 -10.80 -1.07
CA ARG A 43 -8.29 -10.74 -2.29
C ARG A 43 -8.05 -9.42 -3.02
N ARG A 44 -7.97 -8.35 -2.23
CA ARG A 44 -7.74 -7.03 -2.79
C ARG A 44 -6.34 -6.95 -3.41
N LEU A 45 -5.44 -7.72 -2.84
CA LEU A 45 -4.06 -7.75 -3.33
C LEU A 45 -4.03 -8.36 -4.73
N ALA A 46 -4.55 -9.58 -4.82
CA ALA A 46 -4.58 -10.28 -6.08
C ALA A 46 -5.00 -9.31 -7.19
N LEU A 47 -5.78 -8.32 -6.80
CA LEU A 47 -6.26 -7.32 -7.74
C LEU A 47 -5.15 -6.29 -7.99
N LEU A 48 -4.78 -5.60 -6.93
CA LEU A 48 -3.73 -4.59 -7.03
C LEU A 48 -2.60 -5.13 -7.91
N ARG A 49 -2.38 -6.44 -7.81
CA ARG A 49 -1.34 -7.08 -8.58
C ARG A 49 -1.77 -7.22 -10.04
N GLU A 50 -3.01 -7.64 -10.23
CA GLU A 50 -3.55 -7.81 -11.57
C GLU A 50 -3.67 -6.46 -12.27
N GLN A 51 -4.15 -5.48 -11.52
CA GLN A 51 -4.33 -4.14 -12.05
C GLN A 51 -2.97 -3.49 -12.32
N TRP A 52 -2.03 -3.74 -11.41
CA TRP A 52 -0.70 -3.19 -11.54
C TRP A 52 -0.05 -3.80 -12.77
N ALA A 53 0.02 -5.12 -12.78
CA ALA A 53 0.61 -5.85 -13.89
C ALA A 53 -0.23 -5.59 -15.15
N GLY A 54 -1.50 -5.97 -15.07
CA GLY A 54 -2.41 -5.80 -16.18
C GLY A 54 -2.11 -4.48 -16.93
N GLY A 55 -1.65 -3.51 -16.18
CA GLY A 55 -1.33 -2.21 -16.74
C GLY A 55 -2.53 -1.25 -16.64
N LYS A 56 -3.38 -1.54 -15.67
CA LYS A 56 -4.57 -0.71 -15.46
C LYS A 56 -4.24 0.38 -14.44
N LEU A 57 -3.04 0.29 -13.88
CA LEU A 57 -2.61 1.27 -12.90
C LEU A 57 -1.75 2.33 -13.58
N SER A 58 -1.99 3.57 -13.19
CA SER A 58 -1.26 4.69 -13.76
C SER A 58 0.18 4.70 -13.23
N ILE A 59 1.04 5.36 -13.98
CA ILE A 59 2.45 5.45 -13.61
C ILE A 59 2.56 6.17 -12.27
N PRO A 60 1.81 7.29 -12.15
CA PRO A 60 1.81 8.08 -10.93
C PRO A 60 1.02 7.39 -9.83
N VAL A 61 0.42 6.27 -10.19
CA VAL A 61 -0.38 5.50 -9.24
C VAL A 61 0.52 4.48 -8.54
N LYS A 62 1.58 4.10 -9.23
CA LYS A 62 2.52 3.13 -8.69
C LYS A 62 3.58 3.85 -7.86
N LYS A 63 4.02 4.99 -8.39
CA LYS A 63 5.03 5.78 -7.71
C LYS A 63 4.48 6.25 -6.35
N ARG A 64 3.19 6.56 -6.35
CA ARG A 64 2.53 7.02 -5.14
C ARG A 64 2.33 5.84 -4.17
N MET A 65 2.24 4.65 -4.76
CA MET A 65 2.04 3.45 -3.97
C MET A 65 3.31 3.07 -3.21
N ALA A 66 4.39 2.94 -3.97
CA ALA A 66 5.67 2.58 -3.38
C ALA A 66 5.95 3.49 -2.19
N LEU A 67 5.58 4.75 -2.35
CA LEU A 67 5.79 5.73 -1.30
C LEU A 67 5.17 5.21 0.01
N LEU A 68 3.84 5.08 -0.01
CA LEU A 68 3.13 4.60 1.15
C LEU A 68 3.81 3.35 1.69
N VAL A 69 4.22 2.50 0.77
CA VAL A 69 4.89 1.25 1.14
C VAL A 69 6.19 1.59 1.88
N GLN A 70 7.09 2.23 1.16
CA GLN A 70 8.38 2.61 1.73
C GLN A 70 8.20 3.06 3.18
N GLU A 71 7.11 3.79 3.41
CA GLU A 71 6.81 4.29 4.74
C GLU A 71 6.45 3.13 5.67
N LEU A 72 5.50 2.33 5.22
CA LEU A 72 5.05 1.18 6.00
C LEU A 72 6.26 0.37 6.45
N LEU A 73 7.32 0.45 5.64
CA LEU A 73 8.54 -0.27 5.94
C LEU A 73 9.23 0.36 7.13
N HIS A 74 9.36 1.68 7.08
CA HIS A 74 9.99 2.42 8.15
C HIS A 74 9.03 2.53 9.34
N HIS A 75 7.84 2.00 9.14
CA HIS A 75 6.82 2.03 10.18
C HIS A 75 6.05 3.35 10.10
N GLN A 76 6.48 4.20 9.17
CA GLN A 76 5.85 5.48 9.00
C GLN A 76 4.41 5.30 8.50
N TRP A 77 3.55 4.87 9.41
CA TRP A 77 2.15 4.65 9.09
C TRP A 77 1.52 6.01 8.78
N ASP A 78 1.93 7.00 9.56
CA ASP A 78 1.40 8.35 9.39
C ASP A 78 1.60 8.79 7.93
N ALA A 79 2.74 8.39 7.39
CA ALA A 79 3.08 8.74 6.02
C ALA A 79 2.23 7.88 5.06
N ALA A 80 2.26 6.58 5.32
CA ALA A 80 1.51 5.65 4.49
C ALA A 80 0.12 6.23 4.22
N ASP A 81 -0.55 6.62 5.29
CA ASP A 81 -1.89 7.19 5.17
C ASP A 81 -1.82 8.45 4.31
N ASP A 82 -0.91 9.33 4.68
CA ASP A 82 -0.74 10.59 3.96
C ASP A 82 -0.73 10.29 2.45
N ILE A 83 0.16 9.39 2.06
CA ILE A 83 0.27 9.02 0.66
C ILE A 83 -1.01 8.33 0.21
N HIS A 84 -1.42 7.35 1.00
CA HIS A 84 -2.64 6.60 0.70
C HIS A 84 -3.78 7.58 0.40
N ARG A 85 -3.79 8.66 1.16
CA ARG A 85 -4.83 9.67 0.99
C ARG A 85 -4.63 10.42 -0.33
N SER A 86 -3.42 10.93 -0.51
CA SER A 86 -3.09 11.66 -1.72
C SER A 86 -3.54 10.87 -2.95
N LEU A 87 -3.53 9.56 -2.80
CA LEU A 87 -3.93 8.67 -3.89
C LEU A 87 -5.46 8.65 -3.99
N MET A 88 -6.09 8.58 -2.83
CA MET A 88 -7.55 8.56 -2.77
C MET A 88 -8.14 9.89 -3.21
N VAL A 89 -7.25 10.87 -3.39
CA VAL A 89 -7.67 12.20 -3.81
C VAL A 89 -7.97 12.18 -5.31
N ASP A 90 -6.93 11.87 -6.08
CA ASP A 90 -7.07 11.81 -7.52
C ASP A 90 -7.37 10.37 -7.95
N HIS A 91 -6.35 9.52 -7.80
CA HIS A 91 -6.50 8.13 -8.16
C HIS A 91 -7.30 7.39 -7.08
N VAL A 92 -8.53 7.85 -6.89
CA VAL A 92 -9.40 7.25 -5.90
C VAL A 92 -10.00 5.96 -6.47
N THR A 93 -10.44 6.04 -7.71
CA THR A 93 -11.03 4.90 -8.38
C THR A 93 -9.95 3.86 -8.71
N GLU A 94 -8.91 4.33 -9.38
CA GLU A 94 -7.81 3.45 -9.77
C GLU A 94 -7.40 2.57 -8.59
N VAL A 95 -7.11 3.21 -7.48
CA VAL A 95 -6.71 2.50 -6.28
C VAL A 95 -7.88 1.63 -5.79
N SER A 96 -9.08 2.14 -6.02
CA SER A 96 -10.27 1.42 -5.61
C SER A 96 -10.24 -0.01 -6.16
N GLN A 97 -11.21 -0.80 -5.71
CA GLN A 97 -11.30 -2.18 -6.15
C GLN A 97 -10.22 -3.03 -5.47
N TRP A 98 -9.45 -2.38 -4.62
CA TRP A 98 -8.38 -3.06 -3.90
C TRP A 98 -7.91 -2.14 -2.77
N MET A 99 -7.76 -0.88 -3.11
CA MET A 99 -7.32 0.11 -2.12
C MET A 99 -7.94 -0.16 -0.75
N VAL A 100 -9.25 -0.34 -0.76
CA VAL A 100 -9.97 -0.61 0.47
C VAL A 100 -9.18 -1.60 1.32
N GLY A 101 -8.67 -2.62 0.65
CA GLY A 101 -7.89 -3.65 1.32
C GLY A 101 -6.63 -3.05 1.95
N VAL A 102 -5.70 -2.68 1.09
CA VAL A 102 -4.45 -2.10 1.54
C VAL A 102 -4.72 -1.14 2.70
N LYS A 103 -5.64 -0.22 2.45
CA LYS A 103 -6.02 0.76 3.46
C LYS A 103 -6.08 0.08 4.83
N ARG A 104 -6.92 -0.94 4.90
CA ARG A 104 -7.09 -1.68 6.14
C ARG A 104 -5.76 -2.26 6.60
N LEU A 105 -5.06 -2.90 5.69
CA LEU A 105 -3.77 -3.50 5.99
C LEU A 105 -2.97 -2.53 6.86
N ILE A 106 -2.76 -1.34 6.33
CA ILE A 106 -2.01 -0.32 7.04
C ILE A 106 -2.42 -0.33 8.52
N ALA A 107 -3.69 -0.03 8.75
CA ALA A 107 -4.23 0.00 10.10
C ALA A 107 -3.72 -1.22 10.87
N GLU A 108 -3.97 -2.38 10.31
CA GLU A 108 -3.55 -3.62 10.92
C GLU A 108 -2.06 -3.56 11.27
N LYS A 109 -1.24 -3.39 10.24
CA LYS A 109 0.19 -3.31 10.42
C LYS A 109 0.50 -2.39 11.60
N LYS A 110 -0.04 -1.19 11.55
CA LYS A 110 0.17 -0.21 12.60
C LYS A 110 -0.16 -0.86 13.95
N SER A 111 -1.33 -1.48 14.00
CA SER A 111 -1.77 -2.14 15.22
C SER A 111 -0.64 -3.00 15.80
N LEU A 112 -0.12 -3.88 14.94
CA LEU A 112 0.96 -4.77 15.35
C LEU A 112 1.99 -3.97 16.14
N SER A 113 2.62 -3.02 15.46
CA SER A 113 3.63 -2.19 16.10
C SER A 113 3.13 -1.70 17.45
N GLY A 114 2.04 -0.93 17.39
CA GLY A 114 1.45 -0.39 18.61
C GLY A 114 2.28 0.77 19.15
N PRO A 115 2.14 1.94 18.47
CA PRO A 115 2.88 3.13 18.88
C PRO A 115 2.26 3.75 20.14
N SER A 116 3.11 4.46 20.88
CA SER A 116 2.66 5.10 22.10
C SER A 116 1.47 6.01 21.81
N SER A 117 0.39 5.78 22.55
CA SER A 117 -0.82 6.57 22.38
C SER A 117 -0.53 8.04 22.71
N GLY A 118 -1.40 8.91 22.20
CA GLY A 118 -1.25 10.34 22.45
C GLY A 118 -2.18 11.14 21.53
N GLY A 1 -5.20 27.53 -15.87
CA GLY A 1 -4.01 26.73 -16.07
C GLY A 1 -3.09 26.79 -14.86
N SER A 2 -3.44 26.03 -13.84
CA SER A 2 -2.66 26.00 -12.61
C SER A 2 -1.37 25.20 -12.84
N SER A 3 -0.49 25.28 -11.86
CA SER A 3 0.78 24.58 -11.94
C SER A 3 0.58 23.18 -12.53
N GLY A 4 -0.27 22.41 -11.87
CA GLY A 4 -0.56 21.06 -12.32
C GLY A 4 0.69 20.16 -12.23
N SER A 5 0.55 18.96 -12.78
CA SER A 5 1.65 18.01 -12.77
C SER A 5 1.72 17.28 -14.12
N SER A 6 2.93 16.88 -14.48
CA SER A 6 3.15 16.18 -15.73
C SER A 6 4.36 15.26 -15.61
N GLY A 7 4.34 14.20 -16.40
CA GLY A 7 5.44 13.25 -16.39
C GLY A 7 6.78 13.95 -16.23
N VAL A 8 7.52 13.54 -15.22
CA VAL A 8 8.83 14.11 -14.94
C VAL A 8 9.52 13.29 -13.85
N ILE A 9 10.84 13.35 -13.88
CA ILE A 9 11.65 12.62 -12.90
C ILE A 9 11.46 11.11 -13.13
N GLU A 10 12.57 10.40 -13.05
CA GLU A 10 12.55 8.97 -13.23
C GLU A 10 12.61 8.24 -11.88
N SER A 11 12.31 6.95 -11.91
CA SER A 11 12.31 6.16 -10.70
C SER A 11 12.22 4.67 -11.06
N GLU A 12 11.15 4.33 -11.74
CA GLU A 12 10.93 2.94 -12.15
C GLU A 12 10.81 2.05 -10.91
N THR A 13 9.59 1.58 -10.69
CA THR A 13 9.33 0.71 -9.55
C THR A 13 8.80 -0.64 -10.02
N LEU A 14 9.32 -1.70 -9.42
CA LEU A 14 8.92 -3.04 -9.77
C LEU A 14 7.65 -3.41 -9.00
N ILE A 15 6.74 -4.09 -9.69
CA ILE A 15 5.50 -4.49 -9.08
C ILE A 15 5.79 -5.43 -7.90
N GLU A 16 6.75 -6.32 -8.11
CA GLU A 16 7.13 -7.27 -7.08
C GLU A 16 7.78 -6.54 -5.91
N ASP A 17 8.26 -5.34 -6.19
CA ASP A 17 8.91 -4.54 -5.17
C ASP A 17 7.84 -3.89 -4.28
N VAL A 18 6.68 -3.65 -4.88
CA VAL A 18 5.58 -3.04 -4.16
C VAL A 18 4.70 -4.13 -3.56
N LEU A 19 4.85 -5.33 -4.11
CA LEU A 19 4.08 -6.47 -3.64
C LEU A 19 4.88 -7.21 -2.57
N ARG A 20 6.20 -7.15 -2.71
CA ARG A 20 7.08 -7.81 -1.77
C ARG A 20 6.67 -7.47 -0.33
N PRO A 21 6.54 -6.15 -0.07
CA PRO A 21 6.16 -5.68 1.25
C PRO A 21 4.67 -5.92 1.52
N LEU A 22 3.86 -5.47 0.57
CA LEU A 22 2.41 -5.63 0.67
C LEU A 22 2.09 -7.07 1.10
N GLU A 23 2.84 -7.99 0.52
CA GLU A 23 2.65 -9.41 0.82
C GLU A 23 3.21 -9.73 2.21
N GLN A 24 4.40 -9.21 2.46
CA GLN A 24 5.06 -9.44 3.74
C GLN A 24 4.11 -9.09 4.89
N ALA A 25 3.43 -7.97 4.74
CA ALA A 25 2.50 -7.51 5.75
C ALA A 25 1.37 -8.55 5.91
N LEU A 26 0.80 -8.92 4.77
CA LEU A 26 -0.27 -9.90 4.77
C LEU A 26 0.16 -11.13 5.57
N GLU A 27 1.27 -11.72 5.14
CA GLU A 27 1.80 -12.90 5.80
C GLU A 27 1.66 -12.76 7.32
N ASP A 28 1.88 -11.55 7.79
CA ASP A 28 1.79 -11.28 9.22
C ASP A 28 0.32 -11.27 9.64
N CYS A 29 -0.48 -10.54 8.87
CA CYS A 29 -1.91 -10.45 9.14
C CYS A 29 -2.50 -11.86 9.11
N HIS A 30 -2.22 -12.55 8.01
CA HIS A 30 -2.73 -13.91 7.83
C HIS A 30 -2.46 -14.72 9.10
N GLY A 31 -1.37 -14.36 9.78
CA GLY A 31 -0.99 -15.05 11.00
C GLY A 31 -1.17 -14.14 12.22
N HIS A 32 -2.20 -13.30 12.15
CA HIS A 32 -2.49 -12.38 13.23
C HIS A 32 -3.93 -11.90 13.13
N THR A 33 -4.23 -11.21 12.05
CA THR A 33 -5.57 -10.70 11.82
C THR A 33 -6.54 -11.85 11.56
N LYS A 34 -7.83 -11.53 11.63
CA LYS A 34 -8.86 -12.52 11.42
C LYS A 34 -8.59 -13.25 10.09
N LYS A 35 -9.38 -14.29 9.87
CA LYS A 35 -9.23 -15.08 8.65
C LYS A 35 -10.05 -14.44 7.53
N GLN A 36 -11.27 -14.05 7.89
CA GLN A 36 -12.16 -13.42 6.92
C GLN A 36 -11.65 -12.02 6.56
N VAL A 37 -11.00 -11.40 7.52
CA VAL A 37 -10.46 -10.06 7.32
C VAL A 37 -9.19 -10.15 6.47
N CYS A 38 -8.39 -11.17 6.75
CA CYS A 38 -7.16 -11.38 6.01
C CYS A 38 -7.52 -11.73 4.57
N ASP A 39 -8.38 -12.72 4.43
CA ASP A 39 -8.80 -13.17 3.11
C ASP A 39 -9.33 -11.97 2.33
N ASP A 40 -9.96 -11.06 3.05
CA ASP A 40 -10.52 -9.86 2.43
C ASP A 40 -9.39 -9.00 1.87
N ILE A 41 -8.37 -8.81 2.71
CA ILE A 41 -7.23 -8.01 2.31
C ILE A 41 -6.59 -8.62 1.06
N SER A 42 -6.21 -9.89 1.19
CA SER A 42 -5.60 -10.60 0.09
C SER A 42 -6.40 -10.39 -1.18
N ARG A 43 -7.71 -10.57 -1.06
CA ARG A 43 -8.61 -10.40 -2.20
C ARG A 43 -8.28 -9.11 -2.95
N ARG A 44 -7.99 -8.08 -2.17
CA ARG A 44 -7.66 -6.78 -2.73
C ARG A 44 -6.30 -6.83 -3.42
N LEU A 45 -5.32 -7.34 -2.68
CA LEU A 45 -3.97 -7.45 -3.21
C LEU A 45 -4.01 -8.10 -4.59
N ALA A 46 -4.65 -9.27 -4.64
CA ALA A 46 -4.78 -10.00 -5.89
C ALA A 46 -5.10 -9.03 -7.02
N LEU A 47 -6.06 -8.15 -6.75
CA LEU A 47 -6.47 -7.17 -7.72
C LEU A 47 -5.36 -6.13 -7.92
N LEU A 48 -4.96 -5.53 -6.81
CA LEU A 48 -3.91 -4.53 -6.84
C LEU A 48 -2.81 -4.99 -7.81
N ARG A 49 -2.34 -6.21 -7.58
CA ARG A 49 -1.29 -6.78 -8.41
C ARG A 49 -1.77 -6.89 -9.86
N GLU A 50 -2.78 -7.73 -10.05
CA GLU A 50 -3.33 -7.94 -11.38
C GLU A 50 -3.44 -6.62 -12.13
N GLN A 51 -4.04 -5.64 -11.46
CA GLN A 51 -4.21 -4.32 -12.04
C GLN A 51 -2.85 -3.69 -12.34
N TRP A 52 -1.93 -3.88 -11.40
CA TRP A 52 -0.59 -3.34 -11.55
C TRP A 52 0.06 -3.99 -12.76
N ALA A 53 0.21 -5.31 -12.68
CA ALA A 53 0.81 -6.07 -13.75
C ALA A 53 0.06 -5.78 -15.06
N GLY A 54 -1.23 -6.10 -15.03
CA GLY A 54 -2.07 -5.87 -16.21
C GLY A 54 -1.69 -4.58 -16.92
N GLY A 55 -1.32 -3.59 -16.13
CA GLY A 55 -0.92 -2.29 -16.67
C GLY A 55 -2.10 -1.31 -16.63
N LYS A 56 -3.01 -1.55 -15.69
CA LYS A 56 -4.17 -0.70 -15.54
C LYS A 56 -3.81 0.50 -14.66
N LEU A 57 -2.91 0.25 -13.71
CA LEU A 57 -2.47 1.29 -12.80
C LEU A 57 -1.61 2.30 -13.56
N SER A 58 -1.77 3.56 -13.19
CA SER A 58 -1.02 4.64 -13.82
C SER A 58 0.41 4.66 -13.28
N ILE A 59 1.29 5.27 -14.06
CA ILE A 59 2.69 5.36 -13.68
C ILE A 59 2.80 6.12 -12.35
N PRO A 60 2.05 7.26 -12.28
CA PRO A 60 2.06 8.09 -11.08
C PRO A 60 1.24 7.43 -9.97
N VAL A 61 0.58 6.34 -10.32
CA VAL A 61 -0.24 5.61 -9.37
C VAL A 61 0.62 4.57 -8.65
N LYS A 62 1.72 4.22 -9.29
CA LYS A 62 2.63 3.23 -8.72
C LYS A 62 3.69 3.95 -7.89
N LYS A 63 4.20 5.05 -8.44
CA LYS A 63 5.21 5.82 -7.76
C LYS A 63 4.71 6.22 -6.37
N ARG A 64 3.41 6.48 -6.30
CA ARG A 64 2.80 6.87 -5.05
C ARG A 64 2.63 5.64 -4.14
N MET A 65 2.34 4.52 -4.78
CA MET A 65 2.15 3.28 -4.04
C MET A 65 3.44 2.87 -3.31
N ALA A 66 4.52 2.78 -4.08
CA ALA A 66 5.80 2.40 -3.53
C ALA A 66 6.11 3.29 -2.32
N LEU A 67 5.74 4.56 -2.45
CA LEU A 67 5.96 5.51 -1.38
C LEU A 67 5.28 5.04 -0.11
N LEU A 68 3.95 5.02 -0.16
CA LEU A 68 3.16 4.58 0.98
C LEU A 68 3.80 3.33 1.59
N VAL A 69 4.23 2.44 0.72
CA VAL A 69 4.87 1.21 1.16
C VAL A 69 6.15 1.55 1.92
N GLN A 70 6.97 2.36 1.30
CA GLN A 70 8.23 2.76 1.90
C GLN A 70 8.00 3.24 3.34
N GLU A 71 6.82 3.80 3.55
CA GLU A 71 6.46 4.30 4.87
C GLU A 71 6.06 3.14 5.79
N LEU A 72 5.31 2.21 5.22
CA LEU A 72 4.86 1.05 5.98
C LEU A 72 6.07 0.23 6.42
N LEU A 73 7.17 0.43 5.72
CA LEU A 73 8.40 -0.27 6.03
C LEU A 73 9.09 0.40 7.22
N HIS A 74 8.99 1.72 7.25
CA HIS A 74 9.59 2.48 8.33
C HIS A 74 8.61 2.59 9.49
N HIS A 75 7.42 2.04 9.28
CA HIS A 75 6.39 2.06 10.29
C HIS A 75 5.69 3.42 10.29
N GLN A 76 5.97 4.19 9.24
CA GLN A 76 5.39 5.51 9.10
C GLN A 76 3.97 5.40 8.56
N TRP A 77 3.17 4.58 9.22
CA TRP A 77 1.79 4.37 8.82
C TRP A 77 1.18 5.73 8.49
N ASP A 78 1.28 6.64 9.46
CA ASP A 78 0.75 7.97 9.29
C ASP A 78 1.12 8.50 7.89
N ALA A 79 2.41 8.43 7.60
CA ALA A 79 2.91 8.89 6.32
C ALA A 79 2.24 8.09 5.20
N ALA A 80 2.30 6.77 5.34
CA ALA A 80 1.70 5.88 4.36
C ALA A 80 0.28 6.37 4.04
N ASP A 81 -0.46 6.66 5.10
CA ASP A 81 -1.83 7.12 4.95
C ASP A 81 -1.83 8.39 4.09
N ASP A 82 -1.08 9.38 4.54
CA ASP A 82 -0.99 10.64 3.83
C ASP A 82 -0.96 10.37 2.33
N ILE A 83 -0.03 9.50 1.94
CA ILE A 83 0.12 9.14 0.53
C ILE A 83 -1.20 8.57 0.02
N HIS A 84 -1.60 7.47 0.63
CA HIS A 84 -2.84 6.79 0.24
C HIS A 84 -3.91 7.84 -0.06
N ARG A 85 -4.04 8.79 0.87
CA ARG A 85 -5.02 9.85 0.71
C ARG A 85 -4.84 10.55 -0.65
N SER A 86 -3.62 11.02 -0.86
CA SER A 86 -3.30 11.71 -2.10
C SER A 86 -3.81 10.90 -3.30
N LEU A 87 -3.72 9.58 -3.16
CA LEU A 87 -4.18 8.70 -4.22
C LEU A 87 -5.71 8.72 -4.28
N MET A 88 -6.32 8.88 -3.12
CA MET A 88 -7.76 8.92 -3.03
C MET A 88 -8.31 10.26 -3.54
N VAL A 89 -7.39 11.17 -3.81
CA VAL A 89 -7.76 12.49 -4.31
C VAL A 89 -8.05 12.40 -5.80
N ASP A 90 -7.05 11.94 -6.54
CA ASP A 90 -7.19 11.80 -7.99
C ASP A 90 -7.59 10.36 -8.32
N HIS A 91 -6.63 9.46 -8.11
CA HIS A 91 -6.86 8.05 -8.39
C HIS A 91 -7.64 7.43 -7.24
N VAL A 92 -8.87 7.92 -7.06
CA VAL A 92 -9.72 7.41 -6.00
C VAL A 92 -10.48 6.19 -6.50
N THR A 93 -10.48 6.02 -7.82
CA THR A 93 -11.17 4.91 -8.43
C THR A 93 -10.18 3.76 -8.70
N GLU A 94 -9.20 4.05 -9.54
CA GLU A 94 -8.19 3.07 -9.88
C GLU A 94 -7.73 2.32 -8.62
N VAL A 95 -7.33 3.09 -7.62
CA VAL A 95 -6.87 2.52 -6.37
C VAL A 95 -8.01 1.73 -5.73
N SER A 96 -9.22 2.24 -5.91
CA SER A 96 -10.39 1.59 -5.35
C SER A 96 -10.42 0.11 -5.75
N GLN A 97 -11.44 -0.57 -5.27
CA GLN A 97 -11.59 -1.99 -5.56
C GLN A 97 -10.49 -2.80 -4.87
N TRP A 98 -9.69 -2.09 -4.08
CA TRP A 98 -8.60 -2.74 -3.35
C TRP A 98 -8.06 -1.73 -2.33
N MET A 99 -7.93 -0.49 -2.78
CA MET A 99 -7.43 0.57 -1.92
C MET A 99 -7.93 0.38 -0.48
N VAL A 100 -9.14 -0.14 -0.37
CA VAL A 100 -9.74 -0.36 0.93
C VAL A 100 -8.84 -1.28 1.75
N GLY A 101 -8.51 -2.42 1.15
CA GLY A 101 -7.66 -3.40 1.81
C GLY A 101 -6.41 -2.73 2.38
N VAL A 102 -5.69 -2.05 1.50
CA VAL A 102 -4.47 -1.37 1.90
C VAL A 102 -4.73 -0.60 3.19
N LYS A 103 -5.76 0.24 3.15
CA LYS A 103 -6.12 1.04 4.31
C LYS A 103 -6.13 0.16 5.55
N ARG A 104 -6.74 -1.00 5.41
CA ARG A 104 -6.83 -1.94 6.52
C ARG A 104 -5.44 -2.47 6.88
N LEU A 105 -4.75 -2.96 5.87
CA LEU A 105 -3.41 -3.49 6.06
C LEU A 105 -2.59 -2.50 6.90
N ILE A 106 -2.59 -1.25 6.47
CA ILE A 106 -1.86 -0.21 7.17
C ILE A 106 -2.24 -0.25 8.65
N ALA A 107 -3.51 0.03 8.91
CA ALA A 107 -4.01 0.04 10.28
C ALA A 107 -3.61 -1.26 10.98
N GLU A 108 -3.80 -2.37 10.26
CA GLU A 108 -3.46 -3.67 10.80
C GLU A 108 -2.00 -3.70 11.22
N LYS A 109 -1.11 -3.50 10.24
CA LYS A 109 0.31 -3.51 10.50
C LYS A 109 0.59 -2.68 11.76
N LYS A 110 0.20 -1.42 11.69
CA LYS A 110 0.40 -0.51 12.82
C LYS A 110 -0.11 -1.17 14.10
N SER A 111 -1.35 -1.62 14.03
CA SER A 111 -1.98 -2.28 15.17
C SER A 111 -1.03 -3.31 15.77
N LEU A 112 -0.59 -4.23 14.92
CA LEU A 112 0.32 -5.27 15.35
C LEU A 112 1.38 -4.68 16.26
N SER A 113 2.10 -3.70 15.73
CA SER A 113 3.15 -3.04 16.49
C SER A 113 2.68 -2.81 17.93
N GLY A 114 1.66 -1.98 18.06
CA GLY A 114 1.11 -1.66 19.37
C GLY A 114 1.10 -0.15 19.61
N PRO A 115 -0.09 0.46 19.34
CA PRO A 115 -0.25 1.89 19.53
C PRO A 115 -0.36 2.25 21.01
N SER A 116 -0.38 3.54 21.28
CA SER A 116 -0.47 4.02 22.64
C SER A 116 -1.71 4.91 22.80
N SER A 117 -2.43 4.69 23.89
CA SER A 117 -3.64 5.46 24.15
C SER A 117 -3.94 5.44 25.66
N GLY A 118 -4.63 6.48 26.11
CA GLY A 118 -4.99 6.59 27.51
C GLY A 118 -5.40 5.23 28.08
N GLY A 1 6.01 -7.08 -17.05
CA GLY A 1 6.94 -6.44 -16.15
C GLY A 1 7.19 -7.30 -14.91
N SER A 2 8.42 -7.78 -14.79
CA SER A 2 8.78 -8.62 -13.66
C SER A 2 10.28 -8.98 -13.75
N SER A 3 11.08 -8.18 -13.07
CA SER A 3 12.52 -8.40 -13.06
C SER A 3 13.16 -7.61 -11.92
N GLY A 4 14.43 -7.90 -11.68
CA GLY A 4 15.18 -7.23 -10.63
C GLY A 4 16.61 -6.94 -11.07
N SER A 5 16.94 -5.66 -11.09
CA SER A 5 18.27 -5.23 -11.48
C SER A 5 18.58 -3.86 -10.87
N SER A 6 19.76 -3.77 -10.28
CA SER A 6 20.18 -2.53 -9.65
C SER A 6 21.13 -1.77 -10.59
N GLY A 7 20.95 -0.46 -10.62
CA GLY A 7 21.77 0.39 -11.47
C GLY A 7 21.12 1.77 -11.66
N VAL A 8 20.02 1.77 -12.39
CA VAL A 8 19.30 3.00 -12.66
C VAL A 8 18.21 3.20 -11.59
N ILE A 9 18.68 3.44 -10.37
CA ILE A 9 17.77 3.65 -9.25
C ILE A 9 17.03 4.98 -9.45
N GLU A 10 16.15 5.26 -8.50
CA GLU A 10 15.37 6.49 -8.56
C GLU A 10 14.51 6.51 -9.83
N SER A 11 13.20 6.66 -9.61
CA SER A 11 12.26 6.70 -10.72
C SER A 11 12.19 5.32 -11.39
N GLU A 12 11.83 4.33 -10.58
CA GLU A 12 11.71 2.97 -11.08
C GLU A 12 11.22 2.04 -9.96
N THR A 13 9.96 1.64 -10.09
CA THR A 13 9.36 0.77 -9.10
C THR A 13 8.84 -0.51 -9.77
N LEU A 14 9.10 -1.63 -9.13
CA LEU A 14 8.66 -2.91 -9.66
C LEU A 14 7.40 -3.36 -8.92
N ILE A 15 6.56 -4.08 -9.64
CA ILE A 15 5.31 -4.57 -9.08
C ILE A 15 5.62 -5.48 -7.89
N GLU A 16 6.57 -6.37 -8.10
CA GLU A 16 6.96 -7.30 -7.05
C GLU A 16 7.65 -6.56 -5.91
N ASP A 17 8.11 -5.36 -6.22
CA ASP A 17 8.79 -4.54 -5.23
C ASP A 17 7.74 -3.86 -4.33
N VAL A 18 6.58 -3.64 -4.92
CA VAL A 18 5.49 -3.01 -4.18
C VAL A 18 4.58 -4.09 -3.58
N LEU A 19 4.72 -5.29 -4.13
CA LEU A 19 3.93 -6.42 -3.66
C LEU A 19 4.71 -7.17 -2.59
N ARG A 20 6.03 -7.10 -2.71
CA ARG A 20 6.91 -7.77 -1.76
C ARG A 20 6.52 -7.41 -0.33
N PRO A 21 6.40 -6.08 -0.08
CA PRO A 21 6.04 -5.58 1.24
C PRO A 21 4.55 -5.79 1.51
N LEU A 22 3.74 -5.36 0.55
CA LEU A 22 2.30 -5.50 0.68
C LEU A 22 1.96 -6.93 1.10
N GLU A 23 2.66 -7.87 0.50
CA GLU A 23 2.44 -9.28 0.82
C GLU A 23 3.04 -9.62 2.19
N GLN A 24 4.24 -9.10 2.42
CA GLN A 24 4.92 -9.33 3.68
C GLN A 24 4.02 -8.96 4.86
N ALA A 25 3.35 -7.83 4.71
CA ALA A 25 2.46 -7.35 5.75
C ALA A 25 1.33 -8.36 5.95
N LEU A 26 0.67 -8.70 4.85
CA LEU A 26 -0.43 -9.65 4.90
C LEU A 26 -0.04 -10.81 5.81
N GLU A 27 1.10 -11.41 5.51
CA GLU A 27 1.59 -12.54 6.29
C GLU A 27 1.40 -12.26 7.79
N ASP A 28 1.74 -11.05 8.18
CA ASP A 28 1.61 -10.65 9.58
C ASP A 28 0.13 -10.68 9.98
N CYS A 29 -0.67 -9.98 9.19
CA CYS A 29 -2.10 -9.92 9.45
C CYS A 29 -2.65 -11.35 9.49
N HIS A 30 -2.19 -12.16 8.54
CA HIS A 30 -2.62 -13.54 8.46
C HIS A 30 -2.69 -14.13 9.87
N GLY A 31 -1.55 -14.18 10.52
CA GLY A 31 -1.46 -14.71 11.86
C GLY A 31 -1.65 -13.61 12.91
N HIS A 32 -2.71 -12.83 12.71
CA HIS A 32 -3.01 -11.75 13.62
C HIS A 32 -4.46 -11.29 13.41
N THR A 33 -4.68 -10.65 12.27
CA THR A 33 -6.02 -10.16 11.94
C THR A 33 -6.94 -11.33 11.61
N LYS A 34 -8.23 -11.08 11.79
CA LYS A 34 -9.24 -12.09 11.51
C LYS A 34 -8.94 -12.75 10.16
N LYS A 35 -9.57 -13.89 9.94
CA LYS A 35 -9.39 -14.63 8.70
C LYS A 35 -10.07 -13.88 7.57
N GLN A 36 -11.37 -13.67 7.73
CA GLN A 36 -12.16 -12.97 6.73
C GLN A 36 -11.39 -11.76 6.20
N VAL A 37 -11.06 -10.87 7.12
CA VAL A 37 -10.33 -9.67 6.76
C VAL A 37 -9.13 -10.04 5.90
N CYS A 38 -8.28 -10.90 6.45
CA CYS A 38 -7.10 -11.34 5.75
C CYS A 38 -7.52 -11.82 4.36
N ASP A 39 -8.49 -12.71 4.35
CA ASP A 39 -9.00 -13.25 3.09
C ASP A 39 -9.34 -12.10 2.15
N ASP A 40 -9.94 -11.07 2.72
CA ASP A 40 -10.33 -9.90 1.94
C ASP A 40 -9.08 -9.17 1.48
N ILE A 41 -8.31 -8.69 2.46
CA ILE A 41 -7.08 -7.97 2.15
C ILE A 41 -6.35 -8.67 1.01
N SER A 42 -6.15 -9.97 1.18
CA SER A 42 -5.46 -10.77 0.19
C SER A 42 -6.22 -10.71 -1.14
N ARG A 43 -7.54 -10.89 -1.04
CA ARG A 43 -8.38 -10.85 -2.23
C ARG A 43 -8.09 -9.60 -3.06
N ARG A 44 -7.82 -8.52 -2.36
CA ARG A 44 -7.51 -7.26 -3.02
C ARG A 44 -6.15 -7.32 -3.70
N LEU A 45 -5.17 -7.84 -2.95
CA LEU A 45 -3.83 -7.96 -3.46
C LEU A 45 -3.86 -8.58 -4.86
N ALA A 46 -4.51 -9.73 -4.94
CA ALA A 46 -4.64 -10.44 -6.21
C ALA A 46 -5.10 -9.46 -7.29
N LEU A 47 -5.77 -8.41 -6.83
CA LEU A 47 -6.27 -7.39 -7.75
C LEU A 47 -5.16 -6.37 -8.03
N LEU A 48 -4.73 -5.73 -6.96
CA LEU A 48 -3.68 -4.72 -7.07
C LEU A 48 -2.58 -5.24 -8.00
N ARG A 49 -2.36 -6.53 -7.93
CA ARG A 49 -1.34 -7.17 -8.75
C ARG A 49 -1.82 -7.25 -10.21
N GLU A 50 -3.09 -7.57 -10.37
CA GLU A 50 -3.68 -7.70 -11.69
C GLU A 50 -3.76 -6.31 -12.35
N GLN A 51 -4.16 -5.34 -11.55
CA GLN A 51 -4.29 -3.97 -12.03
C GLN A 51 -2.91 -3.37 -12.30
N TRP A 52 -1.97 -3.69 -11.43
CA TRP A 52 -0.61 -3.19 -11.56
C TRP A 52 -0.01 -3.81 -12.82
N ALA A 53 0.02 -5.13 -12.85
CA ALA A 53 0.56 -5.85 -13.99
C ALA A 53 -0.29 -5.58 -15.22
N GLY A 54 -1.57 -5.91 -15.10
CA GLY A 54 -2.51 -5.71 -16.19
C GLY A 54 -2.19 -4.42 -16.95
N GLY A 55 -1.69 -3.44 -16.21
CA GLY A 55 -1.34 -2.16 -16.79
C GLY A 55 -2.52 -1.18 -16.70
N LYS A 56 -3.41 -1.47 -15.78
CA LYS A 56 -4.57 -0.63 -15.57
C LYS A 56 -4.23 0.49 -14.58
N LEU A 57 -3.07 0.35 -13.98
CA LEU A 57 -2.60 1.33 -13.01
C LEU A 57 -1.82 2.44 -13.74
N SER A 58 -1.83 3.61 -13.13
CA SER A 58 -1.12 4.75 -13.71
C SER A 58 0.31 4.80 -13.20
N ILE A 59 1.17 5.44 -13.97
CA ILE A 59 2.57 5.58 -13.60
C ILE A 59 2.67 6.28 -12.26
N PRO A 60 1.88 7.38 -12.12
CA PRO A 60 1.89 8.15 -10.89
C PRO A 60 1.11 7.43 -9.78
N VAL A 61 0.53 6.30 -10.16
CA VAL A 61 -0.25 5.51 -9.22
C VAL A 61 0.67 4.48 -8.55
N LYS A 62 1.73 4.14 -9.26
CA LYS A 62 2.69 3.17 -8.75
C LYS A 62 3.75 3.90 -7.92
N LYS A 63 4.15 5.06 -8.42
CA LYS A 63 5.15 5.86 -7.73
C LYS A 63 4.61 6.29 -6.37
N ARG A 64 3.32 6.60 -6.35
CA ARG A 64 2.68 7.04 -5.12
C ARG A 64 2.44 5.84 -4.20
N MET A 65 2.31 4.67 -4.82
CA MET A 65 2.09 3.45 -4.08
C MET A 65 3.34 3.04 -3.31
N ALA A 66 4.43 2.91 -4.04
CA ALA A 66 5.69 2.53 -3.44
C ALA A 66 5.99 3.44 -2.24
N LEU A 67 5.66 4.70 -2.41
CA LEU A 67 5.87 5.68 -1.35
C LEU A 67 5.23 5.18 -0.06
N LEU A 68 3.90 5.10 -0.09
CA LEU A 68 3.16 4.63 1.06
C LEU A 68 3.82 3.36 1.62
N VAL A 69 4.23 2.49 0.71
CA VAL A 69 4.87 1.25 1.08
C VAL A 69 6.18 1.57 1.83
N GLN A 70 7.09 2.18 1.11
CA GLN A 70 8.38 2.54 1.70
C GLN A 70 8.20 3.00 3.14
N GLU A 71 7.14 3.77 3.35
CA GLU A 71 6.84 4.28 4.68
C GLU A 71 6.46 3.14 5.62
N LEU A 72 5.48 2.34 5.18
CA LEU A 72 5.02 1.21 5.96
C LEU A 72 6.22 0.35 6.37
N LEU A 73 7.22 0.35 5.50
CA LEU A 73 8.43 -0.43 5.76
C LEU A 73 9.14 0.15 6.98
N HIS A 74 9.30 1.47 6.97
CA HIS A 74 9.97 2.14 8.05
C HIS A 74 9.03 2.24 9.26
N HIS A 75 7.82 1.74 9.07
CA HIS A 75 6.82 1.77 10.11
C HIS A 75 6.02 3.07 10.04
N GLN A 76 6.48 3.96 9.16
CA GLN A 76 5.83 5.24 8.99
C GLN A 76 4.39 5.04 8.50
N TRP A 77 3.51 4.78 9.44
CA TRP A 77 2.11 4.57 9.12
C TRP A 77 1.47 5.93 8.86
N ASP A 78 1.99 6.94 9.56
CA ASP A 78 1.49 8.29 9.40
C ASP A 78 1.69 8.76 7.96
N ALA A 79 2.81 8.33 7.39
CA ALA A 79 3.13 8.69 6.02
C ALA A 79 2.30 7.84 5.06
N ALA A 80 2.31 6.54 5.30
CA ALA A 80 1.56 5.61 4.47
C ALA A 80 0.17 6.20 4.19
N ASP A 81 -0.50 6.56 5.27
CA ASP A 81 -1.84 7.13 5.16
C ASP A 81 -1.77 8.43 4.35
N ASP A 82 -0.88 9.31 4.78
CA ASP A 82 -0.71 10.59 4.11
C ASP A 82 -0.72 10.37 2.60
N ILE A 83 0.09 9.41 2.17
CA ILE A 83 0.19 9.08 0.75
C ILE A 83 -1.11 8.41 0.30
N HIS A 84 -1.47 7.34 1.00
CA HIS A 84 -2.67 6.61 0.67
C HIS A 84 -3.81 7.59 0.40
N ARG A 85 -3.89 8.61 1.24
CA ARG A 85 -4.92 9.62 1.11
C ARG A 85 -4.73 10.41 -0.20
N SER A 86 -3.49 10.80 -0.43
CA SER A 86 -3.17 11.56 -1.63
C SER A 86 -3.62 10.79 -2.88
N LEU A 87 -3.64 9.47 -2.74
CA LEU A 87 -4.06 8.62 -3.83
C LEU A 87 -5.58 8.62 -3.94
N MET A 88 -6.23 8.55 -2.78
CA MET A 88 -7.68 8.56 -2.74
C MET A 88 -8.25 9.92 -3.16
N VAL A 89 -7.33 10.87 -3.32
CA VAL A 89 -7.72 12.21 -3.72
C VAL A 89 -7.97 12.23 -5.23
N ASP A 90 -6.94 11.90 -5.98
CA ASP A 90 -7.03 11.88 -7.43
C ASP A 90 -7.33 10.45 -7.90
N HIS A 91 -6.34 9.59 -7.74
CA HIS A 91 -6.48 8.20 -8.13
C HIS A 91 -7.30 7.44 -7.08
N VAL A 92 -8.55 7.85 -6.96
CA VAL A 92 -9.45 7.22 -5.99
C VAL A 92 -10.20 6.08 -6.67
N THR A 93 -10.42 6.25 -7.97
CA THR A 93 -11.12 5.24 -8.74
C THR A 93 -10.16 4.15 -9.20
N GLU A 94 -8.88 4.49 -9.18
CA GLU A 94 -7.84 3.55 -9.59
C GLU A 94 -7.50 2.60 -8.44
N VAL A 95 -7.02 3.19 -7.36
CA VAL A 95 -6.65 2.41 -6.18
C VAL A 95 -7.85 1.57 -5.74
N SER A 96 -9.02 2.18 -5.81
CA SER A 96 -10.24 1.50 -5.42
C SER A 96 -10.28 0.09 -6.02
N GLN A 97 -11.16 -0.73 -5.48
CA GLN A 97 -11.29 -2.09 -5.94
C GLN A 97 -10.26 -3.00 -5.28
N TRP A 98 -9.46 -2.40 -4.42
CA TRP A 98 -8.43 -3.12 -3.70
C TRP A 98 -7.93 -2.26 -2.56
N MET A 99 -7.71 -0.98 -2.87
CA MET A 99 -7.23 -0.04 -1.88
C MET A 99 -7.85 -0.32 -0.51
N VAL A 100 -9.11 -0.73 -0.53
CA VAL A 100 -9.82 -1.04 0.69
C VAL A 100 -8.97 -1.96 1.56
N GLY A 101 -8.48 -3.02 0.93
CA GLY A 101 -7.65 -3.99 1.63
C GLY A 101 -6.39 -3.32 2.20
N VAL A 102 -5.59 -2.79 1.30
CA VAL A 102 -4.37 -2.12 1.69
C VAL A 102 -4.66 -1.12 2.82
N LYS A 103 -5.65 -0.28 2.56
CA LYS A 103 -6.05 0.72 3.55
C LYS A 103 -6.09 0.06 4.94
N ARG A 104 -6.86 -1.01 5.02
CA ARG A 104 -6.99 -1.72 6.28
C ARG A 104 -5.63 -2.23 6.75
N LEU A 105 -4.92 -2.85 5.83
CA LEU A 105 -3.60 -3.39 6.14
C LEU A 105 -2.85 -2.39 7.03
N ILE A 106 -2.69 -1.19 6.51
CA ILE A 106 -1.99 -0.14 7.24
C ILE A 106 -2.41 -0.19 8.71
N ALA A 107 -3.68 0.11 8.95
CA ALA A 107 -4.20 0.10 10.30
C ALA A 107 -3.71 -1.14 11.03
N GLU A 108 -3.95 -2.29 10.42
CA GLU A 108 -3.53 -3.55 11.00
C GLU A 108 -2.04 -3.52 11.33
N LYS A 109 -1.23 -3.39 10.29
CA LYS A 109 0.21 -3.33 10.46
C LYS A 109 0.54 -2.44 11.66
N LYS A 110 0.13 -1.19 11.56
CA LYS A 110 0.37 -0.23 12.63
C LYS A 110 -0.12 -0.81 13.95
N SER A 111 -1.33 -1.33 13.92
CA SER A 111 -1.93 -1.91 15.11
C SER A 111 -0.96 -2.90 15.76
N LEU A 112 -0.46 -3.81 14.93
CA LEU A 112 0.49 -4.81 15.40
C LEU A 112 1.60 -4.12 16.18
N SER A 113 2.35 -3.29 15.47
CA SER A 113 3.46 -2.56 16.08
C SER A 113 3.03 -2.01 17.43
N GLY A 114 1.80 -1.51 17.47
CA GLY A 114 1.26 -0.94 18.70
C GLY A 114 1.92 0.40 19.02
N PRO A 115 1.31 1.49 18.44
CA PRO A 115 1.82 2.83 18.66
C PRO A 115 1.48 3.33 20.07
N SER A 116 0.19 3.34 20.36
CA SER A 116 -0.28 3.77 21.66
C SER A 116 -1.03 2.64 22.36
N SER A 117 -0.76 2.52 23.65
CA SER A 117 -1.41 1.49 24.45
C SER A 117 -1.09 0.11 23.87
N GLY A 118 -0.29 -0.64 24.62
CA GLY A 118 0.10 -1.97 24.19
C GLY A 118 1.59 -2.22 24.44
N GLY A 1 -2.63 7.36 -21.94
CA GLY A 1 -2.56 8.53 -21.08
C GLY A 1 -1.64 9.59 -21.67
N SER A 2 -1.51 10.69 -20.94
CA SER A 2 -0.66 11.79 -21.38
C SER A 2 0.75 11.61 -20.84
N SER A 3 0.86 11.59 -19.53
CA SER A 3 2.14 11.42 -18.87
C SER A 3 3.13 12.48 -19.37
N GLY A 4 4.27 12.54 -18.71
CA GLY A 4 5.30 13.50 -19.08
C GLY A 4 6.16 12.98 -20.24
N SER A 5 6.46 13.88 -21.15
CA SER A 5 7.27 13.52 -22.32
C SER A 5 8.58 14.31 -22.29
N SER A 6 9.36 14.08 -21.24
CA SER A 6 10.63 14.75 -21.09
C SER A 6 11.78 13.74 -21.24
N GLY A 7 11.81 12.80 -20.31
CA GLY A 7 12.84 11.77 -20.32
C GLY A 7 12.22 10.38 -20.47
N VAL A 8 13.04 9.38 -20.18
CA VAL A 8 12.60 8.00 -20.27
C VAL A 8 13.60 7.09 -19.56
N ILE A 9 13.07 6.02 -18.98
CA ILE A 9 13.91 5.06 -18.27
C ILE A 9 14.74 5.81 -17.23
N GLU A 10 14.12 6.07 -16.09
CA GLU A 10 14.79 6.78 -15.01
C GLU A 10 13.95 6.72 -13.73
N SER A 11 14.55 6.14 -12.70
CA SER A 11 13.87 6.02 -11.42
C SER A 11 12.47 5.44 -11.62
N GLU A 12 12.40 4.12 -11.54
CA GLU A 12 11.13 3.43 -11.72
C GLU A 12 10.85 2.53 -10.51
N THR A 13 9.72 1.84 -10.58
CA THR A 13 9.32 0.94 -9.52
C THR A 13 8.82 -0.39 -10.09
N LEU A 14 9.13 -1.46 -9.38
CA LEU A 14 8.71 -2.79 -9.80
C LEU A 14 7.55 -3.26 -8.92
N ILE A 15 6.61 -3.94 -9.56
CA ILE A 15 5.45 -4.45 -8.84
C ILE A 15 5.91 -5.42 -7.76
N GLU A 16 6.92 -6.20 -8.09
CA GLU A 16 7.46 -7.17 -7.15
C GLU A 16 8.14 -6.44 -5.98
N ASP A 17 8.28 -5.14 -6.14
CA ASP A 17 8.92 -4.33 -5.12
C ASP A 17 7.84 -3.63 -4.29
N VAL A 18 6.67 -3.49 -4.89
CA VAL A 18 5.55 -2.85 -4.22
C VAL A 18 4.66 -3.91 -3.59
N LEU A 19 4.76 -5.12 -4.12
CA LEU A 19 3.98 -6.23 -3.63
C LEU A 19 4.77 -6.99 -2.56
N ARG A 20 6.07 -7.07 -2.79
CA ARG A 20 6.96 -7.75 -1.85
C ARG A 20 6.62 -7.36 -0.41
N PRO A 21 6.54 -6.01 -0.19
CA PRO A 21 6.24 -5.50 1.14
C PRO A 21 4.74 -5.66 1.45
N LEU A 22 3.92 -5.19 0.53
CA LEU A 22 2.48 -5.27 0.70
C LEU A 22 2.10 -6.70 1.09
N GLU A 23 2.79 -7.65 0.49
CA GLU A 23 2.54 -9.06 0.77
C GLU A 23 3.09 -9.43 2.16
N GLN A 24 4.27 -8.89 2.45
CA GLN A 24 4.90 -9.15 3.73
C GLN A 24 3.95 -8.83 4.88
N ALA A 25 3.02 -7.92 4.59
CA ALA A 25 2.05 -7.50 5.59
C ALA A 25 0.98 -8.59 5.73
N LEU A 26 0.42 -8.98 4.59
CA LEU A 26 -0.62 -10.00 4.58
C LEU A 26 -0.20 -11.15 5.51
N GLU A 27 0.86 -11.84 5.11
CA GLU A 27 1.36 -12.95 5.89
C GLU A 27 1.33 -12.61 7.38
N ASP A 28 1.87 -11.43 7.69
CA ASP A 28 1.92 -10.98 9.07
C ASP A 28 0.50 -11.00 9.66
N CYS A 29 -0.45 -10.54 8.86
CA CYS A 29 -1.84 -10.50 9.28
C CYS A 29 -2.32 -11.94 9.46
N HIS A 30 -1.97 -12.77 8.49
CA HIS A 30 -2.37 -14.17 8.53
C HIS A 30 -1.92 -14.80 9.85
N GLY A 31 -0.94 -14.15 10.48
CA GLY A 31 -0.41 -14.63 11.74
C GLY A 31 -0.82 -13.71 12.88
N HIS A 32 -1.89 -12.97 12.65
CA HIS A 32 -2.40 -12.04 13.66
C HIS A 32 -3.88 -11.76 13.41
N THR A 33 -4.14 -11.03 12.33
CA THR A 33 -5.50 -10.68 11.97
C THR A 33 -6.33 -11.96 11.77
N LYS A 34 -7.63 -11.80 11.92
CA LYS A 34 -8.55 -12.93 11.76
C LYS A 34 -8.34 -13.55 10.38
N LYS A 35 -9.29 -14.39 10.00
CA LYS A 35 -9.22 -15.06 8.71
C LYS A 35 -9.98 -14.23 7.68
N GLN A 36 -11.30 -14.16 7.87
CA GLN A 36 -12.14 -13.40 6.96
C GLN A 36 -11.48 -12.08 6.59
N VAL A 37 -10.90 -11.44 7.60
CA VAL A 37 -10.23 -10.17 7.41
C VAL A 37 -9.13 -10.34 6.36
N CYS A 38 -8.22 -11.25 6.66
CA CYS A 38 -7.11 -11.52 5.76
C CYS A 38 -7.67 -11.89 4.39
N ASP A 39 -8.55 -12.87 4.40
CA ASP A 39 -9.18 -13.34 3.17
C ASP A 39 -9.62 -12.13 2.35
N ASP A 40 -9.97 -11.07 3.04
CA ASP A 40 -10.41 -9.84 2.40
C ASP A 40 -9.19 -9.10 1.83
N ILE A 41 -8.33 -8.68 2.74
CA ILE A 41 -7.13 -7.96 2.36
C ILE A 41 -6.46 -8.69 1.19
N SER A 42 -6.09 -9.93 1.44
CA SER A 42 -5.45 -10.74 0.43
C SER A 42 -6.20 -10.62 -0.90
N ARG A 43 -7.51 -10.78 -0.82
CA ARG A 43 -8.34 -10.69 -2.00
C ARG A 43 -8.10 -9.37 -2.73
N ARG A 44 -7.85 -8.33 -1.94
CA ARG A 44 -7.59 -7.01 -2.49
C ARG A 44 -6.19 -6.96 -3.09
N LEU A 45 -5.27 -7.69 -2.48
CA LEU A 45 -3.90 -7.73 -2.94
C LEU A 45 -3.86 -8.32 -4.35
N ALA A 46 -4.37 -9.54 -4.45
CA ALA A 46 -4.40 -10.23 -5.74
C ALA A 46 -4.82 -9.24 -6.84
N LEU A 47 -5.79 -8.42 -6.50
CA LEU A 47 -6.30 -7.43 -7.44
C LEU A 47 -5.22 -6.35 -7.66
N LEU A 48 -4.78 -5.78 -6.55
CA LEU A 48 -3.76 -4.74 -6.61
C LEU A 48 -2.70 -5.12 -7.65
N ARG A 49 -2.30 -6.39 -7.61
CA ARG A 49 -1.30 -6.89 -8.54
C ARG A 49 -1.88 -6.92 -9.96
N GLU A 50 -3.07 -7.50 -10.07
CA GLU A 50 -3.73 -7.61 -11.36
C GLU A 50 -3.88 -6.22 -12.00
N GLN A 51 -4.39 -5.29 -11.20
CA GLN A 51 -4.59 -3.93 -11.67
C GLN A 51 -3.24 -3.26 -11.94
N TRP A 52 -2.29 -3.57 -11.09
CA TRP A 52 -0.95 -3.01 -11.22
C TRP A 52 -0.34 -3.55 -12.51
N ALA A 53 -0.15 -4.86 -12.54
CA ALA A 53 0.42 -5.51 -13.70
C ALA A 53 -0.44 -5.21 -14.93
N GLY A 54 -1.72 -5.55 -14.81
CA GLY A 54 -2.65 -5.33 -15.90
C GLY A 54 -2.34 -4.02 -16.63
N GLY A 55 -1.93 -3.03 -15.86
CA GLY A 55 -1.60 -1.73 -16.43
C GLY A 55 -2.72 -0.72 -16.19
N LYS A 56 -3.73 -1.17 -15.45
CA LYS A 56 -4.86 -0.32 -15.14
C LYS A 56 -4.40 0.83 -14.24
N LEU A 57 -3.30 0.60 -13.56
CA LEU A 57 -2.74 1.60 -12.66
C LEU A 57 -1.90 2.59 -13.48
N SER A 58 -1.93 3.84 -13.03
CA SER A 58 -1.18 4.89 -13.70
C SER A 58 0.28 4.85 -13.26
N ILE A 59 1.13 5.41 -14.11
CA ILE A 59 2.57 5.44 -13.82
C ILE A 59 2.79 6.19 -12.51
N PRO A 60 2.10 7.36 -12.39
CA PRO A 60 2.23 8.18 -11.20
C PRO A 60 1.47 7.56 -10.02
N VAL A 61 0.78 6.47 -10.32
CA VAL A 61 0.01 5.78 -9.30
C VAL A 61 0.89 4.72 -8.63
N LYS A 62 1.87 4.25 -9.38
CA LYS A 62 2.78 3.23 -8.87
C LYS A 62 3.93 3.91 -8.13
N LYS A 63 4.41 5.01 -8.70
CA LYS A 63 5.49 5.76 -8.10
C LYS A 63 5.05 6.29 -6.74
N ARG A 64 3.78 6.66 -6.66
CA ARG A 64 3.21 7.18 -5.43
C ARG A 64 3.04 6.06 -4.41
N MET A 65 2.53 4.93 -4.89
CA MET A 65 2.31 3.78 -4.04
C MET A 65 3.59 3.41 -3.30
N ALA A 66 4.62 3.11 -4.07
CA ALA A 66 5.90 2.73 -3.50
C ALA A 66 6.18 3.58 -2.26
N LEU A 67 5.79 4.84 -2.35
CA LEU A 67 5.98 5.78 -1.25
C LEU A 67 5.29 5.23 0.00
N LEU A 68 3.97 5.11 -0.10
CA LEU A 68 3.18 4.62 1.01
C LEU A 68 3.81 3.33 1.55
N VAL A 69 4.29 2.51 0.62
CA VAL A 69 4.92 1.26 0.99
C VAL A 69 6.17 1.55 1.82
N GLN A 70 7.14 2.19 1.19
CA GLN A 70 8.38 2.54 1.87
C GLN A 70 8.11 2.93 3.31
N GLU A 71 7.01 3.66 3.50
CA GLU A 71 6.63 4.11 4.82
C GLU A 71 6.16 2.93 5.67
N LEU A 72 5.22 2.18 5.13
CA LEU A 72 4.70 1.02 5.82
C LEU A 72 5.85 0.12 6.26
N LEU A 73 6.96 0.25 5.56
CA LEU A 73 8.14 -0.54 5.86
C LEU A 73 8.78 -0.01 7.14
N HIS A 74 8.95 1.30 7.18
CA HIS A 74 9.55 1.94 8.34
C HIS A 74 8.53 2.03 9.47
N HIS A 75 7.33 1.55 9.18
CA HIS A 75 6.25 1.57 10.16
C HIS A 75 5.50 2.89 10.07
N GLN A 76 6.02 3.79 9.24
CA GLN A 76 5.41 5.09 9.06
C GLN A 76 4.00 4.94 8.47
N TRP A 77 3.06 4.61 9.34
CA TRP A 77 1.67 4.44 8.91
C TRP A 77 1.07 5.82 8.65
N ASP A 78 1.55 6.79 9.42
CA ASP A 78 1.07 8.15 9.27
C ASP A 78 1.39 8.65 7.86
N ALA A 79 2.55 8.25 7.37
CA ALA A 79 2.97 8.64 6.04
C ALA A 79 2.17 7.87 4.99
N ALA A 80 2.12 6.55 5.19
CA ALA A 80 1.39 5.70 4.27
C ALA A 80 0.01 6.28 4.02
N ASP A 81 -0.67 6.62 5.11
CA ASP A 81 -2.00 7.20 5.02
C ASP A 81 -1.94 8.49 4.19
N ASP A 82 -0.87 9.24 4.41
CA ASP A 82 -0.68 10.49 3.71
C ASP A 82 -0.69 10.23 2.19
N ILE A 83 0.26 9.41 1.77
CA ILE A 83 0.39 9.07 0.37
C ILE A 83 -0.90 8.39 -0.10
N HIS A 84 -1.46 7.58 0.79
CA HIS A 84 -2.69 6.86 0.48
C HIS A 84 -3.80 7.87 0.16
N ARG A 85 -3.84 8.92 0.96
CA ARG A 85 -4.84 9.96 0.78
C ARG A 85 -4.70 10.59 -0.62
N SER A 86 -3.49 11.04 -0.90
CA SER A 86 -3.22 11.66 -2.18
C SER A 86 -3.66 10.75 -3.32
N LEU A 87 -3.31 9.47 -3.19
CA LEU A 87 -3.67 8.49 -4.19
C LEU A 87 -5.19 8.34 -4.24
N MET A 88 -5.80 8.42 -3.08
CA MET A 88 -7.25 8.31 -2.98
C MET A 88 -7.93 9.63 -3.34
N VAL A 89 -7.10 10.66 -3.49
CA VAL A 89 -7.61 11.98 -3.84
C VAL A 89 -7.72 12.11 -5.35
N ASP A 90 -6.68 11.61 -6.03
CA ASP A 90 -6.65 11.67 -7.48
C ASP A 90 -7.16 10.33 -8.04
N HIS A 91 -6.35 9.30 -7.85
CA HIS A 91 -6.70 7.97 -8.32
C HIS A 91 -7.48 7.23 -7.24
N VAL A 92 -8.67 7.74 -6.95
CA VAL A 92 -9.52 7.13 -5.94
C VAL A 92 -10.21 5.90 -6.53
N THR A 93 -10.23 5.85 -7.86
CA THR A 93 -10.86 4.73 -8.55
C THR A 93 -9.83 3.62 -8.79
N GLU A 94 -8.79 3.97 -9.52
CA GLU A 94 -7.74 3.01 -9.83
C GLU A 94 -7.38 2.19 -8.58
N VAL A 95 -7.04 2.91 -7.53
CA VAL A 95 -6.67 2.28 -6.28
C VAL A 95 -7.85 1.44 -5.77
N SER A 96 -9.04 1.93 -6.06
CA SER A 96 -10.26 1.25 -5.64
C SER A 96 -10.23 -0.20 -6.12
N GLN A 97 -11.22 -0.96 -5.66
CA GLN A 97 -11.32 -2.36 -6.05
C GLN A 97 -10.24 -3.18 -5.33
N TRP A 98 -9.55 -2.52 -4.41
CA TRP A 98 -8.50 -3.17 -3.66
C TRP A 98 -8.04 -2.21 -2.55
N MET A 99 -7.91 -0.95 -2.92
CA MET A 99 -7.49 0.07 -1.98
C MET A 99 -8.07 -0.19 -0.59
N VAL A 100 -9.37 -0.43 -0.57
CA VAL A 100 -10.06 -0.71 0.69
C VAL A 100 -9.17 -1.59 1.57
N GLY A 101 -8.63 -2.62 0.95
CA GLY A 101 -7.76 -3.55 1.67
C GLY A 101 -6.55 -2.82 2.26
N VAL A 102 -5.72 -2.30 1.36
CA VAL A 102 -4.52 -1.58 1.77
C VAL A 102 -4.86 -0.71 2.98
N LYS A 103 -5.88 0.12 2.81
CA LYS A 103 -6.30 1.02 3.87
C LYS A 103 -6.34 0.25 5.19
N ARG A 104 -7.03 -0.89 5.16
CA ARG A 104 -7.16 -1.72 6.34
C ARG A 104 -5.78 -2.25 6.76
N LEU A 105 -5.12 -2.90 5.82
CA LEU A 105 -3.81 -3.47 6.08
C LEU A 105 -2.98 -2.46 6.88
N ILE A 106 -2.96 -1.23 6.38
CA ILE A 106 -2.21 -0.17 7.04
C ILE A 106 -2.50 -0.21 8.54
N ALA A 107 -3.75 0.12 8.88
CA ALA A 107 -4.16 0.14 10.27
C ALA A 107 -3.73 -1.17 10.94
N GLU A 108 -4.03 -2.27 10.26
CA GLU A 108 -3.68 -3.58 10.78
C GLU A 108 -2.21 -3.63 11.17
N LYS A 109 -1.36 -3.55 10.15
CA LYS A 109 0.08 -3.57 10.37
C LYS A 109 0.42 -2.74 11.60
N LYS A 110 -0.04 -1.49 11.58
CA LYS A 110 0.21 -0.58 12.67
C LYS A 110 -0.21 -1.25 13.99
N SER A 111 -1.42 -1.79 13.98
CA SER A 111 -1.94 -2.47 15.16
C SER A 111 -0.88 -3.39 15.76
N LEU A 112 -0.30 -4.20 14.89
CA LEU A 112 0.73 -5.13 15.32
C LEU A 112 1.80 -4.38 16.10
N SER A 113 2.23 -3.26 15.54
CA SER A 113 3.25 -2.44 16.18
C SER A 113 2.60 -1.21 16.83
N GLY A 114 3.35 -0.12 16.84
CA GLY A 114 2.86 1.12 17.42
C GLY A 114 3.13 1.15 18.92
N PRO A 115 4.41 1.43 19.28
CA PRO A 115 4.80 1.49 20.68
C PRO A 115 4.30 2.78 21.33
N SER A 116 4.39 2.81 22.65
CA SER A 116 3.96 3.98 23.41
C SER A 116 4.92 4.25 24.57
N SER A 117 4.89 3.35 25.54
CA SER A 117 5.76 3.47 26.70
C SER A 117 5.42 4.75 27.46
N GLY A 118 5.87 4.79 28.71
CA GLY A 118 5.62 5.96 29.55
C GLY A 118 4.20 5.93 30.11
N GLY A 1 -16.21 20.47 -16.20
CA GLY A 1 -14.97 19.75 -16.44
C GLY A 1 -13.77 20.68 -16.28
N SER A 2 -12.90 20.30 -15.36
CA SER A 2 -11.70 21.07 -15.09
C SER A 2 -10.80 20.34 -14.10
N SER A 3 -9.50 20.54 -14.26
CA SER A 3 -8.54 19.90 -13.39
C SER A 3 -7.12 20.38 -13.73
N GLY A 4 -6.27 20.40 -12.72
CA GLY A 4 -4.90 20.84 -12.91
C GLY A 4 -4.10 20.68 -11.61
N SER A 5 -2.99 19.95 -11.71
CA SER A 5 -2.14 19.73 -10.56
C SER A 5 -0.74 19.30 -11.03
N SER A 6 0.26 19.77 -10.29
CA SER A 6 1.63 19.45 -10.62
C SER A 6 2.10 18.25 -9.79
N GLY A 7 3.28 17.76 -10.14
CA GLY A 7 3.85 16.62 -9.43
C GLY A 7 4.69 15.76 -10.38
N VAL A 8 5.88 15.42 -9.93
CA VAL A 8 6.79 14.60 -10.72
C VAL A 8 7.87 14.02 -9.81
N ILE A 9 7.72 12.74 -9.51
CA ILE A 9 8.67 12.05 -8.65
C ILE A 9 9.47 11.05 -9.49
N GLU A 10 10.75 10.98 -9.21
CA GLU A 10 11.63 10.07 -9.92
C GLU A 10 12.11 8.95 -9.00
N SER A 11 11.67 7.73 -9.32
CA SER A 11 12.03 6.58 -8.52
C SER A 11 11.45 5.31 -9.13
N GLU A 12 12.28 4.62 -9.90
CA GLU A 12 11.85 3.39 -10.55
C GLU A 12 11.38 2.38 -9.51
N THR A 13 10.14 1.95 -9.66
CA THR A 13 9.56 0.98 -8.75
C THR A 13 9.03 -0.23 -9.52
N LEU A 14 9.23 -1.41 -8.93
CA LEU A 14 8.78 -2.64 -9.54
C LEU A 14 7.56 -3.18 -8.78
N ILE A 15 6.70 -3.86 -9.52
CA ILE A 15 5.50 -4.41 -8.93
C ILE A 15 5.90 -5.35 -7.77
N GLU A 16 6.84 -6.22 -8.06
CA GLU A 16 7.31 -7.17 -7.07
C GLU A 16 8.02 -6.43 -5.92
N ASP A 17 8.24 -5.15 -6.14
CA ASP A 17 8.89 -4.32 -5.14
C ASP A 17 7.83 -3.61 -4.30
N VAL A 18 6.65 -3.49 -4.87
CA VAL A 18 5.54 -2.85 -4.18
C VAL A 18 4.67 -3.91 -3.52
N LEU A 19 4.77 -5.12 -4.05
CA LEU A 19 3.99 -6.23 -3.52
C LEU A 19 4.83 -6.99 -2.48
N ARG A 20 6.13 -7.01 -2.73
CA ARG A 20 7.04 -7.70 -1.82
C ARG A 20 6.73 -7.33 -0.38
N PRO A 21 6.60 -5.99 -0.14
CA PRO A 21 6.31 -5.49 1.20
C PRO A 21 4.83 -5.73 1.55
N LEU A 22 3.96 -5.16 0.74
CA LEU A 22 2.53 -5.30 0.97
C LEU A 22 2.21 -6.76 1.28
N GLU A 23 2.97 -7.66 0.65
CA GLU A 23 2.78 -9.07 0.84
C GLU A 23 3.18 -9.48 2.26
N GLN A 24 4.41 -9.13 2.61
CA GLN A 24 4.92 -9.45 3.94
C GLN A 24 3.89 -9.07 5.01
N ALA A 25 3.04 -8.12 4.65
CA ALA A 25 2.00 -7.67 5.57
C ALA A 25 0.91 -8.74 5.67
N LEU A 26 0.33 -9.04 4.52
CA LEU A 26 -0.74 -10.04 4.46
C LEU A 26 -0.36 -11.22 5.34
N GLU A 27 0.69 -11.92 4.95
CA GLU A 27 1.15 -13.08 5.70
C GLU A 27 1.21 -12.74 7.19
N ASP A 28 1.71 -11.56 7.49
CA ASP A 28 1.83 -11.11 8.86
C ASP A 28 0.44 -10.98 9.48
N CYS A 29 -0.50 -10.51 8.66
CA CYS A 29 -1.87 -10.34 9.09
C CYS A 29 -2.49 -11.72 9.30
N HIS A 30 -2.31 -12.57 8.30
CA HIS A 30 -2.84 -13.92 8.35
C HIS A 30 -2.47 -14.56 9.69
N GLY A 31 -1.28 -14.22 10.17
CA GLY A 31 -0.79 -14.76 11.43
C GLY A 31 -1.04 -13.77 12.57
N HIS A 32 -2.17 -13.09 12.48
CA HIS A 32 -2.54 -12.12 13.50
C HIS A 32 -4.01 -11.72 13.33
N THR A 33 -4.25 -10.88 12.33
CA THR A 33 -5.59 -10.42 12.05
C THR A 33 -6.51 -11.60 11.70
N LYS A 34 -7.79 -11.41 11.97
CA LYS A 34 -8.77 -12.45 11.69
C LYS A 34 -8.55 -12.98 10.27
N LYS A 35 -9.29 -14.04 9.95
CA LYS A 35 -9.20 -14.64 8.63
C LYS A 35 -10.04 -13.85 7.65
N GLN A 36 -11.34 -13.81 7.92
CA GLN A 36 -12.27 -13.10 7.06
C GLN A 36 -11.66 -11.75 6.63
N VAL A 37 -10.98 -11.12 7.57
CA VAL A 37 -10.35 -9.83 7.31
C VAL A 37 -9.16 -10.05 6.36
N CYS A 38 -8.25 -10.90 6.79
CA CYS A 38 -7.06 -11.20 6.00
C CYS A 38 -7.52 -11.59 4.60
N ASP A 39 -8.45 -12.53 4.55
CA ASP A 39 -8.97 -13.01 3.27
C ASP A 39 -9.36 -11.81 2.41
N ASP A 40 -9.99 -10.84 3.05
CA ASP A 40 -10.42 -9.64 2.35
C ASP A 40 -9.20 -8.92 1.78
N ILE A 41 -8.34 -8.47 2.69
CA ILE A 41 -7.13 -7.76 2.30
C ILE A 41 -6.51 -8.47 1.10
N SER A 42 -6.06 -9.69 1.34
CA SER A 42 -5.44 -10.49 0.30
C SER A 42 -6.24 -10.36 -1.00
N ARG A 43 -7.52 -10.69 -0.90
CA ARG A 43 -8.41 -10.62 -2.05
C ARG A 43 -8.15 -9.34 -2.84
N ARG A 44 -7.84 -8.28 -2.11
CA ARG A 44 -7.57 -6.99 -2.73
C ARG A 44 -6.20 -7.01 -3.40
N LEU A 45 -5.21 -7.44 -2.64
CA LEU A 45 -3.85 -7.52 -3.14
C LEU A 45 -3.84 -8.20 -4.50
N ALA A 46 -4.48 -9.36 -4.54
CA ALA A 46 -4.56 -10.13 -5.78
C ALA A 46 -4.97 -9.20 -6.92
N LEU A 47 -5.75 -8.19 -6.57
CA LEU A 47 -6.22 -7.22 -7.56
C LEU A 47 -5.10 -6.22 -7.85
N LEU A 48 -4.71 -5.50 -6.82
CA LEU A 48 -3.65 -4.51 -6.96
C LEU A 48 -2.55 -5.07 -7.86
N ARG A 49 -2.33 -6.37 -7.73
CA ARG A 49 -1.31 -7.04 -8.52
C ARG A 49 -1.78 -7.19 -9.97
N GLU A 50 -3.02 -7.62 -10.11
CA GLU A 50 -3.59 -7.80 -11.44
C GLU A 50 -3.69 -6.47 -12.17
N GLN A 51 -4.07 -5.44 -11.41
CA GLN A 51 -4.21 -4.12 -11.97
C GLN A 51 -2.84 -3.53 -12.29
N TRP A 52 -1.89 -3.83 -11.43
CA TRP A 52 -0.53 -3.33 -11.61
C TRP A 52 0.05 -4.00 -12.85
N ALA A 53 0.04 -5.33 -12.84
CA ALA A 53 0.56 -6.10 -13.96
C ALA A 53 -0.32 -5.86 -15.18
N GLY A 54 -1.60 -6.17 -15.02
CA GLY A 54 -2.56 -6.00 -16.11
C GLY A 54 -2.24 -4.75 -16.92
N GLY A 55 -1.73 -3.75 -16.23
CA GLY A 55 -1.38 -2.49 -16.89
C GLY A 55 -2.54 -1.49 -16.80
N LYS A 56 -3.32 -1.63 -15.74
CA LYS A 56 -4.45 -0.75 -15.53
C LYS A 56 -4.05 0.38 -14.58
N LEU A 57 -2.89 0.21 -13.96
CA LEU A 57 -2.38 1.20 -13.03
C LEU A 57 -1.55 2.22 -13.79
N SER A 58 -1.64 3.47 -13.34
CA SER A 58 -0.90 4.55 -13.97
C SER A 58 0.53 4.60 -13.42
N ILE A 59 1.43 5.10 -14.26
CA ILE A 59 2.83 5.20 -13.87
C ILE A 59 2.94 6.03 -12.60
N PRO A 60 2.20 7.16 -12.58
CA PRO A 60 2.20 8.05 -11.42
C PRO A 60 1.39 7.45 -10.27
N VAL A 61 0.75 6.34 -10.56
CA VAL A 61 -0.07 5.66 -9.56
C VAL A 61 0.80 4.64 -8.81
N LYS A 62 1.93 4.30 -9.42
CA LYS A 62 2.84 3.35 -8.83
C LYS A 62 3.90 4.10 -8.01
N LYS A 63 4.51 5.08 -8.67
CA LYS A 63 5.53 5.88 -8.03
C LYS A 63 4.99 6.47 -6.73
N ARG A 64 3.67 6.68 -6.72
CA ARG A 64 3.01 7.24 -5.55
C ARG A 64 2.74 6.14 -4.53
N MET A 65 2.39 4.97 -5.04
CA MET A 65 2.10 3.83 -4.17
C MET A 65 3.34 3.45 -3.35
N ALA A 66 4.40 3.09 -4.05
CA ALA A 66 5.63 2.69 -3.40
C ALA A 66 5.87 3.59 -2.18
N LEU A 67 5.48 4.85 -2.33
CA LEU A 67 5.64 5.81 -1.25
C LEU A 67 5.00 5.26 0.03
N LEU A 68 3.69 5.07 -0.05
CA LEU A 68 2.94 4.55 1.09
C LEU A 68 3.65 3.30 1.62
N VAL A 69 4.09 2.46 0.69
CA VAL A 69 4.77 1.23 1.04
C VAL A 69 6.04 1.57 1.83
N GLN A 70 6.96 2.26 1.16
CA GLN A 70 8.21 2.64 1.79
C GLN A 70 7.97 3.04 3.24
N GLU A 71 6.85 3.70 3.47
CA GLU A 71 6.49 4.13 4.81
C GLU A 71 6.10 2.94 5.68
N LEU A 72 5.19 2.14 5.14
CA LEU A 72 4.72 0.96 5.85
C LEU A 72 5.92 0.11 6.28
N LEU A 73 7.04 0.33 5.59
CA LEU A 73 8.25 -0.40 5.89
C LEU A 73 8.89 0.18 7.15
N HIS A 74 8.99 1.50 7.18
CA HIS A 74 9.57 2.18 8.32
C HIS A 74 8.55 2.24 9.46
N HIS A 75 7.37 1.71 9.18
CA HIS A 75 6.30 1.70 10.17
C HIS A 75 5.52 3.02 10.10
N GLN A 76 5.99 3.90 9.23
CA GLN A 76 5.35 5.19 9.06
C GLN A 76 3.94 5.02 8.49
N TRP A 77 3.05 4.54 9.35
CA TRP A 77 1.67 4.31 8.95
C TRP A 77 1.02 5.67 8.69
N ASP A 78 1.41 6.64 9.52
CA ASP A 78 0.88 7.99 9.41
C ASP A 78 1.14 8.50 7.99
N ALA A 79 2.26 8.06 7.43
CA ALA A 79 2.63 8.47 6.09
C ALA A 79 1.85 7.64 5.06
N ALA A 80 1.87 6.33 5.27
CA ALA A 80 1.18 5.42 4.38
C ALA A 80 -0.19 6.00 4.04
N ASP A 81 -0.90 6.41 5.07
CA ASP A 81 -2.23 6.98 4.90
C ASP A 81 -2.10 8.30 4.12
N ASP A 82 -1.10 9.08 4.49
CA ASP A 82 -0.87 10.36 3.84
C ASP A 82 -0.88 10.17 2.33
N ILE A 83 0.01 9.30 1.86
CA ILE A 83 0.12 9.02 0.45
C ILE A 83 -1.19 8.38 -0.04
N HIS A 84 -1.62 7.36 0.68
CA HIS A 84 -2.84 6.66 0.34
C HIS A 84 -3.94 7.68 0.00
N ARG A 85 -4.10 8.63 0.91
CA ARG A 85 -5.11 9.67 0.73
C ARG A 85 -4.91 10.37 -0.61
N SER A 86 -3.76 11.04 -0.72
CA SER A 86 -3.44 11.76 -1.94
C SER A 86 -3.72 10.88 -3.16
N LEU A 87 -3.44 9.59 -3.00
CA LEU A 87 -3.66 8.65 -4.08
C LEU A 87 -5.17 8.43 -4.27
N MET A 88 -5.89 8.46 -3.15
CA MET A 88 -7.33 8.27 -3.19
C MET A 88 -8.03 9.57 -3.56
N VAL A 89 -7.26 10.65 -3.59
CA VAL A 89 -7.81 11.95 -3.94
C VAL A 89 -8.02 12.03 -5.45
N ASP A 90 -6.95 11.73 -6.19
CA ASP A 90 -7.02 11.76 -7.64
C ASP A 90 -7.30 10.35 -8.16
N HIS A 91 -6.31 9.49 -7.99
CA HIS A 91 -6.44 8.11 -8.43
C HIS A 91 -7.35 7.34 -7.47
N VAL A 92 -8.59 7.79 -7.40
CA VAL A 92 -9.57 7.15 -6.53
C VAL A 92 -10.27 6.02 -7.30
N THR A 93 -10.29 6.17 -8.61
CA THR A 93 -10.92 5.17 -9.46
C THR A 93 -9.92 4.06 -9.82
N GLU A 94 -8.66 4.31 -9.46
CA GLU A 94 -7.61 3.35 -9.73
C GLU A 94 -7.33 2.51 -8.49
N VAL A 95 -6.90 3.20 -7.44
CA VAL A 95 -6.58 2.52 -6.19
C VAL A 95 -7.81 1.73 -5.73
N SER A 96 -8.97 2.37 -5.84
CA SER A 96 -10.22 1.74 -5.43
C SER A 96 -10.28 0.32 -5.97
N GLN A 97 -11.15 -0.48 -5.36
CA GLN A 97 -11.32 -1.86 -5.77
C GLN A 97 -10.30 -2.76 -5.07
N TRP A 98 -9.49 -2.13 -4.22
CA TRP A 98 -8.48 -2.85 -3.47
C TRP A 98 -7.96 -1.94 -2.36
N MET A 99 -7.73 -0.69 -2.73
CA MET A 99 -7.24 0.29 -1.78
C MET A 99 -7.82 0.05 -0.39
N VAL A 100 -9.12 -0.25 -0.36
CA VAL A 100 -9.80 -0.50 0.89
C VAL A 100 -8.95 -1.42 1.76
N GLY A 101 -8.49 -2.51 1.15
CA GLY A 101 -7.66 -3.47 1.86
C GLY A 101 -6.44 -2.78 2.46
N VAL A 102 -5.65 -2.16 1.60
CA VAL A 102 -4.45 -1.48 2.03
C VAL A 102 -4.78 -0.58 3.23
N LYS A 103 -5.79 0.25 3.05
CA LYS A 103 -6.21 1.16 4.10
C LYS A 103 -6.21 0.41 5.44
N ARG A 104 -6.84 -0.76 5.42
CA ARG A 104 -6.92 -1.58 6.62
C ARG A 104 -5.55 -2.15 6.97
N LEU A 105 -4.93 -2.76 5.96
CA LEU A 105 -3.61 -3.34 6.14
C LEU A 105 -2.75 -2.42 7.01
N ILE A 106 -2.69 -1.17 6.60
CA ILE A 106 -1.91 -0.18 7.33
C ILE A 106 -2.21 -0.30 8.82
N ALA A 107 -3.43 0.10 9.17
CA ALA A 107 -3.85 0.04 10.56
C ALA A 107 -3.44 -1.31 11.17
N GLU A 108 -3.78 -2.37 10.45
CA GLU A 108 -3.45 -3.71 10.89
C GLU A 108 -1.96 -3.80 11.24
N LYS A 109 -1.15 -3.65 10.20
CA LYS A 109 0.30 -3.71 10.37
C LYS A 109 0.70 -2.88 11.59
N LYS A 110 0.16 -1.67 11.65
CA LYS A 110 0.46 -0.77 12.75
C LYS A 110 0.22 -1.49 14.07
N SER A 111 -0.92 -2.16 14.15
CA SER A 111 -1.28 -2.89 15.35
C SER A 111 -0.13 -3.81 15.77
N LEU A 112 0.18 -4.76 14.89
CA LEU A 112 1.26 -5.70 15.16
C LEU A 112 2.43 -4.95 15.81
N SER A 113 2.85 -3.89 15.14
CA SER A 113 3.96 -3.09 15.63
C SER A 113 3.86 -2.93 17.16
N GLY A 114 2.78 -2.30 17.58
CA GLY A 114 2.54 -2.08 19.00
C GLY A 114 1.17 -1.46 19.24
N PRO A 115 1.16 -0.11 19.38
CA PRO A 115 -0.07 0.62 19.60
C PRO A 115 -0.91 0.71 18.33
N SER A 116 -2.20 0.90 18.52
CA SER A 116 -3.11 1.01 17.40
C SER A 116 -3.87 2.34 17.46
N SER A 117 -4.32 2.79 16.29
CA SER A 117 -5.06 4.04 16.20
C SER A 117 -6.22 4.03 17.19
N GLY A 118 -6.09 4.87 18.21
CA GLY A 118 -7.12 4.97 19.23
C GLY A 118 -6.59 4.54 20.59
N GLY A 1 15.82 13.19 20.78
CA GLY A 1 15.32 14.50 20.42
C GLY A 1 16.43 15.36 19.80
N SER A 2 16.65 15.14 18.51
CA SER A 2 17.68 15.88 17.80
C SER A 2 17.35 15.92 16.30
N SER A 3 17.84 16.96 15.65
CA SER A 3 17.61 17.12 14.22
C SER A 3 18.18 15.94 13.46
N GLY A 4 17.79 15.84 12.20
CA GLY A 4 18.26 14.76 11.35
C GLY A 4 17.63 14.85 9.95
N SER A 5 17.64 13.71 9.26
CA SER A 5 17.08 13.65 7.92
C SER A 5 16.74 12.20 7.56
N SER A 6 15.67 12.05 6.80
CA SER A 6 15.23 10.73 6.38
C SER A 6 15.63 10.48 4.92
N GLY A 7 15.20 11.40 4.07
CA GLY A 7 15.50 11.29 2.65
C GLY A 7 14.44 10.46 1.92
N VAL A 8 14.55 10.45 0.60
CA VAL A 8 13.60 9.70 -0.21
C VAL A 8 14.19 9.53 -1.62
N ILE A 9 14.01 8.32 -2.16
CA ILE A 9 14.51 8.02 -3.48
C ILE A 9 13.45 7.23 -4.25
N GLU A 10 13.19 7.68 -5.47
CA GLU A 10 12.20 7.04 -6.32
C GLU A 10 12.62 7.11 -7.79
N SER A 11 12.79 5.94 -8.38
CA SER A 11 13.19 5.86 -9.77
C SER A 11 12.28 4.89 -10.52
N GLU A 12 12.70 3.63 -10.56
CA GLU A 12 11.92 2.61 -11.24
C GLU A 12 11.41 1.59 -10.24
N THR A 13 10.10 1.65 -10.00
CA THR A 13 9.45 0.74 -9.06
C THR A 13 8.87 -0.45 -9.81
N LEU A 14 9.06 -1.63 -9.22
CA LEU A 14 8.55 -2.86 -9.81
C LEU A 14 7.31 -3.31 -9.05
N ILE A 15 6.49 -4.11 -9.73
CA ILE A 15 5.28 -4.62 -9.13
C ILE A 15 5.63 -5.46 -7.89
N GLU A 16 6.45 -6.46 -8.12
CA GLU A 16 6.88 -7.35 -7.04
C GLU A 16 7.61 -6.54 -5.97
N ASP A 17 7.99 -5.33 -6.33
CA ASP A 17 8.70 -4.46 -5.42
C ASP A 17 7.71 -3.80 -4.47
N VAL A 18 6.54 -3.48 -5.01
CA VAL A 18 5.50 -2.86 -4.22
C VAL A 18 4.62 -3.93 -3.58
N LEU A 19 4.77 -5.15 -4.09
CA LEU A 19 4.01 -6.27 -3.57
C LEU A 19 4.81 -6.95 -2.44
N ARG A 20 6.10 -7.11 -2.70
CA ARG A 20 6.97 -7.74 -1.72
C ARG A 20 6.60 -7.29 -0.31
N PRO A 21 6.54 -5.94 -0.14
CA PRO A 21 6.21 -5.36 1.16
C PRO A 21 4.71 -5.51 1.45
N LEU A 22 3.90 -4.97 0.55
CA LEU A 22 2.46 -5.03 0.70
C LEU A 22 2.06 -6.44 1.13
N GLU A 23 2.81 -7.42 0.63
CA GLU A 23 2.54 -8.81 0.95
C GLU A 23 3.09 -9.14 2.35
N GLN A 24 4.27 -8.62 2.63
CA GLN A 24 4.91 -8.85 3.91
C GLN A 24 3.92 -8.57 5.05
N ALA A 25 2.92 -7.76 4.74
CA ALA A 25 1.91 -7.40 5.72
C ALA A 25 0.91 -8.55 5.85
N LEU A 26 0.35 -8.94 4.72
CA LEU A 26 -0.61 -10.02 4.69
C LEU A 26 -0.11 -11.18 5.56
N GLU A 27 1.07 -11.66 5.20
CA GLU A 27 1.67 -12.76 5.94
C GLU A 27 1.65 -12.48 7.44
N ASP A 28 2.10 -11.29 7.79
CA ASP A 28 2.13 -10.89 9.18
C ASP A 28 0.71 -10.89 9.74
N CYS A 29 -0.24 -10.54 8.90
CA CYS A 29 -1.64 -10.50 9.29
C CYS A 29 -2.15 -11.94 9.35
N HIS A 30 -1.53 -12.79 8.55
CA HIS A 30 -1.91 -14.20 8.50
C HIS A 30 -1.55 -14.87 9.84
N GLY A 31 -0.81 -14.14 10.64
CA GLY A 31 -0.39 -14.65 11.94
C GLY A 31 -0.74 -13.67 13.06
N HIS A 32 -1.82 -12.93 12.83
CA HIS A 32 -2.28 -11.96 13.81
C HIS A 32 -3.73 -11.58 13.52
N THR A 33 -4.00 -11.35 12.24
CA THR A 33 -5.34 -10.97 11.81
C THR A 33 -6.18 -12.23 11.55
N LYS A 34 -7.47 -12.10 11.81
CA LYS A 34 -8.39 -13.20 11.61
C LYS A 34 -8.20 -13.77 10.20
N LYS A 35 -9.01 -14.77 9.88
CA LYS A 35 -8.95 -15.40 8.58
C LYS A 35 -9.76 -14.58 7.57
N GLN A 36 -11.06 -14.54 7.80
CA GLN A 36 -11.95 -13.79 6.93
C GLN A 36 -11.28 -12.50 6.46
N VAL A 37 -10.80 -11.74 7.43
CA VAL A 37 -10.13 -10.48 7.14
C VAL A 37 -9.12 -10.69 6.02
N CYS A 38 -8.13 -11.52 6.30
CA CYS A 38 -7.10 -11.82 5.32
C CYS A 38 -7.77 -12.03 3.97
N ASP A 39 -8.59 -13.07 3.90
CA ASP A 39 -9.29 -13.40 2.68
C ASP A 39 -9.77 -12.10 2.01
N ASP A 40 -10.14 -11.15 2.84
CA ASP A 40 -10.61 -9.86 2.36
C ASP A 40 -9.43 -9.06 1.81
N ILE A 41 -8.53 -8.70 2.71
CA ILE A 41 -7.36 -7.94 2.34
C ILE A 41 -6.71 -8.58 1.11
N SER A 42 -6.29 -9.83 1.28
CA SER A 42 -5.66 -10.57 0.20
C SER A 42 -6.47 -10.39 -1.09
N ARG A 43 -7.74 -10.74 -1.00
CA ARG A 43 -8.63 -10.63 -2.15
C ARG A 43 -8.36 -9.34 -2.91
N ARG A 44 -8.06 -8.29 -2.15
CA ARG A 44 -7.78 -6.99 -2.74
C ARG A 44 -6.41 -7.00 -3.42
N LEU A 45 -5.43 -7.50 -2.69
CA LEU A 45 -4.07 -7.57 -3.20
C LEU A 45 -4.09 -8.26 -4.57
N ALA A 46 -4.69 -9.43 -4.61
CA ALA A 46 -4.79 -10.19 -5.84
C ALA A 46 -5.14 -9.25 -6.99
N LEU A 47 -6.03 -8.32 -6.71
CA LEU A 47 -6.46 -7.35 -7.70
C LEU A 47 -5.33 -6.33 -7.92
N LEU A 48 -4.86 -5.78 -6.82
CA LEU A 48 -3.80 -4.79 -6.88
C LEU A 48 -2.75 -5.24 -7.90
N ARG A 49 -2.27 -6.46 -7.71
CA ARG A 49 -1.27 -7.02 -8.61
C ARG A 49 -1.82 -7.11 -10.03
N GLU A 50 -3.00 -7.70 -10.14
CA GLU A 50 -3.64 -7.85 -11.44
C GLU A 50 -3.73 -6.50 -12.15
N GLN A 51 -4.20 -5.51 -11.41
CA GLN A 51 -4.33 -4.17 -11.95
C GLN A 51 -2.96 -3.58 -12.28
N TRP A 52 -2.00 -3.89 -11.43
CA TRP A 52 -0.64 -3.40 -11.62
C TRP A 52 -0.09 -4.04 -12.90
N ALA A 53 0.01 -5.36 -12.86
CA ALA A 53 0.52 -6.11 -14.00
C ALA A 53 -0.35 -5.83 -15.23
N GLY A 54 -1.64 -6.15 -15.08
CA GLY A 54 -2.58 -5.93 -16.15
C GLY A 54 -2.26 -4.65 -16.93
N GLY A 55 -1.80 -3.66 -16.19
CA GLY A 55 -1.46 -2.38 -16.79
C GLY A 55 -2.62 -1.40 -16.69
N LYS A 56 -3.43 -1.58 -15.66
CA LYS A 56 -4.58 -0.71 -15.44
C LYS A 56 -4.19 0.41 -14.49
N LEU A 57 -3.07 0.22 -13.82
CA LEU A 57 -2.58 1.22 -12.87
C LEU A 57 -1.80 2.29 -13.64
N SER A 58 -1.82 3.49 -13.07
CA SER A 58 -1.12 4.61 -13.69
C SER A 58 0.34 4.64 -13.22
N ILE A 59 1.18 5.27 -14.02
CA ILE A 59 2.59 5.38 -13.71
C ILE A 59 2.75 6.12 -12.38
N PRO A 60 1.99 7.25 -12.25
CA PRO A 60 2.05 8.05 -11.04
C PRO A 60 1.30 7.38 -9.90
N VAL A 61 0.70 6.23 -10.22
CA VAL A 61 -0.05 5.48 -9.22
C VAL A 61 0.88 4.47 -8.55
N LYS A 62 1.94 4.12 -9.27
CA LYS A 62 2.91 3.17 -8.76
C LYS A 62 4.02 3.91 -8.01
N LYS A 63 4.43 5.02 -8.60
CA LYS A 63 5.48 5.84 -8.01
C LYS A 63 5.00 6.37 -6.65
N ARG A 64 3.71 6.64 -6.59
CA ARG A 64 3.12 7.16 -5.36
C ARG A 64 2.96 6.04 -4.34
N MET A 65 2.52 4.88 -4.82
CA MET A 65 2.33 3.73 -3.96
C MET A 65 3.61 3.39 -3.21
N ALA A 66 4.65 3.09 -3.99
CA ALA A 66 5.94 2.74 -3.40
C ALA A 66 6.20 3.63 -2.18
N LEU A 67 5.76 4.88 -2.30
CA LEU A 67 5.95 5.83 -1.22
C LEU A 67 5.29 5.29 0.05
N LEU A 68 3.98 5.10 -0.03
CA LEU A 68 3.23 4.60 1.11
C LEU A 68 3.88 3.32 1.61
N VAL A 69 4.32 2.50 0.67
CA VAL A 69 4.97 1.25 1.01
C VAL A 69 6.24 1.53 1.83
N GLN A 70 7.18 2.21 1.20
CA GLN A 70 8.42 2.56 1.86
C GLN A 70 8.16 2.96 3.31
N GLU A 71 7.11 3.76 3.48
CA GLU A 71 6.73 4.22 4.81
C GLU A 71 6.30 3.05 5.69
N LEU A 72 5.33 2.31 5.18
CA LEU A 72 4.81 1.15 5.90
C LEU A 72 5.98 0.26 6.33
N LEU A 73 7.01 0.27 5.52
CA LEU A 73 8.20 -0.53 5.80
C LEU A 73 8.89 0.00 7.06
N HIS A 74 8.99 1.33 7.11
CA HIS A 74 9.62 1.99 8.25
C HIS A 74 8.61 2.11 9.40
N HIS A 75 7.39 1.66 9.13
CA HIS A 75 6.33 1.71 10.12
C HIS A 75 5.64 3.08 10.05
N GLN A 76 6.15 3.92 9.15
CA GLN A 76 5.58 5.24 8.97
C GLN A 76 4.15 5.15 8.44
N TRP A 77 3.25 4.72 9.30
CA TRP A 77 1.86 4.58 8.92
C TRP A 77 1.32 5.98 8.58
N ASP A 78 1.59 6.91 9.48
CA ASP A 78 1.14 8.28 9.29
C ASP A 78 1.43 8.72 7.85
N ALA A 79 2.62 8.35 7.39
CA ALA A 79 3.04 8.70 6.04
C ALA A 79 2.23 7.86 5.04
N ALA A 80 2.22 6.56 5.29
CA ALA A 80 1.51 5.64 4.42
C ALA A 80 0.13 6.22 4.09
N ASP A 81 -0.56 6.62 5.15
CA ASP A 81 -1.89 7.20 4.99
C ASP A 81 -1.79 8.50 4.18
N ASP A 82 -0.78 9.28 4.49
CA ASP A 82 -0.55 10.54 3.80
C ASP A 82 -0.59 10.30 2.29
N ILE A 83 0.30 9.41 1.85
CA ILE A 83 0.38 9.09 0.44
C ILE A 83 -0.93 8.43 -0.02
N HIS A 84 -1.36 7.46 0.77
CA HIS A 84 -2.60 6.75 0.47
C HIS A 84 -3.71 7.75 0.16
N ARG A 85 -3.70 8.84 0.92
CA ARG A 85 -4.70 9.89 0.73
C ARG A 85 -4.50 10.57 -0.61
N SER A 86 -3.29 11.07 -0.83
CA SER A 86 -2.97 11.74 -2.08
C SER A 86 -3.47 10.92 -3.26
N LEU A 87 -3.41 9.61 -3.10
CA LEU A 87 -3.84 8.70 -4.14
C LEU A 87 -5.37 8.69 -4.20
N MET A 88 -5.98 8.66 -3.03
CA MET A 88 -7.43 8.65 -2.93
C MET A 88 -8.02 9.97 -3.43
N VAL A 89 -7.13 10.92 -3.69
CA VAL A 89 -7.55 12.22 -4.17
C VAL A 89 -7.82 12.15 -5.67
N ASP A 90 -6.76 11.85 -6.41
CA ASP A 90 -6.88 11.74 -7.86
C ASP A 90 -7.09 10.27 -8.24
N HIS A 91 -6.04 9.49 -8.06
CA HIS A 91 -6.10 8.07 -8.38
C HIS A 91 -6.85 7.33 -7.28
N VAL A 92 -8.11 7.71 -7.11
CA VAL A 92 -8.94 7.08 -6.10
C VAL A 92 -9.55 5.79 -6.66
N THR A 93 -10.17 5.94 -7.83
CA THR A 93 -10.79 4.80 -8.49
C THR A 93 -9.74 3.77 -8.90
N GLU A 94 -8.59 4.30 -9.30
CA GLU A 94 -7.48 3.44 -9.72
C GLU A 94 -7.06 2.51 -8.58
N VAL A 95 -6.93 3.09 -7.41
CA VAL A 95 -6.53 2.33 -6.23
C VAL A 95 -7.75 1.59 -5.68
N SER A 96 -8.91 2.14 -5.97
CA SER A 96 -10.16 1.54 -5.51
C SER A 96 -10.24 0.08 -5.95
N GLN A 97 -11.27 -0.60 -5.47
CA GLN A 97 -11.47 -2.00 -5.81
C GLN A 97 -10.45 -2.87 -5.07
N TRP A 98 -9.63 -2.21 -4.26
CA TRP A 98 -8.61 -2.91 -3.50
C TRP A 98 -8.09 -1.95 -2.43
N MET A 99 -7.86 -0.72 -2.85
CA MET A 99 -7.35 0.30 -1.95
C MET A 99 -7.97 0.15 -0.55
N VAL A 100 -9.22 -0.28 -0.54
CA VAL A 100 -9.94 -0.46 0.70
C VAL A 100 -9.12 -1.36 1.64
N GLY A 101 -8.64 -2.46 1.07
CA GLY A 101 -7.83 -3.40 1.83
C GLY A 101 -6.61 -2.72 2.44
N VAL A 102 -5.75 -2.22 1.54
CA VAL A 102 -4.54 -1.54 1.97
C VAL A 102 -4.85 -0.65 3.17
N LYS A 103 -5.91 0.13 3.03
CA LYS A 103 -6.32 1.04 4.08
C LYS A 103 -6.39 0.26 5.41
N ARG A 104 -7.07 -0.87 5.36
CA ARG A 104 -7.21 -1.71 6.54
C ARG A 104 -5.84 -2.29 6.95
N LEU A 105 -5.15 -2.82 5.96
CA LEU A 105 -3.84 -3.41 6.20
C LEU A 105 -3.01 -2.47 7.08
N ILE A 106 -2.96 -1.21 6.67
CA ILE A 106 -2.22 -0.21 7.40
C ILE A 106 -2.61 -0.28 8.88
N ALA A 107 -3.88 0.01 9.15
CA ALA A 107 -4.38 -0.02 10.51
C ALA A 107 -3.84 -1.27 11.22
N GLU A 108 -4.23 -2.41 10.71
CA GLU A 108 -3.79 -3.68 11.28
C GLU A 108 -2.29 -3.65 11.54
N LYS A 109 -1.54 -3.46 10.46
CA LYS A 109 -0.09 -3.41 10.55
C LYS A 109 0.31 -2.54 11.75
N LYS A 110 -0.13 -1.29 11.70
CA LYS A 110 0.17 -0.35 12.76
C LYS A 110 -0.17 -0.98 14.11
N SER A 111 -1.38 -1.52 14.18
CA SER A 111 -1.85 -2.16 15.39
C SER A 111 -0.84 -3.22 15.85
N LEU A 112 -0.50 -4.10 14.91
CA LEU A 112 0.45 -5.17 15.20
C LEU A 112 1.61 -4.61 16.01
N SER A 113 2.34 -3.70 15.37
CA SER A 113 3.49 -3.08 16.02
C SER A 113 3.08 -2.52 17.38
N GLY A 114 1.93 -1.87 17.41
CA GLY A 114 1.42 -1.28 18.64
C GLY A 114 2.38 -0.22 19.18
N PRO A 115 2.33 0.98 18.55
CA PRO A 115 3.19 2.08 18.96
C PRO A 115 2.70 2.70 20.27
N SER A 116 3.51 2.54 21.30
CA SER A 116 3.15 3.08 22.61
C SER A 116 4.27 4.02 23.10
N SER A 117 4.05 5.31 22.88
CA SER A 117 5.02 6.32 23.29
C SER A 117 6.34 6.10 22.54
N GLY A 118 6.79 7.16 21.89
CA GLY A 118 8.04 7.10 21.15
C GLY A 118 8.04 8.13 20.01
#